data_5F38
#
_entry.id   5F38
#
_cell.length_a   73.794
_cell.length_b   76.254
_cell.length_c   266.607
_cell.angle_alpha   90.00
_cell.angle_beta   90.00
_cell.angle_gamma   90.00
#
_symmetry.space_group_name_H-M   'P 21 21 21'
#
loop_
_entity.id
_entity.type
_entity.pdbx_description
1 polymer 'Acetyl-CoA acetyltransferase'
2 polymer 'Acetyl-CoA acetyltransferase'
3 polymer 'Acetyl-CoA acetyltransferase'
4 polymer 'Acetyl-CoA acetyltransferase'
5 non-polymer 'COENZYME A'
6 non-polymer 1,2-ETHANEDIOL
7 non-polymer '[(3~{S})-2,2-dimethyl-3-oxidanyl-4-oxidanylidene-4-[[3-oxidanylidene-3-(2-sulfanylethylamino)propyl]amino]butyl] phosphono hydrogen phosphate'
8 water water
#
loop_
_entity_poly.entity_id
_entity_poly.type
_entity_poly.pdbx_seq_one_letter_code
_entity_poly.pdbx_strand_id
1 'polypeptide(L)'
;MKNCVIVSAVRTAIGSFNGSLASTSAIDLGATVIKAAIERAKIDSQHVDEVIMGNVLQAGLGQNPARQALLKSGLAETVC
GFTVN(MLY)V(CSX)GSGLKSVALAAQAIQAGQAQSIVAGGMENMSLAPYLLDAKARSGYRLGDGQVYDVILRDGLMCA
THGYHMGITAENVAKEYGITREMQDELALHSQRKAAAAIESGAFTAEIVPVNVVTRKKTFVFSQDEFPKANSTAEALGAL
RPAFDKAGTVTAGNASGINDGAAALVIMEESAALAAGLTPLARIKSYASGGVPPALMGMGPVPATQKALQLAGLQLADID
LIEANEAFAAQFLAVGKNLGFDSEKVNVNGGAIALGHPIGASGARILVTLLHAMQARDKTLGLATLCIGGGQGIAMVIER
L
;
B
2 'polypeptide(L)'
;MKNCVIVSAVRTAIGSFNGSLASTSAIDLGATVIKAAIERAKIDSQHVDEVIMGNVLQAGLGQNPARQALLKSGLAETVC
GFTVN(MLY)V(CSX)GSGLKSVALAAQAIQAGQAQSIVAGGMENMSLAPYLLDAKARSGYRLGDGQVYDVILRDGLMCA
THGYHMGITAENVAKEYGITREMQDELALHSQRKAAAAIESGAFTAEIVPVNVVTRKKTFVFSQDEFPKANSTAEALGAL
RPAFDKAGTVTAGNASGINDGAAALVIMEESAALAAGLTPLARIKSYASGGVPPALMGMGPVPATQKALQLAGLQLADID
LIEANEAFAAQFLAVGKNLGFDSEKVNVNGGAIALGHPIGASGARILVTLLHAMQARDKTLGLATLCIGGGQGIAMVIER
LN
;
A
3 'polypeptide(L)'
;ASMKNCVIVSAVRTAIGSFNGSLASTSAIDLGATVIKAAIERAKIDSQHVDEVIMGNVLQAGLGQNPARQALLKSGLAET
VCGFTVN(MLY)V(CSX)GSGLKSVALAAQAIQAGQAQSIVAGGMENMSLAPYLLDAKARSGYRLGDGQVYDVILRDGLM
CATHGYHMGITAENVAKEYGITREMQDELALHSQRKAAAAIESGAFTAEIVPVNVVTRKKTFVFSQDEFPKANSTAEALG
ALRPAFDKAGTVTAGNASGINDGAAALVIMEESAALAAGLTPLARIKSYASGGVPPALMGMGPVPATQKALQLAGLQLAD
IDLIEANEAFAAQFLAVGKNLGFDSEKVNVNGGAIALGHPIGASGARILVTLLHAMQARDKTLGLATLCIGGGQGIAMVI
ER
;
D
4 'polypeptide(L)'
;ASMKNCVIVSAVRTAIGSFNGSLASTSAIDLGATVIKAAIERAKIDSQHVDEVIMGNVLQAGLGQNPARQALLKSGLAET
VCGFTVN(MLY)V(CSX)GSGLKSVALAAQAIQAGQAQSIVAGGMENMSLAPYLLDAKARSGYRLGDGQVYDVILRDGLM
CATHGYHMGITAENVAKEYGITREMQDELALHSQRKAAAAIESGAFTAEIVPVNVVTRKKTFVFSQDEFPKANSTAEALG
ALRPAFDKAGTVTAGNASGINDGAAALVIMEESAALAAGLTPLARIKSYASGGVPPALMGMGPVPATQKALQLAGLQLAD
IDLIEANEAFAAQFLAVGKNLGFDSEKVNVNGGAIALGHPIGASGARILVTLLHAMQARDKTLGLATLCIGGGQGIAMVI
ERL
;
C
#
# COMPACT_ATOMS: atom_id res chain seq x y z
N MET A 1 0.29 25.02 47.17
CA MET A 1 1.20 24.56 46.06
C MET A 1 2.29 23.73 46.67
N LYS A 2 2.55 22.56 46.09
CA LYS A 2 3.51 21.63 46.64
C LYS A 2 4.77 21.67 45.80
N ASN A 3 5.89 21.19 46.38
CA ASN A 3 7.16 21.08 45.66
C ASN A 3 7.24 19.69 44.97
N CYS A 4 7.83 19.68 43.78
CA CYS A 4 7.95 18.47 43.01
C CYS A 4 9.47 18.12 42.87
N VAL A 5 9.83 16.87 43.10
CA VAL A 5 11.24 16.36 42.89
C VAL A 5 11.35 15.21 41.92
N ILE A 6 12.49 15.16 41.21
CA ILE A 6 12.82 14.06 40.37
C ILE A 6 13.47 13.03 41.26
N VAL A 7 13.00 11.78 41.17
CA VAL A 7 13.55 10.68 41.98
C VAL A 7 14.34 9.64 41.20
N SER A 8 14.10 9.59 39.89
CA SER A 8 14.95 8.79 38.99
C SER A 8 14.88 9.40 37.60
N ALA A 9 15.87 9.04 36.77
CA ALA A 9 15.92 9.54 35.44
C ALA A 9 16.67 8.57 34.56
N VAL A 10 16.05 8.07 33.51
CA VAL A 10 16.69 7.00 32.77
C VAL A 10 16.27 7.12 31.33
N ARG A 11 17.11 6.60 30.44
CA ARG A 11 16.81 6.60 29.02
C ARG A 11 17.36 5.33 28.37
N THR A 12 16.84 4.98 27.21
CA THR A 12 17.54 4.05 26.38
C THR A 12 18.67 4.80 25.69
N ALA A 13 19.70 4.06 25.28
CA ALA A 13 20.53 4.54 24.19
C ALA A 13 19.67 4.90 22.97
N ILE A 14 20.17 5.82 22.16
CA ILE A 14 19.44 6.26 20.99
C ILE A 14 19.88 5.46 19.76
N GLY A 15 18.89 4.86 19.11
CA GLY A 15 19.09 4.10 17.89
C GLY A 15 19.12 4.97 16.64
N SER A 16 19.90 4.55 15.66
CA SER A 16 19.92 5.17 14.38
C SER A 16 18.74 4.71 13.57
N PHE A 17 18.39 5.49 12.59
CA PHE A 17 17.27 5.12 11.62
C PHE A 17 17.58 3.75 11.00
N ASN A 18 16.66 2.80 11.12
CA ASN A 18 16.80 1.43 10.69
C ASN A 18 17.95 0.72 11.37
N GLY A 19 18.32 1.17 12.56
CA GLY A 19 19.45 0.65 13.31
C GLY A 19 19.02 -0.35 14.36
N SER A 20 19.71 -0.33 15.51
CA SER A 20 19.59 -1.37 16.53
C SER A 20 18.23 -1.47 17.22
N LEU A 21 17.50 -0.36 17.30
CA LEU A 21 16.15 -0.35 17.91
C LEU A 21 15.04 -0.40 16.92
N ALA A 22 15.40 -0.60 15.64
CA ALA A 22 14.39 -0.53 14.58
C ALA A 22 13.38 -1.65 14.61
N SER A 23 13.58 -2.66 15.43
CA SER A 23 12.56 -3.72 15.58
C SER A 23 11.82 -3.63 16.92
N THR A 24 12.18 -2.66 17.75
CA THR A 24 11.55 -2.46 19.07
C THR A 24 10.58 -1.28 19.12
N SER A 25 9.29 -1.58 19.27
CA SER A 25 8.22 -0.56 19.17
C SER A 25 8.42 0.56 20.19
N ALA A 26 7.94 1.75 19.82
CA ALA A 26 7.99 2.91 20.69
C ALA A 26 7.45 2.57 22.01
N ILE A 27 6.33 1.87 22.00
CA ILE A 27 5.66 1.45 23.24
C ILE A 27 6.49 0.49 24.07
N ASP A 28 7.19 -0.44 23.43
CA ASP A 28 8.09 -1.31 24.17
C ASP A 28 9.28 -0.58 24.75
N LEU A 29 9.78 0.42 24.01
CA LEU A 29 10.82 1.27 24.50
C LEU A 29 10.35 2.11 25.69
N GLY A 30 9.15 2.67 25.56
CA GLY A 30 8.50 3.35 26.68
C GLY A 30 8.40 2.45 27.89
N ALA A 31 7.90 1.24 27.70
CA ALA A 31 7.70 0.32 28.85
C ALA A 31 9.02 0.04 29.58
N THR A 32 10.10 -0.16 28.80
CA THR A 32 11.43 -0.40 29.34
C THR A 32 11.88 0.72 30.24
N VAL A 33 11.67 1.98 29.81
CA VAL A 33 12.13 3.08 30.59
C VAL A 33 11.22 3.35 31.78
N ILE A 34 9.90 3.15 31.63
CA ILE A 34 8.98 3.27 32.77
C ILE A 34 9.36 2.26 33.86
N LYS A 35 9.60 0.99 33.47
CA LYS A 35 9.97 -0.04 34.43
C LYS A 35 11.29 0.34 35.13
N ALA A 36 12.27 0.76 34.33
CA ALA A 36 13.57 1.12 34.86
C ALA A 36 13.55 2.34 35.77
N ALA A 37 12.73 3.35 35.43
CA ALA A 37 12.61 4.55 36.26
C ALA A 37 12.01 4.17 37.63
N ILE A 38 11.02 3.29 37.59
CA ILE A 38 10.41 2.81 38.80
C ILE A 38 11.42 2.06 39.68
N GLU A 39 12.12 1.12 39.05
CA GLU A 39 13.15 0.36 39.76
C GLU A 39 14.22 1.25 40.38
N ARG A 40 14.77 2.16 39.57
CA ARG A 40 15.83 3.06 40.04
C ARG A 40 15.40 4.01 41.11
N ALA A 41 14.13 4.39 41.11
CA ALA A 41 13.60 5.28 42.15
C ALA A 41 13.39 4.59 43.47
N LYS A 42 13.28 3.26 43.44
CA LYS A 42 12.96 2.44 44.63
C LYS A 42 11.57 2.72 45.18
N ILE A 43 10.67 3.24 44.34
CA ILE A 43 9.31 3.51 44.77
C ILE A 43 8.52 2.21 44.78
N ASP A 44 7.51 2.12 45.61
CA ASP A 44 6.60 1.01 45.55
C ASP A 44 5.79 1.20 44.27
N SER A 45 5.85 0.26 43.34
CA SER A 45 5.14 0.44 42.08
C SER A 45 3.64 0.60 42.27
N GLN A 46 3.09 0.09 43.36
CA GLN A 46 1.66 0.24 43.59
C GLN A 46 1.29 1.68 43.91
N HIS A 47 2.27 2.55 44.08
CA HIS A 47 2.00 3.93 44.47
C HIS A 47 2.08 4.91 43.30
N VAL A 48 2.31 4.40 42.09
CA VAL A 48 2.29 5.25 40.93
C VAL A 48 0.85 5.72 40.62
N ASP A 49 0.66 7.02 40.57
CA ASP A 49 -0.67 7.62 40.28
C ASP A 49 -0.99 7.80 38.80
N GLU A 50 0.01 7.98 37.95
CA GLU A 50 -0.21 8.22 36.54
C GLU A 50 1.10 8.05 35.77
N VAL A 51 0.93 7.74 34.48
CA VAL A 51 1.97 7.74 33.50
C VAL A 51 1.62 8.71 32.38
N ILE A 52 2.56 9.57 32.04
CA ILE A 52 2.40 10.60 31.03
C ILE A 52 3.55 10.52 30.06
N MET A 53 3.28 10.11 28.82
CA MET A 53 4.35 9.91 27.81
C MET A 53 4.14 10.67 26.52
N GLY A 54 5.21 11.34 26.09
CA GLY A 54 5.24 12.05 24.80
C GLY A 54 5.40 11.00 23.70
N ASN A 55 4.76 11.27 22.57
CA ASN A 55 4.87 10.40 21.34
C ASN A 55 4.22 11.21 20.22
N VAL A 56 4.99 11.52 19.17
CA VAL A 56 4.57 12.34 18.10
C VAL A 56 3.95 11.52 16.91
N LEU A 57 4.58 10.44 16.52
CA LEU A 57 4.10 9.60 15.41
C LEU A 57 3.26 8.45 16.00
N GLN A 58 2.03 8.80 16.40
CA GLN A 58 1.10 7.89 17.02
C GLN A 58 0.37 7.04 15.99
N ALA A 59 0.45 7.42 14.71
CA ALA A 59 -0.22 6.69 13.63
C ALA A 59 0.04 5.18 13.70
N GLY A 60 -1.08 4.46 13.88
CA GLY A 60 -1.06 3.01 13.85
C GLY A 60 -0.55 2.34 15.09
N LEU A 61 -0.24 3.12 16.11
CA LEU A 61 0.35 2.56 17.30
C LEU A 61 -0.71 2.03 18.27
N GLY A 62 -1.98 2.23 17.95
CA GLY A 62 -3.07 1.75 18.80
C GLY A 62 -3.50 2.75 19.85
N GLN A 63 -4.66 2.48 20.50
CA GLN A 63 -5.21 3.36 21.51
C GLN A 63 -4.21 3.82 22.55
N ASN A 64 -4.03 5.14 22.67
CA ASN A 64 -3.31 5.79 23.74
C ASN A 64 -1.99 5.08 24.05
N PRO A 65 -0.99 5.26 23.17
CA PRO A 65 0.33 4.67 23.40
C PRO A 65 0.87 4.69 24.85
N ALA A 66 0.75 5.78 25.59
CA ALA A 66 1.19 5.82 26.94
C ALA A 66 0.58 4.77 27.85
N ARG A 67 -0.73 4.49 27.70
CA ARG A 67 -1.40 3.49 28.51
C ARG A 67 -0.93 2.08 28.14
N GLN A 68 -0.69 1.87 26.87
CA GLN A 68 -0.11 0.62 26.41
C GLN A 68 1.27 0.43 27.03
N ALA A 69 2.06 1.50 27.03
CA ALA A 69 3.43 1.41 27.60
C ALA A 69 3.39 1.13 29.08
N LEU A 70 2.51 1.82 29.80
CA LEU A 70 2.43 1.55 31.23
C LEU A 70 1.99 0.12 31.53
N LEU A 71 1.05 -0.41 30.76
CA LEU A 71 0.57 -1.76 31.02
C LEU A 71 1.74 -2.71 30.74
N LYS A 72 2.45 -2.48 29.64
CA LYS A 72 3.58 -3.37 29.25
C LYS A 72 4.71 -3.31 30.30
N SER A 73 4.84 -2.19 31.01
CA SER A 73 5.83 -2.03 32.04
C SER A 73 5.56 -2.85 33.32
N GLY A 74 4.35 -3.37 33.46
CA GLY A 74 3.94 -4.14 34.63
C GLY A 74 3.13 -3.37 35.65
N LEU A 75 2.76 -2.13 35.35
CA LEU A 75 1.92 -1.39 36.30
C LEU A 75 0.47 -1.91 36.28
N ALA A 76 -0.24 -1.74 37.40
CA ALA A 76 -1.61 -2.26 37.50
C ALA A 76 -2.54 -1.51 36.56
N GLU A 77 -3.61 -2.18 36.17
CA GLU A 77 -4.62 -1.61 35.26
C GLU A 77 -5.38 -0.42 35.88
N THR A 78 -5.29 -0.24 37.20
CA THR A 78 -5.80 0.97 37.88
C THR A 78 -4.96 2.22 37.67
N VAL A 79 -3.75 2.07 37.13
CA VAL A 79 -2.87 3.19 36.92
C VAL A 79 -3.18 3.85 35.56
N CYS A 80 -3.60 5.11 35.62
CA CYS A 80 -4.00 5.85 34.47
C CYS A 80 -2.85 6.38 33.69
N GLY A 81 -3.13 6.67 32.45
CA GLY A 81 -2.12 7.34 31.63
C GLY A 81 -2.67 7.98 30.43
N PHE A 82 -1.86 8.86 29.83
CA PHE A 82 -2.25 9.54 28.59
C PHE A 82 -1.01 9.99 27.84
N THR A 83 -1.22 10.19 26.55
CA THR A 83 -0.15 10.47 25.62
C THR A 83 -0.21 11.92 25.22
N VAL A 84 0.95 12.52 25.16
CA VAL A 84 1.09 13.96 24.92
C VAL A 84 1.78 14.25 23.60
N ASN A 85 1.22 15.17 22.82
CA ASN A 85 1.88 15.58 21.56
C ASN A 85 2.08 17.07 21.55
N VAL A 87 4.91 17.98 19.56
CA VAL A 87 6.01 17.64 18.61
C VAL A 87 7.31 17.35 19.40
N GLY A 89 8.67 18.90 21.61
CA GLY A 89 8.56 19.28 23.04
C GLY A 89 7.93 18.21 23.91
N SER A 90 7.43 17.15 23.29
CA SER A 90 6.42 16.24 23.95
C SER A 90 6.95 15.59 25.20
N GLY A 91 8.21 15.15 25.10
CA GLY A 91 8.80 14.46 26.23
C GLY A 91 9.06 15.35 27.42
N LEU A 92 9.41 16.61 27.17
CA LEU A 92 9.61 17.54 28.31
C LEU A 92 8.26 18.04 28.82
N LYS A 93 7.30 18.24 27.91
CA LYS A 93 5.97 18.69 28.30
C LYS A 93 5.35 17.66 29.22
N SER A 94 5.63 16.38 28.96
CA SER A 94 5.08 15.32 29.81
C SER A 94 5.59 15.41 31.22
N VAL A 95 6.87 15.76 31.37
CA VAL A 95 7.43 15.98 32.73
C VAL A 95 6.85 17.24 33.37
N ALA A 96 6.66 18.30 32.58
CA ALA A 96 6.11 19.55 33.11
C ALA A 96 4.69 19.35 33.61
N LEU A 97 3.92 18.58 32.87
CA LEU A 97 2.59 18.18 33.30
C LEU A 97 2.57 17.31 34.52
N ALA A 98 3.55 16.42 34.63
CA ALA A 98 3.65 15.60 35.85
C ALA A 98 3.90 16.52 37.04
N ALA A 99 4.85 17.44 36.89
CA ALA A 99 5.16 18.38 37.98
C ALA A 99 3.96 19.22 38.36
N GLN A 100 3.27 19.72 37.36
CA GLN A 100 2.08 20.53 37.60
C GLN A 100 1.00 19.79 38.39
N ALA A 101 0.75 18.54 38.03
CA ALA A 101 -0.23 17.75 38.73
C ALA A 101 0.16 17.59 40.18
N ILE A 102 1.44 17.38 40.44
CA ILE A 102 1.97 17.19 41.79
C ILE A 102 1.91 18.52 42.56
N GLN A 103 2.28 19.63 41.90
CA GLN A 103 2.22 20.95 42.51
C GLN A 103 0.80 21.31 42.92
N ALA A 104 -0.14 20.98 42.06
CA ALA A 104 -1.56 21.16 42.32
C ALA A 104 -2.21 20.15 43.29
N GLY A 105 -1.42 19.25 43.88
CA GLY A 105 -1.93 18.24 44.78
C GLY A 105 -2.92 17.24 44.18
N GLN A 106 -2.85 17.03 42.85
CA GLN A 106 -3.74 16.06 42.21
C GLN A 106 -3.08 14.68 42.16
N ALA A 107 -1.78 14.58 42.41
CA ALA A 107 -1.09 13.30 42.39
C ALA A 107 0.14 13.43 43.30
N GLN A 108 0.70 12.29 43.69
CA GLN A 108 1.92 12.25 44.45
C GLN A 108 3.09 11.65 43.70
N SER A 109 2.84 10.72 42.78
CA SER A 109 3.94 9.99 42.09
C SER A 109 3.53 9.69 40.66
N ILE A 110 4.28 10.23 39.72
CA ILE A 110 3.98 10.10 38.31
C ILE A 110 5.26 9.67 37.59
N VAL A 111 5.11 8.79 36.61
CA VAL A 111 6.21 8.53 35.70
C VAL A 111 5.93 9.25 34.42
N ALA A 112 6.91 10.06 33.99
CA ALA A 112 6.75 10.87 32.80
C ALA A 112 8.01 10.86 31.93
N GLY A 113 7.78 11.02 30.66
CA GLY A 113 8.81 11.11 29.70
C GLY A 113 8.29 11.00 28.30
N GLY A 114 8.99 10.28 27.45
CA GLY A 114 8.55 10.15 26.05
C GLY A 114 9.27 9.01 25.33
N MET A 115 8.74 8.69 24.17
CA MET A 115 9.09 7.50 23.45
C MET A 115 8.81 7.73 21.97
N GLU A 116 9.72 7.32 21.11
CA GLU A 116 9.52 7.45 19.70
C GLU A 116 10.28 6.39 18.93
N ASN A 117 9.63 5.76 17.97
CA ASN A 117 10.38 4.90 17.06
C ASN A 117 10.09 5.37 15.66
N MET A 118 10.97 6.21 15.17
CA MET A 118 10.84 6.79 13.86
C MET A 118 11.10 5.74 12.76
N SER A 119 11.95 4.76 13.04
CA SER A 119 12.18 3.64 12.07
C SER A 119 10.92 2.86 11.72
N LEU A 120 10.01 2.74 12.69
CA LEU A 120 8.80 1.95 12.56
C LEU A 120 7.61 2.82 12.26
N ALA A 121 7.81 4.09 11.95
CA ALA A 121 6.67 4.92 11.52
C ALA A 121 6.11 4.35 10.20
N PRO A 122 4.79 4.38 10.07
CA PRO A 122 4.15 3.81 8.90
C PRO A 122 4.04 4.79 7.75
N TYR A 123 3.40 4.31 6.69
CA TYR A 123 3.07 5.11 5.55
C TYR A 123 1.55 5.22 5.55
N LEU A 124 1.00 6.30 4.99
CA LEU A 124 -0.44 6.51 4.89
C LEU A 124 -0.96 6.57 3.50
N LEU A 125 -2.08 5.87 3.33
CA LEU A 125 -2.98 6.13 2.25
C LEU A 125 -3.98 7.15 2.84
N ASP A 126 -4.25 8.21 2.12
CA ASP A 126 -5.19 9.19 2.66
C ASP A 126 -6.65 8.65 2.62
N ALA A 127 -7.59 9.50 2.99
CA ALA A 127 -8.99 9.15 3.00
C ALA A 127 -9.56 8.70 1.67
N LYS A 128 -8.98 9.10 0.56
CA LYS A 128 -9.41 8.60 -0.76
C LYS A 128 -9.42 7.06 -0.87
N ALA A 129 -8.55 6.43 -0.11
CA ALA A 129 -8.56 4.96 0.01
C ALA A 129 -9.89 4.45 0.64
N ARG A 130 -10.47 5.22 1.54
CA ARG A 130 -11.74 4.84 2.21
C ARG A 130 -12.95 5.00 1.30
N SER A 131 -12.96 6.08 0.50
CA SER A 131 -14.07 6.34 -0.43
C SER A 131 -13.86 5.74 -1.79
N GLY A 132 -12.59 5.44 -2.10
CA GLY A 132 -12.24 4.75 -3.28
C GLY A 132 -11.45 5.63 -4.21
N TYR A 133 -10.27 5.17 -4.65
CA TYR A 133 -9.53 5.95 -5.60
C TYR A 133 -10.31 6.14 -6.88
N ARG A 134 -11.11 5.12 -7.24
CA ARG A 134 -11.91 5.12 -8.48
C ARG A 134 -11.19 4.97 -9.81
N LEU A 135 -10.39 5.95 -10.16
CA LEU A 135 -9.56 5.89 -11.36
C LEU A 135 -8.48 6.95 -11.23
N GLY A 136 -7.24 6.60 -11.52
CA GLY A 136 -6.11 7.52 -11.35
C GLY A 136 -5.26 7.23 -10.14
N ASP A 137 -4.02 7.71 -10.19
CA ASP A 137 -3.03 7.41 -9.15
C ASP A 137 -3.32 8.20 -7.88
N GLY A 138 -2.75 7.73 -6.78
CA GLY A 138 -2.78 8.44 -5.52
C GLY A 138 -1.37 8.53 -4.97
N GLN A 139 -1.28 8.93 -3.72
CA GLN A 139 -0.01 9.04 -3.08
C GLN A 139 0.06 8.23 -1.83
N VAL A 140 1.29 7.87 -1.44
CA VAL A 140 1.52 7.20 -0.21
C VAL A 140 2.47 8.07 0.60
N TYR A 141 2.01 8.41 1.79
CA TYR A 141 2.61 9.48 2.62
C TYR A 141 3.44 8.94 3.75
N ASP A 142 4.71 9.38 3.81
CA ASP A 142 5.61 9.03 4.88
C ASP A 142 5.15 9.76 6.16
N VAL A 143 4.75 9.01 7.17
CA VAL A 143 4.24 9.62 8.40
C VAL A 143 5.30 10.45 9.16
N ILE A 144 6.54 10.05 9.10
CA ILE A 144 7.63 10.84 9.69
C ILE A 144 7.55 12.27 9.15
N LEU A 145 7.43 12.42 7.85
CA LEU A 145 7.36 13.73 7.27
C LEU A 145 6.03 14.40 7.58
N ARG A 146 4.93 13.70 7.34
CA ARG A 146 3.63 14.35 7.41
C ARG A 146 3.36 14.83 8.82
N ASP A 147 3.63 13.98 9.79
CA ASP A 147 3.20 14.25 11.22
C ASP A 147 4.32 14.73 12.13
N GLY A 148 5.56 14.59 11.65
CA GLY A 148 6.76 14.82 12.45
C GLY A 148 7.60 15.98 11.98
N LEU A 149 8.05 15.91 10.70
CA LEU A 149 9.12 16.76 10.21
C LEU A 149 8.75 17.84 9.21
N MET A 150 7.51 17.86 8.73
CA MET A 150 7.06 18.90 7.83
C MET A 150 6.26 19.91 8.60
N CYS A 151 6.40 21.18 8.24
CA CYS A 151 5.61 22.24 8.84
C CYS A 151 4.16 22.19 8.35
N ALA A 152 3.23 22.18 9.27
CA ALA A 152 1.84 22.09 8.88
C ALA A 152 1.28 23.43 8.41
N THR A 153 1.94 24.53 8.76
CA THR A 153 1.59 25.84 8.22
C THR A 153 2.15 26.06 6.81
N HIS A 154 3.45 25.81 6.62
CA HIS A 154 4.12 26.17 5.35
C HIS A 154 4.33 25.02 4.36
N GLY A 155 4.27 23.78 4.82
CA GLY A 155 4.31 22.64 3.93
C GLY A 155 5.73 22.34 3.50
N TYR A 156 6.72 22.82 4.27
CA TYR A 156 8.09 22.52 3.95
C TYR A 156 8.76 21.96 5.20
N HIS A 157 9.92 21.36 5.01
CA HIS A 157 10.59 20.63 6.06
C HIS A 157 11.06 21.53 7.21
N MET A 158 11.17 20.96 8.42
CA MET A 158 11.86 21.63 9.53
C MET A 158 13.26 22.17 9.11
N GLY A 159 13.93 21.44 8.21
CA GLY A 159 15.21 21.82 7.61
C GLY A 159 15.15 23.14 6.87
N ILE A 160 14.00 23.47 6.26
CA ILE A 160 13.79 24.77 5.63
C ILE A 160 13.63 25.87 6.69
N THR A 161 12.94 25.58 7.80
CA THR A 161 12.87 26.57 8.88
C THR A 161 14.29 26.88 9.39
N ALA A 162 15.15 25.87 9.41
CA ALA A 162 16.54 26.04 9.82
C ALA A 162 17.29 26.93 8.83
N GLU A 163 17.02 26.76 7.53
CA GLU A 163 17.63 27.63 6.51
C GLU A 163 17.12 29.06 6.74
N ASN A 164 15.82 29.20 7.03
CA ASN A 164 15.20 30.50 7.39
C ASN A 164 15.94 31.18 8.53
N VAL A 165 16.22 30.43 9.60
CA VAL A 165 16.93 30.98 10.77
C VAL A 165 18.37 31.33 10.43
N ALA A 166 19.04 30.46 9.68
CA ALA A 166 20.43 30.68 9.29
C ALA A 166 20.56 32.01 8.59
N LYS A 167 19.64 32.30 7.69
CA LYS A 167 19.65 33.53 6.93
C LYS A 167 19.37 34.70 7.84
N GLU A 168 18.37 34.55 8.69
CA GLU A 168 17.93 35.63 9.57
C GLU A 168 19.02 35.98 10.58
N TYR A 169 19.86 35.02 10.97
CA TYR A 169 20.86 35.25 11.99
C TYR A 169 22.27 35.16 11.50
N GLY A 170 22.48 35.03 10.18
CA GLY A 170 23.85 35.04 9.65
C GLY A 170 24.70 33.88 10.11
N ILE A 171 24.10 32.69 10.19
CA ILE A 171 24.81 31.46 10.58
C ILE A 171 25.21 30.74 9.29
N THR A 172 26.50 30.75 8.96
CA THR A 172 26.95 30.18 7.71
C THR A 172 27.11 28.66 7.77
N ARG A 173 27.32 28.04 6.60
CA ARG A 173 27.69 26.64 6.48
C ARG A 173 28.91 26.32 7.37
N GLU A 174 29.91 27.22 7.35
CA GLU A 174 31.19 27.01 8.05
C GLU A 174 30.88 26.94 9.56
N MET A 175 30.09 27.92 10.05
CA MET A 175 29.73 27.97 11.46
C MET A 175 28.96 26.73 11.89
N GLN A 176 28.02 26.31 11.02
CA GLN A 176 27.19 25.13 11.31
C GLN A 176 28.00 23.85 11.40
N ASP A 177 28.89 23.64 10.42
CA ASP A 177 29.76 22.46 10.40
C ASP A 177 30.79 22.46 11.56
N GLU A 178 31.23 23.65 11.98
CA GLU A 178 32.15 23.75 13.16
C GLU A 178 31.43 23.33 14.47
N LEU A 179 30.17 23.75 14.59
CA LEU A 179 29.34 23.35 15.73
C LEU A 179 29.07 21.83 15.69
N ALA A 180 28.74 21.32 14.51
CA ALA A 180 28.51 19.89 14.36
C ALA A 180 29.73 19.09 14.84
N LEU A 181 30.91 19.52 14.42
CA LEU A 181 32.11 18.75 14.76
C LEU A 181 32.36 18.74 16.29
N HIS A 182 32.16 19.90 16.90
CA HIS A 182 32.23 20.06 18.34
C HIS A 182 31.28 19.10 19.06
N SER A 183 30.06 18.97 18.57
CA SER A 183 29.09 18.07 19.21
C SER A 183 29.54 16.60 19.08
N GLN A 184 29.98 16.26 17.88
CA GLN A 184 30.55 14.91 17.66
C GLN A 184 31.72 14.61 18.63
N ARG A 185 32.62 15.58 18.78
CA ARG A 185 33.82 15.40 19.64
C ARG A 185 33.45 15.23 21.11
N LYS A 186 32.51 16.06 21.58
CA LYS A 186 32.00 15.96 22.95
C LYS A 186 31.29 14.65 23.21
N ALA A 187 30.46 14.19 22.26
CA ALA A 187 29.76 12.93 22.39
C ALA A 187 30.72 11.75 22.44
N ALA A 188 31.72 11.79 21.58
CA ALA A 188 32.71 10.72 21.52
C ALA A 188 33.49 10.68 22.83
N ALA A 189 33.89 11.83 23.33
CA ALA A 189 34.60 11.90 24.60
C ALA A 189 33.74 11.37 25.77
N ALA A 190 32.45 11.72 25.79
CA ALA A 190 31.52 11.24 26.82
C ALA A 190 31.36 9.75 26.76
N ILE A 191 31.16 9.20 25.56
CA ILE A 191 30.95 7.79 25.43
C ILE A 191 32.22 7.05 25.91
N GLU A 192 33.37 7.52 25.49
CA GLU A 192 34.67 6.94 25.83
C GLU A 192 34.98 6.91 27.35
N SER A 193 34.56 7.96 28.04
CA SER A 193 34.72 8.03 29.47
C SER A 193 33.56 7.40 30.26
N GLY A 194 32.52 6.89 29.60
CA GLY A 194 31.46 6.16 30.35
C GLY A 194 30.47 7.11 30.95
N ALA A 195 30.45 8.32 30.43
CA ALA A 195 29.62 9.36 31.05
C ALA A 195 28.10 9.08 30.91
N PHE A 196 27.71 8.25 29.95
CA PHE A 196 26.29 7.92 29.76
C PHE A 196 25.90 6.59 30.40
N THR A 197 26.88 5.87 30.95
CA THR A 197 26.60 4.62 31.57
C THR A 197 25.50 4.69 32.69
N ALA A 198 25.51 5.71 33.54
CA ALA A 198 24.55 5.76 34.67
C ALA A 198 23.11 5.95 34.17
N GLU A 199 22.95 6.64 33.06
CA GLU A 199 21.63 7.13 32.67
C GLU A 199 20.97 6.22 31.68
N ILE A 200 21.73 5.29 31.13
CA ILE A 200 21.18 4.36 30.13
C ILE A 200 20.74 3.02 30.69
N VAL A 201 19.57 2.58 30.30
CA VAL A 201 19.08 1.26 30.61
C VAL A 201 19.21 0.45 29.35
N PRO A 202 19.94 -0.69 29.42
CA PRO A 202 20.08 -1.51 28.24
C PRO A 202 18.78 -2.02 27.69
N VAL A 203 18.75 -2.21 26.38
CA VAL A 203 17.60 -2.84 25.72
C VAL A 203 18.12 -4.18 25.18
N ASN A 204 17.47 -5.27 25.54
CA ASN A 204 17.70 -6.59 24.88
C ASN A 204 16.91 -6.68 23.56
N VAL A 205 17.63 -6.88 22.47
CA VAL A 205 17.05 -6.89 21.14
C VAL A 205 17.13 -8.33 20.64
N VAL A 206 15.97 -8.91 20.40
CA VAL A 206 15.86 -10.31 19.98
C VAL A 206 15.28 -10.34 18.55
N THR A 207 16.09 -10.82 17.61
CA THR A 207 15.67 -10.97 16.23
C THR A 207 16.02 -12.38 15.80
N ARG A 208 15.16 -12.94 14.96
N LYS A 210 19.25 -12.63 15.35
CA LYS A 210 20.41 -12.41 16.20
C LYS A 210 19.88 -11.78 17.47
N THR A 211 20.60 -11.94 18.56
CA THR A 211 20.19 -11.39 19.85
C THR A 211 21.33 -10.62 20.45
N PHE A 212 21.06 -9.42 20.98
CA PHE A 212 22.12 -8.58 21.52
C PHE A 212 21.57 -7.51 22.46
N VAL A 213 22.48 -6.92 23.24
CA VAL A 213 22.14 -5.88 24.20
C VAL A 213 22.57 -4.56 23.63
N PHE A 214 21.65 -3.60 23.51
CA PHE A 214 21.98 -2.30 22.93
C PHE A 214 22.10 -1.35 24.13
N SER A 215 23.31 -0.88 24.38
CA SER A 215 23.44 0.08 25.43
C SER A 215 24.25 1.29 25.12
N GLN A 216 24.69 1.46 23.89
CA GLN A 216 25.48 2.63 23.52
C GLN A 216 24.80 3.38 22.38
N ASP A 217 24.73 4.70 22.50
CA ASP A 217 24.24 5.62 21.46
C ASP A 217 25.00 5.32 20.16
N GLU A 218 24.26 5.00 19.11
CA GLU A 218 24.88 4.58 17.86
C GLU A 218 24.84 5.61 16.76
N PHE A 219 24.11 6.71 16.94
CA PHE A 219 24.13 7.78 15.92
C PHE A 219 25.44 8.57 15.81
N PRO A 220 26.18 8.76 16.91
CA PRO A 220 27.47 9.47 16.75
C PRO A 220 28.39 8.90 15.67
N LYS A 221 29.01 9.81 14.95
CA LYS A 221 29.92 9.55 13.83
C LYS A 221 31.30 9.89 14.43
N ALA A 222 31.80 9.04 15.32
CA ALA A 222 33.19 8.99 15.60
C ALA A 222 33.87 8.95 14.19
N ASN A 223 35.04 9.44 14.18
CA ASN A 223 35.82 9.61 12.97
C ASN A 223 35.34 10.77 12.13
N SER A 224 34.38 11.55 12.64
CA SER A 224 33.94 12.72 11.96
C SER A 224 35.12 13.67 11.81
N THR A 225 35.18 14.32 10.64
CA THR A 225 36.18 15.26 10.35
C THR A 225 35.58 16.52 9.67
N ALA A 226 36.31 17.61 9.81
CA ALA A 226 35.92 18.86 9.18
C ALA A 226 35.82 18.68 7.64
N GLU A 227 36.78 18.01 7.04
CA GLU A 227 36.79 17.82 5.58
C GLU A 227 35.56 17.03 5.14
N ALA A 228 35.22 15.99 5.90
CA ALA A 228 34.05 15.18 5.53
C ALA A 228 32.76 15.93 5.65
N LEU A 229 32.61 16.65 6.76
CA LEU A 229 31.45 17.50 6.94
C LEU A 229 31.30 18.55 5.84
N GLY A 230 32.42 19.17 5.48
CA GLY A 230 32.43 20.16 4.45
C GLY A 230 32.06 19.62 3.06
N ALA A 231 32.27 18.33 2.82
CA ALA A 231 32.01 17.74 1.52
C ALA A 231 30.56 17.31 1.32
N LEU A 232 29.73 17.38 2.36
CA LEU A 232 28.31 17.01 2.21
C LEU A 232 27.49 18.02 1.41
N ARG A 233 26.49 17.50 0.68
CA ARG A 233 25.54 18.33 -0.05
C ARG A 233 24.40 18.80 0.86
N PRO A 234 23.87 20.03 0.65
CA PRO A 234 22.71 20.52 1.40
C PRO A 234 21.59 19.52 1.26
N ALA A 235 20.86 19.31 2.33
CA ALA A 235 19.85 18.22 2.37
C ALA A 235 18.46 18.62 1.93
N PHE A 236 18.14 19.90 2.05
CA PHE A 236 16.79 20.38 1.88
C PHE A 236 16.64 21.45 0.82
N ASP A 237 17.72 22.13 0.50
CA ASP A 237 17.65 23.15 -0.50
C ASP A 237 18.99 23.12 -1.21
N LYS A 238 18.97 22.87 -2.52
CA LYS A 238 20.21 22.70 -3.32
C LYS A 238 21.18 23.90 -3.18
N ALA A 239 20.66 25.06 -2.81
CA ALA A 239 21.45 26.26 -2.52
C ALA A 239 21.59 26.56 -1.00
N GLY A 240 21.35 25.56 -0.16
CA GLY A 240 21.28 25.75 1.29
C GLY A 240 22.59 25.50 2.04
N THR A 241 22.51 25.59 3.37
CA THR A 241 23.65 25.37 4.26
C THR A 241 23.45 24.15 5.17
N VAL A 242 22.20 23.69 5.30
CA VAL A 242 21.89 22.62 6.22
C VAL A 242 22.09 21.27 5.54
N THR A 243 22.84 20.38 6.19
CA THR A 243 23.20 19.06 5.65
C THR A 243 22.85 17.98 6.69
N ALA A 244 22.97 16.72 6.31
CA ALA A 244 22.77 15.63 7.29
C ALA A 244 23.86 15.66 8.34
N GLY A 245 25.01 16.28 8.03
CA GLY A 245 26.08 16.39 8.99
C GLY A 245 25.96 17.46 10.06
N ASN A 246 25.19 18.51 9.81
CA ASN A 246 25.02 19.61 10.77
C ASN A 246 23.54 19.72 11.21
N ALA A 247 22.82 18.63 11.05
CA ALA A 247 21.49 18.48 11.53
C ALA A 247 21.41 17.22 12.37
N SER A 248 20.43 17.16 13.28
CA SER A 248 20.21 15.92 13.96
CA SER A 248 20.17 15.93 13.98
C SER A 248 19.63 14.89 13.00
N GLY A 249 19.49 13.68 13.49
CA GLY A 249 19.00 12.59 12.71
C GLY A 249 17.53 12.25 12.99
N ILE A 250 17.13 11.16 12.32
CA ILE A 250 15.88 10.50 12.55
C ILE A 250 16.32 9.31 13.43
N ASN A 251 15.67 9.13 14.60
CA ASN A 251 16.12 8.21 15.58
C ASN A 251 15.05 7.61 16.44
N ASP A 252 15.41 6.53 17.11
CA ASP A 252 14.57 5.77 17.97
C ASP A 252 15.08 5.87 19.41
N GLY A 253 14.15 5.98 20.37
CA GLY A 253 14.53 5.93 21.78
C GLY A 253 13.39 6.26 22.71
N ALA A 254 13.67 6.15 24.00
CA ALA A 254 12.66 6.56 25.05
C ALA A 254 13.37 7.02 26.28
N ALA A 255 12.66 7.77 27.15
CA ALA A 255 13.26 8.28 28.37
C ALA A 255 12.18 8.44 29.35
N ALA A 256 12.47 8.23 30.62
CA ALA A 256 11.44 8.48 31.67
C ALA A 256 12.02 8.85 33.00
N LEU A 257 11.20 9.56 33.81
CA LEU A 257 11.58 9.99 35.11
C LEU A 257 10.45 9.75 36.06
N VAL A 258 10.79 9.42 37.29
CA VAL A 258 9.82 9.36 38.37
C VAL A 258 9.85 10.71 39.03
N ILE A 259 8.65 11.31 39.08
CA ILE A 259 8.44 12.64 39.62
C ILE A 259 7.57 12.43 40.86
N MET A 260 7.90 13.08 41.97
CA MET A 260 7.10 12.94 43.22
C MET A 260 6.96 14.26 43.94
N GLU A 261 5.87 14.35 44.72
CA GLU A 261 5.75 15.41 45.72
C GLU A 261 6.85 15.21 46.76
N GLU A 262 7.52 16.29 47.09
CA GLU A 262 8.73 16.23 47.92
C GLU A 262 8.54 15.52 49.27
N SER A 263 7.51 15.92 50.03
CA SER A 263 7.28 15.34 51.35
C SER A 263 6.97 13.82 51.22
N ALA A 264 6.26 13.43 50.17
CA ALA A 264 5.91 12.02 49.97
C ALA A 264 7.15 11.20 49.67
N ALA A 265 8.03 11.74 48.83
CA ALA A 265 9.29 11.09 48.59
C ALA A 265 10.07 10.90 49.89
N LEU A 266 10.14 11.94 50.71
CA LEU A 266 10.94 11.85 51.94
C LEU A 266 10.28 10.88 52.90
N ALA A 267 8.95 10.92 52.99
CA ALA A 267 8.22 9.98 53.85
C ALA A 267 8.41 8.53 53.41
N ALA A 268 8.55 8.29 52.12
CA ALA A 268 8.82 6.93 51.65
C ALA A 268 10.27 6.49 51.77
N GLY A 269 11.13 7.34 52.34
CA GLY A 269 12.55 7.03 52.50
C GLY A 269 13.31 7.03 51.19
N LEU A 270 12.83 7.81 50.22
CA LEU A 270 13.46 7.86 48.90
C LEU A 270 14.36 9.07 48.84
N THR A 271 15.21 9.11 47.81
CA THR A 271 16.21 10.16 47.69
C THR A 271 15.86 11.09 46.56
N PRO A 272 15.38 12.31 46.88
CA PRO A 272 15.19 13.31 45.82
C PRO A 272 16.49 13.65 45.12
N LEU A 273 16.49 13.65 43.79
CA LEU A 273 17.70 13.97 43.04
C LEU A 273 17.78 15.43 42.62
N ALA A 274 16.61 16.06 42.42
CA ALA A 274 16.56 17.45 42.02
C ALA A 274 15.14 17.93 42.26
N ARG A 275 14.99 19.24 42.38
CA ARG A 275 13.66 19.85 42.45
C ARG A 275 13.40 20.47 41.08
N ILE A 276 12.16 20.34 40.59
CA ILE A 276 11.80 21.07 39.42
C ILE A 276 11.47 22.48 39.88
N LYS A 277 12.22 23.48 39.41
CA LYS A 277 12.12 24.88 39.88
C LYS A 277 11.11 25.68 39.04
N SER A 278 11.13 25.51 37.73
CA SER A 278 10.15 26.16 36.85
C SER A 278 10.06 25.49 35.51
N TYR A 279 8.98 25.77 34.78
CA TYR A 279 8.86 25.34 33.38
C TYR A 279 7.98 26.30 32.63
N ALA A 280 8.13 26.36 31.30
CA ALA A 280 7.38 27.26 30.47
C ALA A 280 7.52 26.91 29.01
N SER A 281 6.50 27.28 28.27
CA SER A 281 6.44 27.10 26.83
C SER A 281 6.34 28.48 26.19
N GLY A 282 6.83 28.59 24.97
CA GLY A 282 6.89 29.86 24.25
C GLY A 282 6.45 29.64 22.81
N GLY A 283 5.96 30.70 22.18
CA GLY A 283 5.52 30.62 20.79
C GLY A 283 6.28 31.62 19.92
N VAL A 284 6.58 31.19 18.70
CA VAL A 284 7.29 31.98 17.68
C VAL A 284 6.68 31.65 16.33
N PRO A 285 7.08 32.39 15.29
CA PRO A 285 6.48 32.04 14.01
C PRO A 285 6.89 30.64 13.57
N PRO A 286 5.96 29.84 13.05
CA PRO A 286 6.28 28.55 12.44
C PRO A 286 7.52 28.53 11.52
N ALA A 287 7.68 29.56 10.68
CA ALA A 287 8.84 29.68 9.80
C ALA A 287 10.18 29.79 10.54
N LEU A 288 10.14 30.24 11.80
CA LEU A 288 11.31 30.42 12.62
C LEU A 288 11.23 29.56 13.88
N MET A 289 10.62 28.38 13.76
CA MET A 289 10.35 27.52 14.93
C MET A 289 11.59 27.22 15.74
N GLY A 290 12.75 27.16 15.05
CA GLY A 290 14.05 26.91 15.69
C GLY A 290 14.38 27.87 16.82
N MET A 291 13.75 29.04 16.82
CA MET A 291 13.95 30.06 17.85
C MET A 291 13.03 29.93 19.09
N GLY A 292 12.14 28.95 19.09
CA GLY A 292 11.24 28.69 20.22
C GLY A 292 11.90 28.73 21.60
N PRO A 293 13.15 28.21 21.71
CA PRO A 293 13.71 28.17 23.03
C PRO A 293 13.91 29.54 23.65
N VAL A 294 13.98 30.61 22.84
CA VAL A 294 14.18 31.96 23.37
C VAL A 294 13.06 32.40 24.33
N PRO A 295 11.80 32.49 23.85
CA PRO A 295 10.76 32.89 24.80
C PRO A 295 10.50 31.87 25.93
N ALA A 296 10.57 30.58 25.63
CA ALA A 296 10.37 29.53 26.66
C ALA A 296 11.41 29.66 27.78
N THR A 297 12.69 29.81 27.39
CA THR A 297 13.77 29.99 28.39
C THR A 297 13.55 31.29 29.18
N GLN A 298 13.28 32.39 28.51
CA GLN A 298 13.14 33.67 29.23
C GLN A 298 12.04 33.56 30.30
N LYS A 299 10.92 32.97 29.90
CA LYS A 299 9.78 32.76 30.80
C LYS A 299 10.13 31.80 31.95
N ALA A 300 10.85 30.71 31.66
CA ALA A 300 11.17 29.76 32.72
C ALA A 300 12.12 30.38 33.75
N LEU A 301 13.07 31.17 33.28
CA LEU A 301 14.01 31.86 34.18
C LEU A 301 13.28 32.86 35.03
N GLN A 302 12.34 33.59 34.41
CA GLN A 302 11.56 34.61 35.11
C GLN A 302 10.74 33.93 36.19
N LEU A 303 10.04 32.85 35.83
CA LEU A 303 9.29 32.07 36.81
C LEU A 303 10.16 31.55 37.96
N ALA A 304 11.41 31.23 37.67
CA ALA A 304 12.32 30.70 38.69
C ALA A 304 13.01 31.80 39.50
N GLY A 305 12.83 33.05 39.11
CA GLY A 305 13.55 34.18 39.76
C GLY A 305 15.04 34.22 39.45
N LEU A 306 15.43 33.74 38.28
CA LEU A 306 16.85 33.59 37.95
C LEU A 306 17.22 34.42 36.75
N GLN A 307 18.51 34.64 36.59
CA GLN A 307 19.03 35.15 35.34
C GLN A 307 19.78 33.98 34.70
N LEU A 308 19.95 34.05 33.37
CA LEU A 308 20.58 32.99 32.60
C LEU A 308 21.93 32.64 33.19
N ALA A 309 22.66 33.66 33.66
CA ALA A 309 23.98 33.45 34.20
C ALA A 309 23.99 32.57 35.45
N ASP A 310 22.86 32.46 36.14
CA ASP A 310 22.76 31.63 37.34
C ASP A 310 22.76 30.16 36.99
N ILE A 311 22.43 29.86 35.75
CA ILE A 311 22.39 28.46 35.31
C ILE A 311 23.80 27.89 35.13
N ASP A 312 24.06 26.74 35.74
CA ASP A 312 25.37 26.07 35.66
C ASP A 312 25.58 25.18 34.43
N LEU A 313 24.51 24.51 34.04
CA LEU A 313 24.59 23.60 32.91
C LEU A 313 23.32 23.65 32.09
N ILE A 314 23.50 23.54 30.79
CA ILE A 314 22.41 23.73 29.82
C ILE A 314 22.37 22.57 28.84
N GLU A 315 21.19 21.98 28.68
CA GLU A 315 20.89 21.13 27.53
C GLU A 315 19.97 21.92 26.65
N ALA A 316 20.48 22.35 25.51
CA ALA A 316 19.71 23.03 24.48
C ALA A 316 19.72 22.15 23.27
N ASN A 317 18.57 21.61 22.90
CA ASN A 317 18.61 20.55 21.88
C ASN A 317 19.14 21.06 20.53
N GLU A 318 19.93 20.24 19.86
CA GLU A 318 20.55 20.55 18.54
C GLU A 318 19.70 19.96 17.44
N ALA A 319 18.48 20.44 17.28
CA ALA A 319 17.71 20.01 16.11
C ALA A 319 18.48 20.29 14.84
N PHE A 320 18.99 21.51 14.71
CA PHE A 320 19.88 21.90 13.60
C PHE A 320 20.93 22.85 14.14
N ALA A 321 22.18 22.66 13.71
CA ALA A 321 23.24 23.57 14.06
C ALA A 321 22.80 25.01 13.83
N ALA A 322 22.14 25.30 12.69
CA ALA A 322 21.68 26.66 12.38
C ALA A 322 20.82 27.30 13.47
N GLN A 323 19.86 26.54 13.96
CA GLN A 323 18.94 26.96 14.97
CA GLN A 323 18.95 27.02 14.99
C GLN A 323 19.60 26.99 16.36
N PHE A 324 20.36 25.96 16.68
CA PHE A 324 21.10 25.90 17.94
C PHE A 324 22.01 27.14 18.10
N LEU A 325 22.75 27.47 17.04
CA LEU A 325 23.66 28.65 17.06
C LEU A 325 22.90 29.97 17.18
N ALA A 326 21.84 30.13 16.42
CA ALA A 326 21.02 31.35 16.51
C ALA A 326 20.47 31.55 17.92
N VAL A 327 19.97 30.48 18.53
CA VAL A 327 19.42 30.53 19.90
C VAL A 327 20.51 30.95 20.86
N GLY A 328 21.65 30.34 20.68
CA GLY A 328 22.80 30.66 21.53
C GLY A 328 23.22 32.10 21.47
N LYS A 329 23.24 32.65 20.26
CA LYS A 329 23.65 34.02 20.03
C LYS A 329 22.58 34.95 20.58
N ASN A 330 21.33 34.61 20.35
CA ASN A 330 20.22 35.45 20.85
C ASN A 330 20.23 35.56 22.39
N LEU A 331 20.36 34.43 23.09
CA LEU A 331 20.29 34.37 24.56
C LEU A 331 21.63 34.65 25.23
N GLY A 332 22.73 34.41 24.51
CA GLY A 332 24.06 34.67 25.03
C GLY A 332 24.54 33.53 25.91
N PHE A 333 24.30 32.29 25.47
CA PHE A 333 24.79 31.13 26.20
C PHE A 333 26.30 31.20 26.34
N ASP A 334 26.79 30.78 27.52
CA ASP A 334 28.19 30.39 27.69
C ASP A 334 28.37 28.97 27.08
N SER A 335 29.03 28.89 25.94
CA SER A 335 29.10 27.61 25.21
C SER A 335 29.73 26.51 26.06
N GLU A 336 30.61 26.86 27.00
CA GLU A 336 31.27 25.85 27.84
C GLU A 336 30.26 25.16 28.73
N LYS A 337 29.10 25.78 28.93
CA LYS A 337 28.06 25.20 29.79
C LYS A 337 27.05 24.34 29.05
N VAL A 338 27.12 24.33 27.73
CA VAL A 338 26.03 23.76 26.90
C VAL A 338 26.39 22.37 26.31
N ASN A 339 25.43 21.44 26.43
CA ASN A 339 25.53 20.12 25.86
C ASN A 339 26.95 19.50 26.11
N VAL A 340 27.30 19.42 27.38
CA VAL A 340 28.70 19.13 27.73
C VAL A 340 29.11 17.75 27.30
N ASN A 341 28.12 16.85 27.14
CA ASN A 341 28.36 15.49 26.67
C ASN A 341 27.92 15.29 25.21
N GLY A 342 27.78 16.39 24.49
CA GLY A 342 27.34 16.35 23.11
C GLY A 342 25.87 16.54 23.08
N GLY A 343 25.35 16.78 21.86
CA GLY A 343 23.95 17.04 21.62
C GLY A 343 23.44 16.23 20.47
N ALA A 344 22.23 16.55 20.06
CA ALA A 344 21.50 15.71 19.09
C ALA A 344 22.14 15.58 17.71
N ILE A 345 22.98 16.49 17.30
CA ILE A 345 23.69 16.32 16.02
C ILE A 345 24.49 15.04 16.01
N ALA A 346 25.12 14.75 17.14
CA ALA A 346 25.80 13.46 17.38
C ALA A 346 24.87 12.36 17.94
N LEU A 347 24.02 12.70 18.89
CA LEU A 347 23.27 11.66 19.66
C LEU A 347 21.93 11.21 19.03
N GLY A 348 21.34 12.08 18.23
CA GLY A 348 20.07 11.78 17.56
C GLY A 348 18.87 12.43 18.23
N HIS A 349 17.74 12.31 17.55
CA HIS A 349 16.55 13.11 17.88
C HIS A 349 15.23 12.34 17.71
N PRO A 350 14.97 11.38 18.62
CA PRO A 350 13.75 10.61 18.59
C PRO A 350 12.62 11.52 19.14
N ILE A 351 11.88 12.10 18.21
CA ILE A 351 11.19 13.37 18.45
C ILE A 351 10.37 13.41 19.73
N GLY A 352 9.53 12.41 19.97
CA GLY A 352 8.64 12.48 21.14
C GLY A 352 9.36 12.17 22.44
N ALA A 353 10.56 11.61 22.36
CA ALA A 353 11.37 11.35 23.53
C ALA A 353 12.40 12.38 23.88
N SER A 354 12.85 13.17 22.88
CA SER A 354 14.03 14.02 23.08
C SER A 354 13.90 14.97 24.25
N GLY A 355 12.70 15.52 24.47
CA GLY A 355 12.56 16.43 25.57
C GLY A 355 12.84 15.83 26.95
N ALA A 356 12.40 14.60 27.15
CA ALA A 356 12.70 13.92 28.35
C ALA A 356 14.17 13.45 28.31
N ARG A 357 14.63 13.04 27.12
CA ARG A 357 16.05 12.55 26.95
C ARG A 357 17.06 13.61 27.41
N ILE A 358 16.89 14.85 26.93
CA ILE A 358 17.83 15.90 27.33
C ILE A 358 17.75 16.20 28.82
N LEU A 359 16.57 16.04 29.43
CA LEU A 359 16.44 16.27 30.88
C LEU A 359 17.21 15.20 31.69
N VAL A 360 17.07 13.95 31.28
CA VAL A 360 17.84 12.84 31.84
C VAL A 360 19.38 13.10 31.75
N THR A 361 19.82 13.46 30.55
CA THR A 361 21.24 13.79 30.34
C THR A 361 21.68 14.96 31.15
N LEU A 362 20.81 15.98 31.21
CA LEU A 362 21.10 17.17 32.03
C LEU A 362 21.35 16.77 33.48
N LEU A 363 20.39 16.05 34.08
CA LEU A 363 20.50 15.75 35.51
C LEU A 363 21.77 14.91 35.79
N HIS A 364 22.01 13.91 34.97
CA HIS A 364 23.22 13.08 35.22
C HIS A 364 24.52 13.87 35.03
N ALA A 365 24.54 14.79 34.07
CA ALA A 365 25.74 15.66 33.92
C ALA A 365 25.91 16.56 35.14
N MET A 366 24.80 17.10 35.66
CA MET A 366 24.85 17.89 36.86
C MET A 366 25.43 17.14 38.06
N GLN A 367 25.00 15.89 38.21
CA GLN A 367 25.49 14.99 39.23
C GLN A 367 26.97 14.69 39.08
N ALA A 368 27.36 14.38 37.86
CA ALA A 368 28.74 14.04 37.60
C ALA A 368 29.68 15.21 37.87
N ARG A 369 29.19 16.43 37.58
CA ARG A 369 30.00 17.66 37.72
C ARG A 369 29.67 18.48 38.96
N ASP A 370 28.84 17.93 39.83
CA ASP A 370 28.37 18.62 41.03
C ASP A 370 27.89 20.05 40.77
N LYS A 371 26.96 20.21 39.85
CA LYS A 371 26.42 21.55 39.52
C LYS A 371 25.03 21.69 40.12
N THR A 372 24.65 22.92 40.44
CA THR A 372 23.42 23.16 41.17
C THR A 372 22.23 23.43 40.28
N LEU A 373 22.34 24.34 39.31
CA LEU A 373 21.19 24.74 38.49
C LEU A 373 21.36 24.36 37.01
N GLY A 374 20.27 23.86 36.45
CA GLY A 374 20.27 23.34 35.11
C GLY A 374 19.04 23.82 34.33
N LEU A 375 19.23 24.02 33.03
CA LEU A 375 18.21 24.42 32.09
C LEU A 375 18.15 23.39 30.98
N ALA A 376 16.95 22.94 30.65
CA ALA A 376 16.71 22.09 29.48
C ALA A 376 15.71 22.80 28.58
N THR A 377 16.02 22.92 27.29
CA THR A 377 15.13 23.59 26.36
C THR A 377 15.24 23.05 24.94
N LEU A 378 14.13 23.06 24.22
CA LEU A 378 14.03 22.57 22.84
C LEU A 378 13.13 23.42 22.01
N CYS A 379 13.45 23.49 20.71
CA CYS A 379 12.54 24.06 19.73
C CYS A 379 11.51 23.04 19.30
N ILE A 380 10.40 23.51 18.74
CA ILE A 380 9.24 22.68 18.53
C ILE A 380 8.62 23.08 17.22
N GLY A 381 8.49 22.11 16.32
CA GLY A 381 7.85 22.35 15.04
C GLY A 381 6.48 22.94 15.25
N GLY A 382 6.11 23.88 14.37
CA GLY A 382 4.91 24.66 14.56
C GLY A 382 5.12 26.00 15.21
N GLY A 383 6.38 26.31 15.55
CA GLY A 383 6.73 27.58 16.14
C GLY A 383 6.52 27.61 17.65
N GLN A 384 7.07 26.64 18.35
CA GLN A 384 7.02 26.66 19.81
C GLN A 384 8.39 26.30 20.42
N GLY A 385 8.50 26.50 21.73
CA GLY A 385 9.63 26.09 22.52
C GLY A 385 9.16 25.69 23.89
N ILE A 386 9.99 24.96 24.61
CA ILE A 386 9.68 24.57 25.98
C ILE A 386 10.98 24.54 26.75
N ALA A 387 10.92 24.87 28.02
CA ALA A 387 12.11 24.97 28.86
C ALA A 387 11.76 24.56 30.29
N MET A 388 12.73 24.01 30.99
CA MET A 388 12.57 23.64 32.35
C MET A 388 13.87 23.97 33.09
N VAL A 389 13.71 24.40 34.33
CA VAL A 389 14.84 24.65 35.24
C VAL A 389 14.73 23.68 36.39
N ILE A 390 15.83 22.99 36.68
CA ILE A 390 15.90 22.09 37.81
C ILE A 390 17.06 22.48 38.69
N GLU A 391 16.94 22.06 39.95
CA GLU A 391 17.94 22.34 40.97
C GLU A 391 18.31 21.03 41.68
N ARG A 392 19.60 20.67 41.59
CA ARG A 392 20.14 19.45 42.22
C ARG A 392 20.22 19.85 43.71
N LEU A 393 19.92 19.06 44.75
CA LEU A 393 19.42 17.70 44.75
C LEU A 393 18.39 17.58 45.87
C MET B 1 -5.18 27.98 44.57
N LYS B 2 -5.49 28.01 43.27
CA LYS B 2 -6.51 28.95 42.76
C LYS B 2 -7.76 28.22 42.31
N ASN B 3 -8.88 28.96 42.22
CA ASN B 3 -10.14 28.44 41.68
C ASN B 3 -10.20 28.64 40.15
N CYS B 4 -10.81 27.65 39.48
CA CYS B 4 -10.93 27.68 38.04
C CYS B 4 -12.43 27.71 37.64
N VAL B 5 -12.80 28.61 36.73
CA VAL B 5 -14.15 28.68 36.25
C VAL B 5 -14.25 28.51 34.75
N ILE B 6 -15.39 27.99 34.32
CA ILE B 6 -15.76 27.93 32.94
C ILE B 6 -16.40 29.25 32.60
N VAL B 7 -15.92 29.89 31.54
CA VAL B 7 -16.50 31.20 31.07
C VAL B 7 -17.30 31.13 29.77
N SER B 8 -17.07 30.09 28.98
CA SER B 8 -17.89 29.80 27.80
C SER B 8 -17.79 28.33 27.52
N ALA B 9 -18.74 27.86 26.74
CA ALA B 9 -18.82 26.46 26.41
C ALA B 9 -19.59 26.29 25.13
N VAL B 10 -18.97 25.68 24.13
CA VAL B 10 -19.55 25.64 22.82
C VAL B 10 -19.12 24.40 22.08
N ARG B 11 -19.96 23.95 21.17
CA ARG B 11 -19.67 22.80 20.38
C ARG B 11 -20.17 22.98 18.99
N THR B 12 -19.64 22.23 18.04
CA THR B 12 -20.34 22.06 16.76
C THR B 12 -21.51 21.09 16.96
N ALA B 13 -22.50 21.17 16.06
CA ALA B 13 -23.39 20.05 15.86
C ALA B 13 -22.55 18.84 15.47
N ILE B 14 -23.06 17.66 15.77
CA ILE B 14 -22.30 16.44 15.48
C ILE B 14 -22.71 15.85 14.14
N GLY B 15 -21.71 15.62 13.30
CA GLY B 15 -21.90 15.07 11.95
C GLY B 15 -21.88 13.56 11.92
N SER B 16 -22.62 12.99 10.97
CA SER B 16 -22.65 11.55 10.78
C SER B 16 -21.45 11.14 9.97
N PHE B 17 -21.09 9.88 10.08
CA PHE B 17 -20.02 9.30 9.29
C PHE B 17 -20.32 9.58 7.82
N ASN B 18 -19.38 10.23 7.15
CA ASN B 18 -19.56 10.63 5.74
C ASN B 18 -20.71 11.59 5.50
N GLY B 19 -21.09 12.31 6.58
CA GLY B 19 -22.16 13.24 6.57
C GLY B 19 -21.68 14.67 6.35
N SER B 20 -22.41 15.63 6.93
CA SER B 20 -22.26 17.06 6.64
C SER B 20 -20.86 17.64 6.92
N LEU B 21 -20.14 17.06 7.91
CA LEU B 21 -18.82 17.56 8.31
C LEU B 21 -17.68 16.72 7.72
N ALA B 22 -18.02 15.79 6.82
CA ALA B 22 -17.02 14.85 6.31
C ALA B 22 -15.98 15.52 5.41
N SER B 23 -16.14 16.79 5.06
CA SER B 23 -15.13 17.50 4.24
C SER B 23 -14.42 18.55 5.07
N THR B 24 -14.82 18.70 6.33
CA THR B 24 -14.19 19.67 7.23
C THR B 24 -13.26 18.98 8.21
N SER B 25 -11.98 19.29 8.06
CA SER B 25 -10.95 18.69 8.89
C SER B 25 -11.14 18.90 10.38
N ALA B 26 -10.64 17.94 11.17
CA ALA B 26 -10.75 18.02 12.64
C ALA B 26 -10.22 19.35 13.11
N ILE B 27 -9.16 19.77 12.48
CA ILE B 27 -8.46 20.96 12.88
C ILE B 27 -9.28 22.20 12.54
N ASP B 28 -9.96 22.20 11.42
CA ASP B 28 -10.86 23.32 11.08
C ASP B 28 -12.08 23.34 12.01
N LEU B 29 -12.56 22.16 12.40
CA LEU B 29 -13.61 22.06 13.44
C LEU B 29 -13.14 22.58 14.79
N GLY B 30 -11.92 22.19 15.20
CA GLY B 30 -11.30 22.73 16.39
C GLY B 30 -11.16 24.23 16.34
N ALA B 31 -10.67 24.77 15.23
CA ALA B 31 -10.51 26.23 15.11
C ALA B 31 -11.81 26.95 15.26
N THR B 32 -12.86 26.40 14.65
CA THR B 32 -14.23 27.00 14.80
C THR B 32 -14.67 27.10 16.24
N VAL B 33 -14.48 26.03 17.02
CA VAL B 33 -14.96 26.05 18.41
C VAL B 33 -14.06 26.88 19.29
N ILE B 34 -12.76 26.87 19.03
CA ILE B 34 -11.85 27.75 19.76
C ILE B 34 -12.24 29.21 19.56
N LYS B 35 -12.45 29.61 18.30
CA LYS B 35 -12.80 31.01 17.99
C LYS B 35 -14.11 31.36 18.70
N ALA B 36 -15.07 30.45 18.62
CA ALA B 36 -16.37 30.71 19.16
C ALA B 36 -16.35 30.80 20.68
N ALA B 37 -15.56 29.95 21.32
CA ALA B 37 -15.47 29.94 22.79
C ALA B 37 -14.91 31.27 23.26
N ILE B 38 -13.90 31.72 22.53
CA ILE B 38 -13.29 32.98 22.83
C ILE B 38 -14.30 34.11 22.69
N GLU B 39 -15.00 34.12 21.56
CA GLU B 39 -16.01 35.16 21.30
C GLU B 39 -17.08 35.18 22.37
N ARG B 40 -17.63 34.01 22.68
CA ARG B 40 -18.68 33.88 23.69
C ARG B 40 -18.25 34.24 25.07
N ALA B 41 -17.00 34.03 25.40
CA ALA B 41 -16.50 34.38 26.71
C ALA B 41 -16.33 35.89 26.89
N LYS B 42 -16.22 36.61 25.77
CA LYS B 42 -15.90 38.04 25.78
C LYS B 42 -14.50 38.36 26.32
N ILE B 43 -13.58 37.39 26.26
CA ILE B 43 -12.23 37.61 26.74
C ILE B 43 -11.41 38.33 25.68
N ASP B 44 -10.40 39.10 26.07
CA ASP B 44 -9.49 39.67 25.10
C ASP B 44 -8.70 38.48 24.55
N SER B 45 -8.78 38.23 23.24
CA SER B 45 -8.04 37.10 22.66
C SER B 45 -6.52 37.16 22.92
N GLN B 46 -5.98 38.36 23.09
CA GLN B 46 -4.56 38.49 23.33
C GLN B 46 -4.18 37.96 24.72
N HIS B 47 -5.15 37.59 25.55
CA HIS B 47 -4.86 37.13 26.91
C HIS B 47 -4.96 35.61 27.06
N VAL B 48 -5.16 34.89 25.98
CA VAL B 48 -5.18 33.43 26.04
C VAL B 48 -3.75 32.91 26.25
N ASP B 49 -3.54 32.10 27.30
CA ASP B 49 -2.26 31.58 27.64
C ASP B 49 -1.92 30.24 26.95
N GLU B 50 -2.95 29.46 26.61
CA GLU B 50 -2.69 28.13 26.02
C GLU B 50 -3.98 27.59 25.45
N VAL B 51 -3.80 26.71 24.47
CA VAL B 51 -4.87 25.89 23.92
C VAL B 51 -4.53 24.40 24.09
N ILE B 52 -5.47 23.65 24.66
CA ILE B 52 -5.32 22.23 24.89
C ILE B 52 -6.47 21.48 24.27
N MET B 53 -6.18 20.63 23.27
CA MET B 53 -7.24 19.95 22.52
C MET B 53 -6.99 18.45 22.41
N GLY B 54 -8.06 17.71 22.67
CA GLY B 54 -8.11 16.30 22.52
C GLY B 54 -8.28 15.97 21.06
N ASN B 55 -7.63 14.90 20.64
CA ASN B 55 -7.66 14.41 19.27
C ASN B 55 -7.05 13.04 19.28
N VAL B 56 -7.83 12.04 18.86
CA VAL B 56 -7.38 10.65 18.92
C VAL B 56 -6.75 10.13 17.59
N LEU B 57 -7.38 10.42 16.47
CA LEU B 57 -6.94 9.90 15.16
C LEU B 57 -6.04 10.98 14.56
N GLN B 58 -4.83 11.14 15.14
CA GLN B 58 -3.93 12.18 14.76
C GLN B 58 -3.19 11.80 13.50
N ALA B 59 -3.28 10.54 13.11
CA ALA B 59 -2.58 10.08 11.88
C ALA B 59 -2.81 10.99 10.69
N GLY B 60 -1.68 11.50 10.21
CA GLY B 60 -1.62 12.27 8.99
C GLY B 60 -2.17 13.66 9.12
N LEU B 61 -2.55 14.06 10.32
CA LEU B 61 -3.08 15.41 10.52
C LEU B 61 -2.05 16.50 10.60
N GLY B 62 -0.76 16.11 10.58
CA GLY B 62 0.31 17.09 10.60
C GLY B 62 0.75 17.39 12.03
N GLN B 63 1.87 18.10 12.16
CA GLN B 63 2.41 18.48 13.49
C GLN B 63 1.39 19.02 14.47
N ASN B 64 1.26 18.39 15.64
CA ASN B 64 0.52 18.95 16.79
C ASN B 64 -0.82 19.60 16.40
N PRO B 65 -1.82 18.78 16.07
CA PRO B 65 -3.12 19.31 15.64
C PRO B 65 -3.67 20.47 16.47
N ALA B 66 -3.53 20.45 17.79
CA ALA B 66 -4.02 21.54 18.62
C ALA B 66 -3.44 22.89 18.29
N ARG B 67 -2.15 22.92 18.00
CA ARG B 67 -1.45 24.16 17.62
C ARG B 67 -1.94 24.63 16.25
N GLN B 68 -2.14 23.69 15.34
CA GLN B 68 -2.70 24.03 14.02
C GLN B 68 -4.09 24.67 14.19
N ALA B 69 -4.89 24.08 15.08
CA ALA B 69 -6.22 24.58 15.30
C ALA B 69 -6.19 25.97 15.94
N LEU B 70 -5.35 26.16 16.95
CA LEU B 70 -5.28 27.50 17.54
C LEU B 70 -4.80 28.56 16.54
N LEU B 71 -3.83 28.22 15.68
CA LEU B 71 -3.39 29.19 14.66
C LEU B 71 -4.54 29.50 13.69
N LYS B 72 -5.26 28.47 13.27
CA LYS B 72 -6.37 28.63 12.34
CA LYS B 72 -6.37 28.63 12.34
C LYS B 72 -7.50 29.46 12.94
N SER B 73 -7.63 29.42 14.25
CA SER B 73 -8.66 30.17 14.97
C SER B 73 -8.40 31.67 15.00
N GLY B 74 -7.18 32.08 14.68
CA GLY B 74 -6.78 33.48 14.68
C GLY B 74 -5.93 33.91 15.88
N LEU B 75 -5.61 32.98 16.77
CA LEU B 75 -4.78 33.32 17.91
C LEU B 75 -3.32 33.58 17.46
N ALA B 76 -2.63 34.43 18.21
CA ALA B 76 -1.30 34.83 17.84
C ALA B 76 -0.36 33.63 17.94
N GLU B 77 0.71 33.70 17.17
CA GLU B 77 1.72 32.65 17.16
C GLU B 77 2.44 32.49 18.51
N THR B 78 2.32 33.48 19.40
CA THR B 78 2.84 33.40 20.76
C THR B 78 1.99 32.56 21.67
N VAL B 79 0.80 32.17 21.24
CA VAL B 79 -0.07 31.33 22.06
C VAL B 79 0.28 29.85 21.85
N CYS B 80 0.73 29.20 22.91
CA CYS B 80 1.12 27.78 22.90
C CYS B 80 -0.03 26.81 22.93
N GLY B 81 0.22 25.61 22.46
CA GLY B 81 -0.82 24.61 22.54
C GLY B 81 -0.30 23.23 22.30
N PHE B 82 -1.06 22.25 22.75
CA PHE B 82 -0.65 20.83 22.63
C PHE B 82 -1.84 19.95 22.58
N THR B 83 -1.62 18.78 22.01
CA THR B 83 -2.64 17.82 21.72
C THR B 83 -2.60 16.67 22.70
N VAL B 84 -3.79 16.26 23.15
CA VAL B 84 -3.94 15.24 24.16
C VAL B 84 -4.64 14.06 23.58
N ASN B 85 -4.12 12.89 23.93
CA ASN B 85 -4.78 11.65 23.59
C ASN B 85 -4.95 10.78 24.80
N VAL B 87 -7.75 8.67 24.41
CA VAL B 87 -8.85 8.03 23.62
C VAL B 87 -10.17 8.83 23.83
N GLY B 89 -11.59 9.79 26.36
CA GLY B 89 -11.47 10.75 27.44
C GLY B 89 -10.82 12.08 27.06
N SER B 90 -10.28 12.17 25.86
CA SER B 90 -9.32 13.22 25.50
C SER B 90 -9.88 14.61 25.66
N GLY B 91 -11.11 14.78 25.25
CA GLY B 91 -11.72 16.10 25.31
C GLY B 91 -12.00 16.57 26.73
N LEU B 92 -12.34 15.65 27.63
CA LEU B 92 -12.52 16.04 29.01
C LEU B 92 -11.18 16.20 29.75
N LYS B 93 -10.23 15.34 29.42
CA LYS B 93 -8.88 15.38 30.00
C LYS B 93 -8.28 16.74 29.70
N SER B 94 -8.50 17.23 28.51
CA SER B 94 -7.98 18.52 28.12
C SER B 94 -8.51 19.62 29.06
N VAL B 95 -9.82 19.59 29.37
CA VAL B 95 -10.36 20.57 30.31
C VAL B 95 -9.78 20.41 31.72
N ALA B 96 -9.65 19.16 32.16
CA ALA B 96 -9.08 18.88 33.45
C ALA B 96 -7.62 19.40 33.55
N LEU B 97 -6.84 19.22 32.49
CA LEU B 97 -5.53 19.82 32.39
C LEU B 97 -5.49 21.35 32.37
N ALA B 98 -6.49 21.98 31.76
CA ALA B 98 -6.57 23.43 31.75
C ALA B 98 -6.85 23.86 33.13
N ALA B 99 -7.80 23.22 33.80
CA ALA B 99 -8.07 23.57 35.18
C ALA B 99 -6.86 23.42 36.08
N GLN B 100 -6.15 22.31 35.93
CA GLN B 100 -4.98 22.04 36.77
C GLN B 100 -3.90 23.13 36.63
N ALA B 101 -3.64 23.52 35.39
CA ALA B 101 -2.67 24.58 35.12
C ALA B 101 -3.08 25.87 35.79
N ILE B 102 -4.37 26.21 35.71
CA ILE B 102 -4.88 27.41 36.37
C ILE B 102 -4.80 27.27 37.88
N GLN B 103 -5.18 26.11 38.41
CA GLN B 103 -5.18 25.90 39.87
C GLN B 103 -3.77 26.06 40.43
N ALA B 104 -2.81 25.55 39.67
CA ALA B 104 -1.40 25.68 39.96
C ALA B 104 -0.76 27.06 39.65
N GLY B 105 -1.57 28.04 39.25
CA GLY B 105 -1.08 29.39 38.91
C GLY B 105 -0.11 29.46 37.74
N GLN B 106 -0.12 28.46 36.87
CA GLN B 106 0.75 28.50 35.71
C GLN B 106 0.10 29.23 34.54
N ALA B 107 -1.20 29.49 34.59
CA ALA B 107 -1.88 30.19 33.53
C ALA B 107 -3.11 30.86 34.15
N GLN B 108 -3.68 31.81 33.41
CA GLN B 108 -4.89 32.47 33.82
C GLN B 108 -6.06 32.17 32.90
N SER B 109 -5.80 31.92 31.62
CA SER B 109 -6.87 31.70 30.63
C SER B 109 -6.42 30.67 29.61
N ILE B 110 -7.20 29.60 29.49
CA ILE B 110 -6.92 28.53 28.55
C ILE B 110 -8.19 28.13 27.79
N VAL B 111 -8.04 27.84 26.52
CA VAL B 111 -9.09 27.23 25.80
C VAL B 111 -8.82 25.76 25.69
N ALA B 112 -9.80 24.96 26.09
CA ALA B 112 -9.67 23.55 26.11
C ALA B 112 -10.87 22.86 25.59
N GLY B 113 -10.62 21.70 24.99
CA GLY B 113 -11.72 20.88 24.51
C GLY B 113 -11.20 19.78 23.64
N GLY B 114 -11.87 19.53 22.51
CA GLY B 114 -11.42 18.42 21.64
C GLY B 114 -12.08 18.46 20.28
N MET B 115 -11.57 17.65 19.38
CA MET B 115 -11.90 17.72 17.97
C MET B 115 -11.62 16.39 17.34
N GLU B 116 -12.54 15.92 16.51
CA GLU B 116 -12.33 14.67 15.85
C GLU B 116 -13.06 14.64 14.53
N ASN B 117 -12.40 14.14 13.49
CA ASN B 117 -13.12 13.86 12.25
C ASN B 117 -12.78 12.45 11.87
N MET B 118 -13.70 11.57 12.22
CA MET B 118 -13.55 10.17 11.98
C MET B 118 -13.81 9.84 10.50
N SER B 119 -14.64 10.61 9.82
CA SER B 119 -14.86 10.41 8.34
C SER B 119 -13.60 10.55 7.52
N LEU B 120 -12.70 11.42 7.98
CA LEU B 120 -11.51 11.73 7.23
C LEU B 120 -10.29 10.93 7.72
N ALA B 121 -10.48 9.97 8.61
CA ALA B 121 -9.37 9.17 9.08
C ALA B 121 -8.79 8.37 7.94
N PRO B 122 -7.45 8.31 7.90
CA PRO B 122 -6.74 7.59 6.82
C PRO B 122 -6.57 6.09 7.04
N TYR B 123 -5.97 5.44 6.03
CA TYR B 123 -5.54 4.03 6.08
C TYR B 123 -4.00 4.00 6.17
N LEU B 124 -3.44 2.95 6.80
CA LEU B 124 -2.00 2.78 6.99
C LEU B 124 -1.40 1.48 6.42
N LEU B 125 -0.23 1.58 5.80
CA LEU B 125 0.65 0.44 5.61
C LEU B 125 1.49 0.35 6.86
N ASP B 126 1.73 -0.86 7.37
CA ASP B 126 2.69 -1.16 8.43
C ASP B 126 4.09 -0.61 8.17
N ALA B 127 4.91 -0.53 9.21
CA ALA B 127 6.30 -0.14 9.04
C ALA B 127 7.05 -1.00 8.08
N LYS B 128 6.59 -2.25 7.84
CA LYS B 128 7.30 -3.13 6.88
C LYS B 128 7.38 -2.49 5.48
N ALA B 129 6.46 -1.60 5.17
CA ALA B 129 6.55 -0.82 3.95
C ALA B 129 7.81 0.05 3.90
N ARG B 130 8.21 0.59 5.06
CA ARG B 130 9.32 1.50 5.09
C ARG B 130 10.64 0.74 5.04
N SER B 131 10.75 -0.36 5.77
CA SER B 131 11.98 -1.17 5.75
C SER B 131 12.01 -2.21 4.61
N GLY B 132 10.84 -2.47 4.03
CA GLY B 132 10.71 -3.31 2.88
C GLY B 132 9.92 -4.55 3.21
N TYR B 133 8.86 -4.85 2.45
CA TYR B 133 8.14 -6.08 2.68
C TYR B 133 9.00 -7.31 2.44
N ARG B 134 9.90 -7.21 1.48
CA ARG B 134 10.77 -8.32 1.00
C ARG B 134 10.02 -9.47 0.33
N LEU B 135 9.20 -10.21 1.07
CA LEU B 135 8.55 -11.37 0.56
C LEU B 135 7.46 -11.75 1.52
N GLY B 136 6.25 -11.93 1.01
CA GLY B 136 5.08 -12.16 1.87
C GLY B 136 4.15 -10.95 1.94
N ASP B 137 2.89 -11.21 2.25
CA ASP B 137 1.86 -10.18 2.21
C ASP B 137 1.92 -9.29 3.46
N GLY B 138 1.25 -8.14 3.39
CA GLY B 138 1.17 -7.23 4.53
C GLY B 138 -0.26 -6.87 4.70
N GLN B 139 -0.51 -5.93 5.58
CA GLN B 139 -1.88 -5.52 5.86
C GLN B 139 -2.05 -4.02 5.69
N VAL B 140 -3.28 -3.59 5.44
CA VAL B 140 -3.57 -2.15 5.26
C VAL B 140 -4.70 -1.82 6.26
N TYR B 141 -4.35 -0.90 7.14
CA TYR B 141 -5.05 -0.72 8.39
C TYR B 141 -5.93 0.51 8.36
N ASP B 142 -7.18 0.32 8.75
CA ASP B 142 -8.14 1.41 8.95
C ASP B 142 -7.79 2.11 10.26
N VAL B 143 -7.43 3.38 10.21
CA VAL B 143 -6.96 4.08 11.40
C VAL B 143 -8.08 4.28 12.47
N ILE B 144 -9.32 4.42 12.03
CA ILE B 144 -10.46 4.46 12.99
C ILE B 144 -10.38 3.25 13.89
N LEU B 145 -10.20 2.08 13.30
CA LEU B 145 -10.13 0.85 14.09
C LEU B 145 -8.81 0.72 14.85
N ARG B 146 -7.67 0.88 14.18
CA ARG B 146 -6.38 0.60 14.77
C ARG B 146 -6.07 1.52 15.94
N ASP B 147 -6.40 2.81 15.80
CA ASP B 147 -6.05 3.83 16.80
C ASP B 147 -7.19 4.32 17.68
N GLY B 148 -8.42 4.01 17.26
CA GLY B 148 -9.58 4.53 17.88
C GLY B 148 -10.45 3.49 18.55
N LEU B 149 -10.85 2.47 17.82
CA LEU B 149 -12.01 1.60 18.20
C LEU B 149 -11.64 0.18 18.55
N MET B 150 -10.40 -0.24 18.28
CA MET B 150 -9.92 -1.58 18.64
C MET B 150 -9.07 -1.53 19.91
N CYS B 151 -9.24 -2.52 20.78
CA CYS B 151 -8.48 -2.59 22.00
C CYS B 151 -7.05 -2.96 21.69
N ALA B 152 -6.11 -2.18 22.20
CA ALA B 152 -4.71 -2.48 21.91
C ALA B 152 -4.17 -3.63 22.77
N THR B 153 -4.85 -3.96 23.87
CA THR B 153 -4.49 -5.14 24.65
C THR B 153 -5.06 -6.43 24.06
N HIS B 154 -6.36 -6.44 23.76
CA HIS B 154 -7.01 -7.68 23.31
C HIS B 154 -7.22 -7.83 21.84
N GLY B 155 -7.13 -6.75 21.07
CA GLY B 155 -7.21 -6.84 19.61
C GLY B 155 -8.63 -7.01 19.09
N TYR B 156 -9.62 -6.68 19.91
CA TYR B 156 -11.02 -6.76 19.49
C TYR B 156 -11.70 -5.44 19.72
N HIS B 157 -12.88 -5.27 19.15
CA HIS B 157 -13.55 -3.99 19.11
C HIS B 157 -13.99 -3.53 20.48
N MET B 158 -14.09 -2.22 20.69
CA MET B 158 -14.78 -1.67 21.86
C MET B 158 -16.17 -2.30 22.07
N GLY B 159 -16.86 -2.62 20.97
CA GLY B 159 -18.13 -3.32 20.95
C GLY B 159 -18.08 -4.67 21.63
N ILE B 160 -16.94 -5.38 21.53
CA ILE B 160 -16.75 -6.63 22.27
C ILE B 160 -16.57 -6.37 23.79
N THR B 161 -15.88 -5.29 24.17
CA THR B 161 -15.82 -4.93 25.60
C THR B 161 -17.22 -4.64 26.15
N ALA B 162 -18.08 -4.04 25.32
CA ALA B 162 -19.48 -3.82 25.66
C ALA B 162 -20.22 -5.14 25.84
N GLU B 163 -19.94 -6.14 24.99
CA GLU B 163 -20.58 -7.46 25.15
C GLU B 163 -20.10 -8.05 26.46
N ASN B 164 -18.80 -7.92 26.75
CA ASN B 164 -18.22 -8.35 28.02
C ASN B 164 -18.94 -7.77 29.21
N VAL B 165 -19.19 -6.46 29.20
CA VAL B 165 -19.89 -5.80 30.28
C VAL B 165 -21.36 -6.28 30.38
N ALA B 166 -22.03 -6.43 29.24
CA ALA B 166 -23.42 -6.88 29.20
C ALA B 166 -23.58 -8.25 29.88
N LYS B 167 -22.63 -9.15 29.60
CA LYS B 167 -22.62 -10.50 30.16
C LYS B 167 -22.26 -10.46 31.63
N GLU B 168 -21.34 -9.57 32.00
CA GLU B 168 -20.98 -9.37 33.40
C GLU B 168 -22.09 -8.79 34.27
N TYR B 169 -22.92 -7.92 33.70
CA TYR B 169 -23.94 -7.19 34.47
C TYR B 169 -25.41 -7.50 34.13
N THR B 172 -29.47 -7.09 29.12
CA THR B 172 -29.97 -7.81 27.93
C THR B 172 -30.20 -6.91 26.72
N ARG B 173 -30.40 -7.55 25.57
CA ARG B 173 -30.73 -6.89 24.29
C ARG B 173 -31.97 -5.99 24.33
N GLN B 176 -30.90 -3.01 26.47
CA GLN B 176 -30.12 -2.05 25.70
C GLN B 176 -30.95 -1.24 24.67
N ASP B 177 -31.90 -1.92 24.01
CA ASP B 177 -32.77 -1.26 23.03
C ASP B 177 -33.77 -0.29 23.64
N GLU B 178 -34.25 -0.58 24.85
CA GLU B 178 -35.12 0.33 25.57
C GLU B 178 -34.38 1.63 25.92
N LEU B 179 -33.11 1.50 26.30
CA LEU B 179 -32.32 2.66 26.63
C LEU B 179 -32.06 3.47 25.36
N ALA B 180 -31.72 2.78 24.28
CA ALA B 180 -31.50 3.44 23.00
C ALA B 180 -32.71 4.29 22.62
N LEU B 181 -33.91 3.72 22.70
CA LEU B 181 -35.08 4.44 22.27
C LEU B 181 -35.30 5.69 23.13
N HIS B 182 -35.06 5.53 24.42
CA HIS B 182 -35.13 6.63 25.37
C HIS B 182 -34.21 7.79 24.99
N SER B 183 -32.98 7.46 24.61
CA SER B 183 -32.02 8.48 24.20
C SER B 183 -32.48 9.19 22.91
N GLN B 184 -32.93 8.40 21.94
CA GLN B 184 -33.49 8.96 20.71
C GLN B 184 -34.65 9.92 20.99
N ARG B 185 -35.53 9.53 21.89
CA ARG B 185 -36.70 10.36 22.20
C ARG B 185 -36.29 11.67 22.85
N LYS B 186 -35.38 11.58 23.82
CA LYS B 186 -34.89 12.75 24.53
C LYS B 186 -34.14 13.70 23.62
N ALA B 187 -33.33 13.15 22.72
CA ALA B 187 -32.61 13.95 21.73
C ALA B 187 -33.52 14.68 20.77
N ALA B 188 -34.51 13.96 20.27
CA ALA B 188 -35.44 14.53 19.34
C ALA B 188 -36.21 15.68 20.01
N ALA B 189 -36.61 15.45 21.24
CA ALA B 189 -37.34 16.48 21.98
C ALA B 189 -36.46 17.70 22.19
N ALA B 190 -35.20 17.49 22.57
CA ALA B 190 -34.27 18.59 22.83
C ALA B 190 -34.01 19.39 21.56
N ILE B 191 -33.76 18.70 20.47
CA ILE B 191 -33.48 19.36 19.21
C ILE B 191 -34.63 20.20 18.74
N GLU B 192 -35.81 19.59 18.71
CA GLU B 192 -36.97 20.24 18.17
C GLU B 192 -37.32 21.47 19.01
N SER B 193 -37.11 21.40 20.31
CA SER B 193 -37.51 22.49 21.18
C SER B 193 -36.48 23.61 21.25
N GLY B 194 -35.31 23.40 20.67
CA GLY B 194 -34.30 24.43 20.67
C GLY B 194 -33.38 24.40 21.88
N ALA B 195 -33.31 23.26 22.58
CA ALA B 195 -32.47 23.14 23.75
C ALA B 195 -30.97 23.16 23.45
N PHE B 196 -30.58 22.84 22.22
CA PHE B 196 -29.16 22.83 21.87
C PHE B 196 -28.75 24.13 21.15
N THR B 197 -29.71 25.00 20.91
CA THR B 197 -29.44 26.24 20.19
C THR B 197 -28.34 27.08 20.87
N ALA B 198 -28.36 27.20 22.20
CA ALA B 198 -27.40 28.05 22.89
C ALA B 198 -25.98 27.52 22.83
N GLU B 199 -25.82 26.19 22.83
CA GLU B 199 -24.48 25.58 22.93
C GLU B 199 -23.84 25.31 21.58
N ILE B 200 -24.59 25.36 20.50
CA ILE B 200 -24.02 25.07 19.18
C ILE B 200 -23.55 26.30 18.41
N VAL B 201 -22.35 26.19 17.83
CA VAL B 201 -21.85 27.18 16.86
C VAL B 201 -21.97 26.59 15.45
N PRO B 202 -22.65 27.32 14.52
CA PRO B 202 -22.78 26.79 13.17
C PRO B 202 -21.44 26.60 12.47
N VAL B 203 -21.37 25.62 11.57
CA VAL B 203 -20.23 25.43 10.73
C VAL B 203 -20.63 25.61 9.29
N ASN B 204 -20.00 26.54 8.59
CA ASN B 204 -20.23 26.73 7.15
C ASN B 204 -19.34 25.75 6.41
N VAL B 205 -19.94 24.79 5.70
CA VAL B 205 -19.24 23.56 5.28
C VAL B 205 -18.17 23.80 4.19
N VAL B 213 -24.06 26.15 6.26
CA VAL B 213 -24.38 26.24 7.67
C VAL B 213 -24.94 24.91 8.16
N PHE B 214 -24.09 24.13 8.80
CA PHE B 214 -24.50 22.91 9.48
C PHE B 214 -24.69 23.33 10.93
N SER B 215 -25.90 23.22 11.44
CA SER B 215 -26.09 23.59 12.82
C SER B 215 -26.98 22.68 13.64
N GLN B 216 -27.40 21.55 13.08
CA GLN B 216 -28.28 20.62 13.79
C GLN B 216 -27.63 19.24 13.76
N ASP B 217 -27.56 18.62 14.94
CA ASP B 217 -27.09 17.25 15.10
C ASP B 217 -27.85 16.35 14.13
N GLU B 218 -27.14 15.64 13.28
CA GLU B 218 -27.75 14.86 12.22
C GLU B 218 -27.76 13.36 12.46
N PHE B 219 -27.11 12.90 13.53
CA PHE B 219 -27.05 11.47 13.83
C PHE B 219 -28.34 10.90 14.39
N PRO B 220 -29.15 11.72 15.08
CA PRO B 220 -30.38 11.15 15.57
C PRO B 220 -31.22 10.50 14.47
N LYS B 221 -31.85 9.37 14.85
CA LYS B 221 -32.77 8.58 14.04
C LYS B 221 -34.19 8.74 14.59
N ALA B 222 -34.81 9.82 14.13
CA ALA B 222 -36.22 10.05 14.35
C ALA B 222 -37.01 8.81 13.98
N ASN B 223 -38.14 8.64 14.65
CA ASN B 223 -39.03 7.55 14.40
C ASN B 223 -38.39 6.20 14.68
N SER B 224 -37.34 6.17 15.48
CA SER B 224 -36.76 4.90 15.91
C SER B 224 -37.82 4.11 16.68
N THR B 225 -37.87 2.79 16.50
CA THR B 225 -38.84 1.94 17.23
N LEU B 229 -35.66 -1.44 16.30
CA LEU B 229 -34.40 -1.63 17.01
C LEU B 229 -34.19 -3.13 17.26
N GLY B 230 -35.29 -3.81 17.59
CA GLY B 230 -35.27 -5.25 17.87
C GLY B 230 -35.02 -6.14 16.65
N ALA B 231 -35.35 -5.67 15.45
CA LEU B 232 -31.34 -5.26 13.93
C LEU B 232 -30.50 -6.47 14.31
N ARG B 233 -29.51 -6.80 13.49
CA ARG B 233 -28.59 -7.89 13.89
C ARG B 233 -27.42 -7.34 14.69
N PRO B 234 -26.88 -8.16 15.58
CA PRO B 234 -25.68 -7.77 16.37
C PRO B 234 -24.56 -7.33 15.46
C ALA B 235 -21.72 -6.10 15.12
N PHE B 236 -21.27 -6.91 16.07
CA PHE B 236 -19.98 -7.63 15.85
C PHE B 236 -19.70 -8.87 16.65
N ASP B 237 -20.76 -9.52 17.11
CA THR B 241 -26.62 -8.00 22.03
C THR B 241 -26.44 -6.58 21.54
N VAL B 242 -25.20 -6.23 21.21
CA VAL B 242 -24.87 -4.87 20.82
C VAL B 242 -25.07 -4.72 19.29
N THR B 243 -25.81 -3.69 18.91
CA THR B 243 -26.16 -3.42 17.52
C THR B 243 -25.83 -1.97 17.18
N ALA B 244 -25.93 -1.60 15.91
CA ALA B 244 -25.80 -0.21 15.54
C ALA B 244 -26.87 0.67 16.19
N GLY B 245 -28.01 0.08 16.54
CA GLY B 245 -29.11 0.83 17.12
C GLY B 245 -29.01 1.15 18.58
N ASN B 246 -28.23 0.36 19.32
CA ASN B 246 -27.99 0.58 20.76
C ASN B 246 -26.54 0.87 21.10
N ALA B 247 -25.81 1.33 20.08
CA ALA B 247 -24.46 1.79 20.24
C ALA B 247 -24.36 3.20 19.66
N SER B 248 -23.36 3.98 20.12
CA SER B 248 -23.13 5.25 19.45
C SER B 248 -22.45 5.00 18.06
N GLY B 249 -22.23 6.09 17.33
CA GLY B 249 -21.81 6.02 15.97
C GLY B 249 -20.31 6.38 15.87
N ILE B 250 -19.89 6.43 14.62
CA ILE B 250 -18.64 7.04 14.20
C ILE B 250 -19.02 8.43 13.68
N ASN B 251 -18.41 9.48 14.22
CA ASN B 251 -18.90 10.82 14.02
C ASN B 251 -17.83 11.89 14.00
N ASP B 252 -18.21 13.05 13.52
CA ASP B 252 -17.34 14.19 13.40
C ASP B 252 -17.89 15.34 14.25
N GLY B 253 -16.98 16.05 14.92
CA GLY B 253 -17.36 17.24 15.66
C GLY B 253 -16.22 17.79 16.52
N ALA B 254 -16.46 18.93 17.17
CA ALA B 254 -15.53 19.55 18.09
C ALA B 254 -16.30 20.30 19.20
N ALA B 255 -15.61 20.62 20.27
CA ALA B 255 -16.15 21.32 21.37
C ALA B 255 -15.03 22.01 22.10
N ALA B 256 -15.32 23.19 22.64
CA ALA B 256 -14.33 23.90 23.41
C ALA B 256 -14.93 24.79 24.46
N LEU B 257 -14.13 25.07 25.48
CA LEU B 257 -14.54 25.91 26.58
C LEU B 257 -13.38 26.83 26.94
N VAL B 258 -13.71 28.05 27.35
CA VAL B 258 -12.73 28.95 27.94
C VAL B 258 -12.78 28.72 29.43
N ILE B 259 -11.59 28.46 29.99
CA ILE B 259 -11.39 28.18 31.39
C ILE B 259 -10.47 29.28 31.94
N MET B 260 -10.83 29.83 33.10
CA MET B 260 -10.04 30.92 33.69
C MET B 260 -9.88 30.79 35.17
N GLU B 261 -8.84 31.44 35.68
CA GLU B 261 -8.72 31.67 37.11
C GLU B 261 -9.83 32.64 37.51
N GLU B 262 -10.50 32.30 38.60
CA GLU B 262 -11.72 33.00 38.99
C GLU B 262 -11.56 34.53 39.17
N SER B 263 -10.54 34.92 39.95
CA SER B 263 -10.33 36.33 40.24
C SER B 263 -9.99 37.12 38.96
N ALA B 264 -9.27 36.50 38.04
CA ALA B 264 -8.91 37.14 36.78
C ALA B 264 -10.14 37.37 35.91
N ALA B 265 -11.00 36.36 35.81
CA ALA B 265 -12.24 36.47 35.06
C ALA B 265 -13.07 37.65 35.61
N LEU B 266 -13.21 37.73 36.94
CA LEU B 266 -14.03 38.78 37.53
C LEU B 266 -13.37 40.17 37.31
N ALA B 267 -12.07 40.26 37.52
CA ALA B 267 -11.32 41.48 37.31
C ALA B 267 -11.44 41.98 35.87
N ALA B 268 -11.49 41.07 34.90
CA ALA B 268 -11.63 41.47 33.52
C ALA B 268 -13.06 41.79 33.10
N GLY B 269 -14.01 41.76 34.05
CA GLY B 269 -15.41 42.00 33.75
C GLY B 269 -16.10 40.89 32.94
N LEU B 270 -15.65 39.66 33.11
CA LEU B 270 -16.23 38.50 32.44
C LEU B 270 -17.21 37.84 33.39
N THR B 271 -18.05 36.98 32.86
CA THR B 271 -19.08 36.30 33.67
C THR B 271 -18.76 34.80 33.80
N PRO B 272 -18.30 34.35 35.00
CA PRO B 272 -18.14 32.90 35.26
C PRO B 272 -19.46 32.16 35.13
N LEU B 273 -19.44 31.01 34.45
CA LEU B 273 -20.64 30.17 34.32
C LEU B 273 -20.73 28.99 35.30
N ALA B 274 -19.57 28.48 35.69
CA ALA B 274 -19.50 27.38 36.64
C ALA B 274 -18.10 27.30 37.16
N ARG B 275 -17.96 26.67 38.31
CA ARG B 275 -16.65 26.41 38.88
C ARG B 275 -16.39 24.94 38.68
N ILE B 276 -15.15 24.61 38.35
CA ILE B 276 -14.76 23.23 38.25
C ILE B 276 -14.41 22.83 39.67
N LYS B 277 -15.15 21.87 40.24
CA LYS B 277 -15.02 21.48 41.65
C LYS B 277 -13.98 20.35 41.81
N SER B 278 -14.01 19.36 40.92
CA SER B 278 -13.06 18.28 40.97
C SER B 278 -13.01 17.55 39.65
N TYR B 279 -11.94 16.78 39.44
CA TYR B 279 -11.82 15.88 38.28
C TYR B 279 -10.92 14.75 38.69
N ALA B 280 -11.06 13.62 38.01
CA ALA B 280 -10.26 12.41 38.26
C ALA B 280 -10.38 11.43 37.14
N SER B 281 -9.36 10.56 37.05
CA SER B 281 -9.32 9.50 36.07
C SER B 281 -9.22 8.19 36.88
N GLY B 282 -9.73 7.13 36.28
CA GLY B 282 -9.78 5.84 36.91
C GLY B 282 -9.33 4.81 35.90
N GLY B 283 -8.83 3.71 36.42
CA GLY B 283 -8.41 2.59 35.57
C GLY B 283 -9.15 1.30 35.93
N VAL B 284 -9.45 0.52 34.90
CA VAL B 284 -10.14 -0.77 35.01
C VAL B 284 -9.51 -1.70 34.00
N PRO B 285 -9.88 -2.99 34.06
CA PRO B 285 -9.35 -3.84 32.99
C PRO B 285 -9.77 -3.40 31.61
N PRO B 286 -8.83 -3.43 30.64
CA PRO B 286 -9.15 -3.17 29.23
C PRO B 286 -10.41 -3.89 28.72
N ALA B 287 -10.58 -5.17 29.09
CA ALA B 287 -11.76 -5.95 28.67
C ALA B 287 -13.08 -5.40 29.17
N LEU B 288 -13.02 -4.61 30.24
CA LEU B 288 -14.23 -4.04 30.84
C LEU B 288 -14.15 -2.52 30.80
N MET B 289 -13.50 -1.97 29.77
CA MET B 289 -13.21 -0.54 29.69
C MET B 289 -14.47 0.34 29.89
N GLY B 290 -15.62 -0.19 29.48
CA GLY B 290 -16.91 0.46 29.64
C GLY B 290 -17.23 0.87 31.06
N MET B 291 -16.58 0.21 32.04
CA MET B 291 -16.80 0.46 33.47
C MET B 291 -15.88 1.54 34.06
N GLY B 292 -14.97 2.07 33.22
CA GLY B 292 -14.10 3.17 33.63
C GLY B 292 -14.73 4.31 34.41
N PRO B 293 -15.94 4.69 34.03
CA PRO B 293 -16.56 5.79 34.79
C PRO B 293 -16.79 5.52 36.28
N VAL B 294 -16.89 4.26 36.69
CA VAL B 294 -17.08 3.94 38.11
C VAL B 294 -15.96 4.49 39.01
N PRO B 295 -14.69 4.05 38.83
CA PRO B 295 -13.66 4.60 39.73
C PRO B 295 -13.40 6.08 39.51
N ALA B 296 -13.46 6.56 38.26
CA ALA B 296 -13.28 7.99 37.99
C ALA B 296 -14.31 8.84 38.71
N THR B 297 -15.57 8.43 38.63
CA THR B 297 -16.64 9.14 39.35
C THR B 297 -16.45 9.05 40.87
N GLN B 298 -16.19 7.86 41.40
CA GLN B 298 -16.02 7.73 42.86
C GLN B 298 -14.92 8.65 43.38
N LYS B 299 -13.79 8.65 42.68
CA LYS B 299 -12.66 9.54 43.02
C LYS B 299 -12.97 11.02 42.86
N ALA B 300 -13.67 11.40 41.79
CA ALA B 300 -14.02 12.82 41.61
C ALA B 300 -14.99 13.30 42.71
N LEU B 301 -15.93 12.45 43.09
CA LEU B 301 -16.87 12.79 44.16
C LEU B 301 -16.16 12.93 45.48
N GLN B 302 -15.26 12.00 45.75
CA GLN B 302 -14.45 12.03 46.97
C GLN B 302 -13.66 13.33 46.99
N LEU B 303 -12.94 13.65 45.93
CA LEU B 303 -12.17 14.89 45.85
C LEU B 303 -13.03 16.12 46.04
N ALA B 304 -14.28 16.06 45.61
CA ALA B 304 -15.22 17.19 45.75
C ALA B 304 -15.88 17.23 47.14
N GLY B 305 -15.67 16.19 47.96
CA GLY B 305 -16.38 16.07 49.23
C GLY B 305 -17.87 15.79 49.07
N LEU B 306 -18.25 15.08 48.02
CA LEU B 306 -19.66 14.88 47.69
C LEU B 306 -20.03 13.42 47.65
N GLN B 307 -21.32 13.15 47.76
CA GLN B 307 -21.84 11.83 47.47
C GLN B 307 -22.60 11.97 46.17
N LEU B 308 -22.81 10.86 45.49
CA LEU B 308 -23.46 10.86 44.19
C LEU B 308 -24.81 11.54 44.24
N ALA B 309 -25.54 11.32 45.34
CA ALA B 309 -26.89 11.88 45.49
C ALA B 309 -26.90 13.40 45.50
N ASP B 310 -25.77 14.02 45.83
CA ASP B 310 -25.65 15.49 45.80
C ASP B 310 -25.69 16.04 44.35
N ILE B 311 -25.34 15.21 43.37
CA ILE B 311 -25.31 15.65 41.97
C ILE B 311 -26.72 15.81 41.37
N ASP B 312 -26.95 16.96 40.74
CA ASP B 312 -28.27 17.25 40.20
C ASP B 312 -28.48 16.71 38.78
N LEU B 313 -27.45 16.85 37.99
CA LEU B 313 -27.53 16.43 36.62
C LEU B 313 -26.24 15.73 36.26
N ILE B 314 -26.42 14.70 35.42
CA ILE B 314 -25.34 13.84 35.01
C ILE B 314 -25.31 13.71 33.48
N GLU B 315 -24.12 13.87 32.90
CA GLU B 315 -23.84 13.42 31.54
C GLU B 315 -22.89 12.24 31.66
N ALA B 316 -23.40 11.06 31.36
CA ALA B 316 -22.63 9.86 31.33
C ALA B 316 -22.66 9.39 29.87
N ASN B 317 -21.53 9.37 29.20
CA ASN B 317 -21.56 9.13 27.78
C ASN B 317 -22.13 7.74 27.44
N GLU B 318 -22.85 7.66 26.32
CA GLU B 318 -23.44 6.43 25.87
C GLU B 318 -22.60 5.87 24.74
N ALA B 319 -21.39 5.43 25.04
CA ALA B 319 -20.62 4.71 24.04
C ALA B 319 -21.40 3.49 23.57
N PHE B 320 -21.87 2.68 24.51
CA PHE B 320 -22.79 1.57 24.22
C PHE B 320 -23.85 1.51 25.32
N ALA B 321 -25.10 1.29 24.92
CA ALA B 321 -26.16 1.09 25.89
C ALA B 321 -25.69 0.10 26.97
N ALA B 322 -25.01 -0.98 26.57
CA ALA B 322 -24.60 -2.01 27.53
C ALA B 322 -23.75 -1.45 28.67
N GLN B 323 -22.79 -0.63 28.30
CA GLN B 323 -21.84 -0.06 29.23
CA GLN B 323 -21.86 -0.09 29.30
C GLN B 323 -22.52 1.04 30.04
N PHE B 324 -23.26 1.89 29.34
CA PHE B 324 -23.98 2.97 30.00
C PHE B 324 -24.88 2.40 31.12
N LEU B 325 -25.60 1.33 30.80
CA LEU B 325 -26.53 0.72 31.78
C LEU B 325 -25.79 0.05 32.94
N ALA B 326 -24.69 -0.66 32.66
CA ALA B 326 -23.92 -1.31 33.72
C ALA B 326 -23.33 -0.29 34.68
N VAL B 327 -22.77 0.79 34.13
CA VAL B 327 -22.26 1.88 34.95
C VAL B 327 -23.37 2.43 35.82
N GLY B 328 -24.54 2.65 35.21
CA GLY B 328 -25.70 3.16 35.96
C GLY B 328 -26.15 2.30 37.13
N LYS B 329 -26.23 0.98 36.88
CA LYS B 329 -26.62 0.01 37.90
C LYS B 329 -25.52 -0.07 38.97
N ASN B 330 -24.24 -0.04 38.57
CA ASN B 330 -23.14 -0.10 39.55
C ASN B 330 -23.15 1.08 40.52
N LEU B 331 -23.28 2.29 39.97
CA LEU B 331 -23.20 3.52 40.77
C LEU B 331 -24.52 3.92 41.37
N GLY B 332 -25.62 3.48 40.76
CA GLY B 332 -26.96 3.75 41.27
C GLY B 332 -27.48 5.11 40.83
N PHE B 333 -27.20 5.45 39.56
CA PHE B 333 -27.71 6.69 38.95
C PHE B 333 -29.24 6.76 39.00
N ASP B 334 -29.75 7.94 39.34
CA ASP B 334 -31.16 8.28 39.15
C ASP B 334 -31.36 8.58 37.69
N SER B 335 -32.01 7.69 36.97
CA SER B 335 -32.06 7.80 35.49
C SER B 335 -32.72 9.10 35.04
N GLU B 336 -33.58 9.68 35.87
CA GLU B 336 -34.23 10.97 35.56
C GLU B 336 -33.19 12.10 35.47
N LYS B 337 -32.03 11.93 36.10
CA LYS B 337 -31.01 12.97 36.15
C LYS B 337 -29.97 12.86 35.01
N VAL B 338 -30.04 11.80 34.22
CA VAL B 338 -28.97 11.44 33.30
C VAL B 338 -29.34 11.76 31.83
N ASN B 339 -28.43 12.44 31.16
CA ASN B 339 -28.49 12.71 29.72
C ASN B 339 -29.89 13.25 29.35
N VAL B 340 -30.24 14.34 30.02
CA VAL B 340 -31.60 14.82 29.98
C VAL B 340 -32.02 15.30 28.59
N ASN B 341 -31.04 15.65 27.74
CA ASN B 341 -31.31 16.05 26.37
C ASN B 341 -30.93 14.96 25.37
N GLY B 342 -30.78 13.72 25.86
CA GLY B 342 -30.28 12.62 25.02
C GLY B 342 -28.79 12.46 25.13
N GLY B 343 -28.31 11.31 24.68
CA GLY B 343 -26.90 10.94 24.72
C GLY B 343 -26.37 10.47 23.38
N ALA B 344 -25.12 9.99 23.39
CA ALA B 344 -24.39 9.64 22.17
C ALA B 344 -25.02 8.55 21.26
N ILE B 345 -25.92 7.71 21.78
CA ILE B 345 -26.62 6.74 20.92
C ILE B 345 -27.40 7.49 19.84
N ALA B 346 -28.04 8.59 20.25
CA ALA B 346 -28.71 9.50 19.33
C ALA B 346 -27.76 10.57 18.74
N LEU B 347 -26.88 11.14 19.53
CA LEU B 347 -26.16 12.35 19.12
C LEU B 347 -24.81 12.08 18.43
N GLY B 348 -24.24 10.92 18.70
CA GLY B 348 -22.94 10.54 18.06
C GLY B 348 -21.78 10.72 18.98
N HIS B 349 -20.62 10.21 18.55
CA HIS B 349 -19.48 10.03 19.42
C HIS B 349 -18.15 10.30 18.68
N PRO B 350 -17.91 11.58 18.38
CA PRO B 350 -16.66 11.98 17.78
C PRO B 350 -15.56 11.90 18.85
N ILE B 351 -14.81 10.80 18.81
CA ILE B 351 -14.09 10.32 20.02
C ILE B 351 -13.25 11.34 20.74
N GLY B 352 -12.37 12.07 20.08
CA GLY B 352 -11.53 13.05 20.83
C GLY B 352 -12.28 14.29 21.31
N ALA B 353 -13.47 14.53 20.79
CA ALA B 353 -14.28 15.67 21.17
C ALA B 353 -15.34 15.37 22.23
N SER B 354 -15.78 14.11 22.35
CA SER B 354 -16.95 13.80 23.16
C SER B 354 -16.83 14.22 24.61
N GLY B 355 -15.66 14.03 25.20
CA GLY B 355 -15.47 14.44 26.60
C GLY B 355 -15.75 15.89 26.85
N ALA B 356 -15.36 16.74 25.93
CA ALA B 356 -15.68 18.15 26.05
C ALA B 356 -17.11 18.39 25.64
N ARG B 357 -17.58 17.65 24.64
CA ARG B 357 -18.96 17.82 24.13
C ARG B 357 -19.98 17.59 25.25
N ILE B 358 -19.83 16.50 25.98
CA ILE B 358 -20.74 16.25 27.11
C ILE B 358 -20.70 17.31 28.18
N LEU B 359 -19.52 17.88 28.45
CA LEU B 359 -19.39 18.93 29.46
C LEU B 359 -20.12 20.21 29.05
N VAL B 360 -19.98 20.55 27.77
CA VAL B 360 -20.78 21.63 27.16
C VAL B 360 -22.28 21.39 27.39
N THR B 361 -22.74 20.21 27.01
CA THR B 361 -24.15 19.89 27.14
C THR B 361 -24.61 19.95 28.60
N LEU B 362 -23.79 19.39 29.47
CA LEU B 362 -24.09 19.38 30.91
C LEU B 362 -24.28 20.77 31.44
N LEU B 363 -23.35 21.67 31.14
CA LEU B 363 -23.45 23.02 31.66
C LEU B 363 -24.74 23.75 31.16
N HIS B 364 -25.00 23.66 29.87
CA HIS B 364 -26.17 24.30 29.30
C HIS B 364 -27.49 23.72 29.87
N ALA B 365 -27.51 22.42 30.11
CA ALA B 365 -28.67 21.78 30.72
C ALA B 365 -28.84 22.23 32.17
N MET B 366 -27.75 22.39 32.89
CA MET B 366 -27.80 22.93 34.24
C MET B 366 -28.37 24.35 34.29
N GLN B 367 -27.92 25.18 33.36
CA GLN B 367 -28.38 26.55 33.26
C GLN B 367 -29.87 26.58 32.97
N ALA B 368 -30.31 25.77 32.04
CA ALA B 368 -31.69 25.78 31.63
C ALA B 368 -32.60 25.35 32.78
N ARG B 369 -32.12 24.40 33.59
CA ARG B 369 -32.91 23.81 34.69
C ARG B 369 -32.56 24.38 36.06
N ASP B 370 -31.69 25.39 36.07
CA ASP B 370 -31.20 25.97 37.31
C ASP B 370 -30.75 24.93 38.35
N LYS B 371 -29.81 24.08 37.95
CA LYS B 371 -29.33 23.05 38.83
C LYS B 371 -27.95 23.48 39.30
N THR B 372 -27.57 23.01 40.47
CA THR B 372 -26.33 23.46 41.08
C THR B 372 -25.10 22.60 40.78
N LEU B 373 -25.22 21.28 40.95
CA LEU B 373 -24.07 20.37 40.78
C LEU B 373 -24.24 19.40 39.64
N GLY B 374 -23.15 19.22 38.88
CA GLY B 374 -23.17 18.39 37.67
C GLY B 374 -21.94 17.49 37.61
N LEU B 375 -22.14 16.30 37.05
CA LEU B 375 -21.11 15.28 36.83
C LEU B 375 -21.08 14.96 35.35
N ALA B 376 -19.89 14.95 34.80
CA ALA B 376 -19.65 14.45 33.42
C ALA B 376 -18.64 13.32 33.53
N THR B 377 -18.94 12.19 32.89
CA THR B 377 -18.06 11.07 32.94
C THR B 377 -18.18 10.22 31.66
N LEU B 378 -17.03 9.67 31.26
CA LEU B 378 -17.03 8.80 30.08
C LEU B 378 -16.00 7.66 30.20
N CYS B 379 -16.31 6.55 29.52
CA CYS B 379 -15.43 5.39 29.51
C CYS B 379 -14.38 5.59 28.41
N ILE B 380 -13.27 4.88 28.54
CA ILE B 380 -12.10 5.16 27.72
C ILE B 380 -11.51 3.83 27.31
N GLY B 381 -11.39 3.64 26.00
CA GLY B 381 -10.74 2.45 25.48
C GLY B 381 -9.37 2.28 26.09
N GLY B 382 -9.02 1.04 26.39
CA GLY B 382 -7.80 0.77 27.15
C GLY B 382 -7.99 0.62 28.64
N GLY B 383 -9.24 0.72 29.09
CA GLY B 383 -9.61 0.47 30.45
C GLY B 383 -9.41 1.68 31.32
N GLN B 384 -9.95 2.80 30.90
CA GLN B 384 -9.91 3.96 31.73
C GLN B 384 -11.25 4.69 31.77
N GLY B 385 -11.34 5.66 32.66
CA GLY B 385 -12.51 6.54 32.80
C GLY B 385 -12.05 7.89 33.25
N ILE B 386 -12.89 8.87 33.06
CA ILE B 386 -12.57 10.19 33.53
C ILE B 386 -13.87 10.82 33.96
N ALA B 387 -13.80 11.66 34.98
CA ALA B 387 -15.02 12.33 35.49
C ALA B 387 -14.68 13.78 35.93
N MET B 388 -15.68 14.64 35.85
CA MET B 388 -15.55 16.00 36.30
C MET B 388 -16.82 16.43 36.98
N VAL B 389 -16.66 17.14 38.09
CA VAL B 389 -17.79 17.74 38.84
C VAL B 389 -17.67 19.24 38.72
N ILE B 390 -18.78 19.88 38.31
CA ILE B 390 -18.84 21.31 38.18
C ILE B 390 -20.01 21.84 39.00
N GLU B 391 -19.89 23.11 39.38
CA GLU B 391 -20.84 23.79 40.24
C GLU B 391 -21.26 25.13 39.62
N ARG B 392 -22.54 25.27 39.32
CA ARG B 392 -23.09 26.44 38.60
C ARG B 392 -23.30 27.48 39.66
N ALA C 1 -0.46 -24.28 -48.63
CA ALA C 1 1.04 -24.36 -48.55
C ALA C 1 1.51 -25.61 -47.77
N SER C 2 2.80 -25.94 -47.86
CA SER C 2 3.39 -27.04 -47.09
C SER C 2 3.97 -26.49 -45.76
N MET C 3 4.04 -27.34 -44.74
CA MET C 3 4.77 -27.05 -43.48
C MET C 3 6.28 -26.90 -43.74
N LYS C 4 6.90 -26.03 -42.97
CA LYS C 4 8.32 -25.73 -43.11
C LYS C 4 9.09 -26.19 -41.89
N ASN C 5 10.42 -26.29 -42.03
CA ASN C 5 11.30 -26.61 -40.92
C ASN C 5 11.85 -25.33 -40.23
N CYS C 6 11.98 -25.39 -38.91
CA CYS C 6 12.37 -24.27 -38.12
C CYS C 6 13.72 -24.61 -37.51
N VAL C 7 14.70 -23.72 -37.65
CA VAL C 7 16.00 -23.88 -36.94
C VAL C 7 16.32 -22.77 -35.96
N ILE C 8 17.08 -23.11 -34.95
CA ILE C 8 17.67 -22.12 -33.99
C ILE C 8 18.99 -21.64 -34.59
N VAL C 9 19.18 -20.33 -34.70
CA VAL C 9 20.34 -19.70 -35.27
C VAL C 9 21.24 -19.04 -34.25
N SER C 10 20.69 -18.74 -33.09
CA SER C 10 21.47 -18.21 -31.95
C SER C 10 20.69 -18.48 -30.66
N ALA C 11 21.43 -18.44 -29.55
CA ALA C 11 20.88 -18.77 -28.27
C ALA C 11 21.71 -18.13 -27.20
N VAL C 12 21.10 -17.29 -26.37
CA VAL C 12 21.84 -16.52 -25.42
C VAL C 12 21.02 -16.24 -24.17
N ARG C 13 21.72 -15.98 -23.07
CA ARG C 13 21.07 -15.62 -21.82
C ARG C 13 21.87 -14.67 -21.04
N THR C 14 21.22 -13.99 -20.09
CA THR C 14 21.97 -13.32 -19.03
C THR C 14 22.48 -14.40 -18.03
N ALA C 15 23.52 -14.06 -17.27
CA ALA C 15 23.71 -14.73 -16.01
C ALA C 15 22.49 -14.53 -15.12
N ILE C 16 22.26 -15.43 -14.18
CA ILE C 16 21.07 -15.39 -13.38
C ILE C 16 21.40 -14.74 -12.04
N GLY C 17 20.60 -13.72 -11.72
CA GLY C 17 20.76 -12.95 -10.47
C GLY C 17 20.05 -13.56 -9.33
N SER C 18 20.61 -13.37 -8.14
CA SER C 18 19.95 -13.76 -6.90
C SER C 18 18.87 -12.72 -6.58
N PHE C 19 17.89 -13.14 -5.77
CA PHE C 19 16.89 -12.25 -5.18
C PHE C 19 17.60 -11.08 -4.52
N ASN C 20 17.27 -9.85 -4.92
CA ASN C 20 17.91 -8.63 -4.43
C ASN C 20 19.40 -8.61 -4.65
N GLY C 21 19.84 -9.34 -5.67
CA GLY C 21 21.23 -9.42 -6.05
C GLY C 21 21.62 -8.49 -7.19
N SER C 22 22.58 -8.92 -8.02
CA SER C 22 23.23 -8.07 -9.01
C SER C 22 22.30 -7.45 -10.10
N LEU C 23 21.20 -8.17 -10.44
CA LEU C 23 20.23 -7.68 -11.45
C LEU C 23 18.99 -7.02 -10.85
N ALA C 24 18.99 -6.84 -9.53
CA ALA C 24 17.83 -6.36 -8.84
C ALA C 24 17.44 -4.90 -9.22
N SER C 25 18.32 -4.17 -9.92
CA SER C 25 17.99 -2.81 -10.31
C SER C 25 17.70 -2.74 -11.82
N THR C 26 17.87 -3.86 -12.51
CA THR C 26 17.69 -3.93 -13.97
C THR C 26 16.36 -4.59 -14.31
N SER C 27 15.49 -3.79 -14.88
CA SER C 27 14.13 -4.21 -15.16
C SER C 27 14.07 -5.41 -16.08
N ALA C 28 12.99 -6.20 -15.93
CA ALA C 28 12.79 -7.40 -16.75
C ALA C 28 12.89 -7.02 -18.20
N ILE C 29 12.21 -5.92 -18.56
CA ILE C 29 12.17 -5.45 -19.93
C ILE C 29 13.58 -5.08 -20.45
N ASP C 30 14.38 -4.47 -19.63
CA ASP C 30 15.77 -4.15 -20.01
C ASP C 30 16.60 -5.40 -20.15
N LEU C 31 16.34 -6.38 -19.31
CA LEU C 31 17.01 -7.70 -19.44
C LEU C 31 16.58 -8.38 -20.70
N GLY C 32 15.28 -8.33 -21.00
CA GLY C 32 14.74 -8.85 -22.29
C GLY C 32 15.39 -8.16 -23.49
N ALA C 33 15.55 -6.82 -23.45
CA ALA C 33 16.16 -6.11 -24.56
C ALA C 33 17.57 -6.54 -24.79
N THR C 34 18.32 -6.71 -23.70
CA THR C 34 19.72 -7.14 -23.78
C THR C 34 19.86 -8.47 -24.52
N VAL C 35 19.00 -9.43 -24.16
CA VAL C 35 19.10 -10.75 -24.80
C VAL C 35 18.60 -10.73 -26.23
N ILE C 36 17.57 -9.92 -26.51
CA ILE C 36 17.06 -9.81 -27.87
C ILE C 36 18.16 -9.27 -28.79
N LYS C 37 18.83 -8.22 -28.30
CA LYS C 37 19.85 -7.55 -29.10
C LYS C 37 21.00 -8.52 -29.34
N ALA C 38 21.36 -9.24 -28.29
CA ALA C 38 22.51 -10.13 -28.36
C ALA C 38 22.19 -11.33 -29.25
N ALA C 39 20.96 -11.85 -29.21
CA ALA C 39 20.57 -13.03 -30.05
C ALA C 39 20.63 -12.64 -31.51
N ILE C 40 20.14 -11.41 -31.79
CA ILE C 40 20.21 -10.92 -33.15
C ILE C 40 21.67 -10.79 -33.63
N GLU C 41 22.48 -10.15 -32.78
CA GLU C 41 23.91 -9.99 -33.10
C GLU C 41 24.62 -11.31 -33.36
N ARG C 42 24.40 -12.24 -32.45
CA ARG C 42 25.04 -13.56 -32.55
C ARG C 42 24.58 -14.41 -33.72
N ALA C 43 23.34 -14.22 -34.16
CA ALA C 43 22.83 -14.92 -35.33
C ALA C 43 23.40 -14.40 -36.64
N LYS C 44 23.90 -13.17 -36.63
CA LYS C 44 24.34 -12.45 -37.83
C LYS C 44 23.18 -12.19 -38.81
N ILE C 45 21.94 -12.20 -38.32
CA ILE C 45 20.78 -11.93 -39.18
C ILE C 45 20.75 -10.43 -39.43
N ASP C 46 20.19 -10.05 -40.55
CA ASP C 46 19.95 -8.62 -40.79
C ASP C 46 18.79 -8.24 -39.83
N SER C 47 19.00 -7.26 -38.93
CA SER C 47 17.92 -6.92 -37.94
C SER C 47 16.63 -6.44 -38.62
N GLN C 48 16.74 -5.97 -39.84
CA GLN C 48 15.54 -5.49 -40.55
C GLN C 48 14.66 -6.65 -40.98
N HIS C 49 15.13 -7.88 -40.82
CA HIS C 49 14.42 -9.03 -41.28
C HIS C 49 13.72 -9.80 -40.18
N VAL C 50 13.79 -9.31 -38.96
CA VAL C 50 12.99 -9.91 -37.86
C VAL C 50 11.49 -9.64 -38.05
N ASP C 51 10.69 -10.71 -37.99
CA ASP C 51 9.25 -10.61 -38.20
C ASP C 51 8.43 -10.43 -36.93
N GLU C 52 8.96 -10.86 -35.80
CA GLU C 52 8.22 -10.78 -34.51
C GLU C 52 9.19 -11.05 -33.39
N VAL C 53 8.84 -10.54 -32.23
CA VAL C 53 9.44 -10.88 -30.95
C VAL C 53 8.36 -11.46 -30.01
N ILE C 54 8.64 -12.63 -29.48
CA ILE C 54 7.70 -13.32 -28.55
C ILE C 54 8.43 -13.56 -27.24
N MET C 55 7.98 -12.91 -26.15
CA MET C 55 8.66 -13.08 -24.87
C MET C 55 7.75 -13.53 -23.75
N GLY C 56 8.24 -14.50 -22.97
CA GLY C 56 7.62 -14.90 -21.73
C GLY C 56 7.88 -13.88 -20.65
N ASN C 57 6.89 -13.69 -19.80
CA ASN C 57 7.00 -12.82 -18.62
C ASN C 57 5.76 -13.11 -17.72
N VAL C 58 5.98 -13.53 -16.48
CA VAL C 58 4.89 -13.96 -15.58
C VAL C 58 4.37 -12.85 -14.67
N LEU C 59 5.28 -12.11 -14.07
CA LEU C 59 4.95 -11.05 -13.14
C LEU C 59 4.90 -9.70 -13.97
N GLN C 60 3.83 -9.56 -14.75
CA GLN C 60 3.62 -8.40 -15.63
C GLN C 60 3.12 -7.19 -14.87
N ALA C 61 2.71 -7.40 -13.62
CA ALA C 61 2.15 -6.31 -12.84
C ALA C 61 3.02 -5.06 -12.79
N GLY C 62 2.44 -3.96 -13.28
CA GLY C 62 3.08 -2.66 -13.26
C GLY C 62 4.22 -2.48 -14.23
N LEU C 63 4.46 -3.47 -15.06
CA LEU C 63 5.54 -3.35 -16.09
C LEU C 63 5.18 -2.52 -17.33
N GLY C 64 3.91 -2.15 -17.45
CA GLY C 64 3.45 -1.33 -18.60
C GLY C 64 2.94 -2.18 -19.75
N GLN C 65 2.32 -1.53 -20.73
CA GLN C 65 1.77 -2.20 -21.91
C GLN C 65 2.69 -3.18 -22.56
N ASN C 66 2.27 -4.46 -22.63
CA ASN C 66 2.88 -5.47 -23.46
C ASN C 66 4.40 -5.48 -23.32
N PRO C 67 4.85 -6.02 -22.20
CA PRO C 67 6.33 -5.99 -21.95
C PRO C 67 7.19 -6.42 -23.16
N ALA C 68 6.82 -7.47 -23.85
CA ALA C 68 7.59 -7.92 -25.02
C ALA C 68 7.87 -6.84 -26.04
N ARG C 69 6.85 -6.04 -26.33
CA ARG C 69 7.00 -4.97 -27.33
C ARG C 69 7.93 -3.92 -26.79
N GLN C 70 7.81 -3.63 -25.51
CA GLN C 70 8.74 -2.70 -24.90
C GLN C 70 10.17 -3.17 -25.07
N ALA C 71 10.35 -4.46 -24.80
CA ALA C 71 11.69 -5.01 -24.84
C ALA C 71 12.26 -4.99 -26.25
N LEU C 72 11.42 -5.32 -27.23
CA LEU C 72 11.88 -5.25 -28.60
C LEU C 72 12.23 -3.84 -29.05
N LEU C 73 11.45 -2.86 -28.63
CA LEU C 73 11.72 -1.48 -28.99
C LEU C 73 13.03 -1.10 -28.33
N LYS C 74 13.19 -1.44 -27.06
CA LYS C 74 14.44 -1.08 -26.32
C LYS C 74 15.68 -1.73 -26.94
N SER C 75 15.50 -2.90 -27.55
CA SER C 75 16.61 -3.64 -28.21
C SER C 75 17.12 -2.97 -29.46
N GLY C 76 16.35 -1.99 -29.98
CA GLY C 76 16.71 -1.23 -31.19
C GLY C 76 15.97 -1.71 -32.44
N LEU C 77 15.02 -2.62 -32.31
CA LEU C 77 14.30 -3.09 -33.52
C LEU C 77 13.33 -2.04 -33.96
N ALA C 78 12.98 -2.03 -35.24
CA ALA C 78 12.14 -0.97 -35.76
C ALA C 78 10.72 -1.12 -35.22
N GLU C 79 10.01 0.00 -35.24
CA GLU C 79 8.64 0.04 -34.73
C GLU C 79 7.69 -0.81 -35.58
N THR C 80 8.09 -1.17 -36.79
CA THR C 80 7.33 -2.10 -37.62
C THR C 80 7.41 -3.55 -37.18
N VAL C 81 8.32 -3.88 -36.27
CA VAL C 81 8.47 -5.24 -35.76
C VAL C 81 7.43 -5.49 -34.64
N CYS C 82 6.52 -6.40 -34.87
CA CYS C 82 5.52 -6.75 -33.90
C CYS C 82 6.03 -7.60 -32.75
N GLY C 83 5.28 -7.60 -31.64
CA GLY C 83 5.59 -8.53 -30.57
C GLY C 83 4.48 -8.69 -29.54
N PHE C 84 4.58 -9.72 -28.76
CA PHE C 84 3.58 -9.95 -27.69
C PHE C 84 4.16 -10.78 -26.60
N THR C 85 3.48 -10.73 -25.44
CA THR C 85 3.95 -11.34 -24.21
C THR C 85 3.13 -12.56 -23.91
N VAL C 86 3.84 -13.60 -23.47
CA VAL C 86 3.23 -14.89 -23.15
C VAL C 86 3.31 -15.19 -21.71
N ASN C 87 2.21 -15.66 -21.16
CA ASN C 87 2.21 -16.14 -19.77
C ASN C 87 1.66 -17.57 -19.68
N VAL C 89 3.08 -19.35 -16.93
CA VAL C 89 3.89 -19.44 -15.67
C VAL C 89 5.33 -19.83 -15.96
N GLY C 91 6.43 -22.10 -17.67
CA GLY C 91 6.58 -22.54 -19.04
C GLY C 91 6.79 -21.43 -20.07
N SER C 92 6.59 -20.19 -19.63
CA SER C 92 6.42 -19.06 -20.57
C SER C 92 7.57 -18.92 -21.56
N GLY C 93 8.80 -19.03 -21.07
CA GLY C 93 9.91 -18.80 -21.92
C GLY C 93 10.08 -19.90 -22.98
N LEU C 94 9.71 -21.16 -22.66
CA LEU C 94 9.83 -22.19 -23.67
C LEU C 94 8.61 -22.15 -24.61
N LYS C 95 7.47 -21.77 -24.04
CA LYS C 95 6.20 -21.67 -24.84
C LYS C 95 6.41 -20.59 -25.94
N SER C 96 7.11 -19.51 -25.60
CA SER C 96 7.39 -18.45 -26.54
C SER C 96 8.19 -19.03 -27.73
N VAL C 97 9.23 -19.86 -27.47
CA VAL C 97 9.97 -20.48 -28.58
C VAL C 97 9.12 -21.44 -29.38
N ALA C 98 8.27 -22.21 -28.69
CA ALA C 98 7.37 -23.12 -29.36
C ALA C 98 6.46 -22.36 -30.32
N LEU C 99 5.94 -21.25 -29.86
CA LEU C 99 5.10 -20.38 -30.70
C LEU C 99 5.82 -19.76 -31.91
N ALA C 100 7.10 -19.43 -31.72
CA ALA C 100 7.89 -18.92 -32.78
C ALA C 100 8.09 -20.01 -33.83
N ALA C 101 8.43 -21.24 -33.38
CA ALA C 101 8.54 -22.35 -34.28
C ALA C 101 7.28 -22.65 -35.05
N GLN C 102 6.13 -22.66 -34.34
CA GLN C 102 4.89 -22.91 -34.97
C GLN C 102 4.58 -21.88 -36.08
N ALA C 103 4.83 -20.61 -35.82
CA ALA C 103 4.52 -19.57 -36.77
C ALA C 103 5.34 -19.76 -38.02
N ILE C 104 6.60 -20.15 -37.81
CA ILE C 104 7.53 -20.36 -38.94
C ILE C 104 7.06 -21.63 -39.67
N GLN C 105 6.73 -22.69 -38.96
CA GLN C 105 6.30 -23.97 -39.61
C GLN C 105 5.08 -23.73 -40.46
N ALA C 106 4.18 -22.90 -39.96
CA ALA C 106 2.97 -22.53 -40.66
C ALA C 106 3.14 -21.49 -41.77
N GLY C 107 4.38 -21.09 -42.04
CA GLY C 107 4.67 -20.09 -43.06
C GLY C 107 4.14 -18.69 -42.78
N GLN C 108 3.92 -18.35 -41.52
CA GLN C 108 3.42 -17.01 -41.19
C GLN C 108 4.54 -16.04 -40.91
N ALA C 109 5.74 -16.54 -40.74
CA ALA C 109 6.91 -15.70 -40.51
C ALA C 109 8.14 -16.50 -40.99
N GLN C 110 9.26 -15.78 -41.15
CA GLN C 110 10.52 -16.41 -41.46
C GLN C 110 11.55 -16.30 -40.35
N SER C 111 11.51 -15.23 -39.53
CA SER C 111 12.51 -15.01 -38.52
C SER C 111 11.87 -14.35 -37.26
N ILE C 112 12.02 -14.99 -36.14
CA ILE C 112 11.44 -14.53 -34.85
C ILE C 112 12.48 -14.58 -33.80
N VAL C 113 12.46 -13.60 -32.87
CA VAL C 113 13.24 -13.72 -31.67
C VAL C 113 12.29 -14.07 -30.55
N ALA C 114 12.62 -15.14 -29.85
CA ALA C 114 11.76 -15.61 -28.77
C ALA C 114 12.57 -15.96 -27.55
N GLY C 115 11.92 -15.81 -26.38
CA GLY C 115 12.52 -16.25 -25.15
C GLY C 115 11.69 -15.71 -23.99
N GLY C 116 12.35 -15.22 -22.95
CA GLY C 116 11.60 -14.77 -21.76
C GLY C 116 12.50 -13.98 -20.88
N MET C 117 11.86 -13.35 -19.91
CA MET C 117 12.48 -12.35 -19.06
C MET C 117 11.71 -12.24 -17.77
N GLU C 118 12.43 -12.14 -16.65
CA GLU C 118 11.77 -11.97 -15.39
C GLU C 118 12.62 -11.26 -14.42
N ASN C 119 12.06 -10.31 -13.69
CA ASN C 119 12.79 -9.76 -12.57
C ASN C 119 11.90 -9.85 -11.37
N MET C 120 12.11 -10.89 -10.61
CA MET C 120 11.35 -11.17 -9.45
C MET C 120 11.72 -10.22 -8.32
N SER C 121 12.98 -9.76 -8.23
CA SER C 121 13.35 -8.76 -7.23
C SER C 121 12.56 -7.47 -7.31
N LEU C 122 12.15 -7.11 -8.52
CA LEU C 122 11.43 -5.84 -8.77
C LEU C 122 9.92 -6.05 -8.86
N ALA C 123 9.41 -7.25 -8.51
CA ALA C 123 8.00 -7.45 -8.53
C ALA C 123 7.35 -6.52 -7.46
N PRO C 124 6.21 -5.95 -7.80
CA PRO C 124 5.50 -5.02 -6.91
C PRO C 124 4.58 -5.71 -5.93
N TYR C 125 3.88 -4.86 -5.15
CA TYR C 125 2.89 -5.27 -4.18
C TYR C 125 1.56 -4.68 -4.70
N LEU C 126 0.44 -5.28 -4.33
CA LEU C 126 -0.88 -4.83 -4.74
C LEU C 126 -1.86 -4.54 -3.58
N LEU C 127 -2.63 -3.46 -3.74
CA LEU C 127 -3.87 -3.28 -3.01
C LEU C 127 -4.93 -3.95 -3.87
N ASP C 128 -5.87 -4.69 -3.28
CA ASP C 128 -6.87 -5.31 -4.15
C ASP C 128 -7.92 -4.26 -4.60
N ALA C 129 -8.92 -4.72 -5.32
CA ALA C 129 -9.92 -3.85 -5.92
C ALA C 129 -10.67 -3.04 -4.93
N LYS C 130 -10.71 -3.48 -3.67
CA LYS C 130 -11.42 -2.69 -2.60
C LYS C 130 -10.85 -1.27 -2.47
N ALA C 131 -9.59 -1.11 -2.87
CA ALA C 131 -8.92 0.21 -2.87
C ALA C 131 -9.54 1.13 -3.89
N ARG C 132 -9.97 0.54 -5.01
CA ARG C 132 -10.59 1.34 -6.06
C ARG C 132 -12.02 1.73 -5.76
N SER C 133 -12.80 0.81 -5.23
CA SER C 133 -14.23 1.07 -4.91
C SER C 133 -14.38 1.68 -3.52
N GLY C 134 -13.35 1.53 -2.70
CA GLY C 134 -13.25 2.18 -1.40
C GLY C 134 -13.28 1.18 -0.27
N TYR C 135 -12.30 1.21 0.63
CA TYR C 135 -12.32 0.29 1.74
C TYR C 135 -13.47 0.54 2.70
N ARG C 136 -13.93 1.80 2.79
CA ARG C 136 -15.12 2.16 3.55
C ARG C 136 -14.94 2.11 5.05
N LEU C 137 -14.76 0.92 5.61
CA LEU C 137 -14.53 0.72 7.01
C LEU C 137 -13.94 -0.70 7.17
N GLY C 138 -12.83 -0.86 7.88
CA GLY C 138 -12.16 -2.15 8.03
C GLY C 138 -10.87 -2.31 7.23
N ASP C 139 -10.06 -3.28 7.63
CA ASP C 139 -8.70 -3.40 7.13
C ASP C 139 -8.70 -4.11 5.79
N GLY C 140 -7.60 -4.01 5.08
CA GLY C 140 -7.46 -4.70 3.80
C GLY C 140 -6.14 -5.41 3.83
N GLN C 141 -5.76 -5.91 2.67
CA GLN C 141 -4.52 -6.63 2.61
C GLN C 141 -3.64 -6.05 1.55
N VAL C 142 -2.35 -6.33 1.67
CA VAL C 142 -1.40 -5.91 0.66
C VAL C 142 -0.69 -7.15 0.15
N TYR C 143 -0.76 -7.32 -1.16
CA TYR C 143 -0.42 -8.61 -1.78
C TYR C 143 0.90 -8.62 -2.54
N ASP C 144 1.77 -9.58 -2.18
CA ASP C 144 3.06 -9.78 -2.78
C ASP C 144 2.81 -10.41 -4.14
N VAL C 145 3.18 -9.72 -5.21
CA VAL C 145 2.87 -10.21 -6.57
C VAL C 145 3.65 -11.50 -6.95
N ILE C 146 4.88 -11.65 -6.45
CA ILE C 146 5.61 -12.91 -6.63
C ILE C 146 4.73 -14.09 -6.19
N LEU C 147 4.08 -13.99 -5.01
CA LEU C 147 3.27 -15.09 -4.51
C LEU C 147 1.95 -15.18 -5.23
N ARG C 148 1.27 -14.06 -5.38
CA ARG C 148 -0.06 -14.11 -5.89
C ARG C 148 -0.09 -14.58 -7.33
N ASP C 149 0.78 -14.00 -8.14
CA ASP C 149 0.75 -14.21 -9.62
C ASP C 149 1.81 -15.23 -10.13
N GLY C 150 2.72 -15.60 -9.26
CA GLY C 150 3.85 -16.45 -9.60
C GLY C 150 3.93 -17.79 -8.86
N LEU C 151 3.90 -17.77 -7.54
CA LEU C 151 4.26 -18.92 -6.72
C LEU C 151 3.17 -19.61 -5.93
N MET C 152 1.98 -19.04 -5.87
CA MET C 152 0.86 -19.66 -5.16
C MET C 152 -0.12 -20.28 -6.12
N CYS C 153 -0.65 -21.44 -5.77
CA CYS C 153 -1.59 -22.15 -6.60
C CYS C 153 -2.91 -21.43 -6.57
N ALA C 154 -3.47 -21.17 -7.74
CA ALA C 154 -4.74 -20.48 -7.77
C ALA C 154 -5.91 -21.41 -7.47
N THR C 155 -5.72 -22.71 -7.60
CA THR C 155 -6.78 -23.67 -7.25
C THR C 155 -6.80 -23.93 -5.78
N HIS C 156 -5.62 -24.20 -5.19
CA HIS C 156 -5.56 -24.64 -3.79
C HIS C 156 -5.16 -23.59 -2.78
N GLY C 157 -4.53 -22.50 -3.20
CA GLY C 157 -4.18 -21.39 -2.32
C GLY C 157 -2.92 -21.63 -1.52
N TYR C 158 -2.09 -22.56 -1.95
CA TYR C 158 -0.88 -22.85 -1.22
C TYR C 158 0.29 -22.81 -2.20
N HIS C 159 1.50 -22.81 -1.64
CA HIS C 159 2.68 -22.53 -2.41
C HIS C 159 2.99 -23.67 -3.37
N MET C 160 3.64 -23.33 -4.49
CA MET C 160 4.25 -24.39 -5.33
C MET C 160 5.07 -25.41 -4.50
N GLY C 161 5.70 -24.95 -3.41
CA GLY C 161 6.46 -25.79 -2.46
C GLY C 161 5.62 -26.85 -1.80
N ILE C 162 4.34 -26.55 -1.58
CA ILE C 162 3.40 -27.57 -1.07
C ILE C 162 3.03 -28.60 -2.14
N THR C 163 2.91 -28.18 -3.40
CA THR C 163 2.74 -29.16 -4.51
C THR C 163 3.93 -30.11 -4.60
N ALA C 164 5.12 -29.59 -4.29
CA ALA C 164 6.33 -30.42 -4.22
C ALA C 164 6.27 -31.43 -3.09
N GLU C 165 5.73 -31.03 -1.94
CA GLU C 165 5.56 -31.93 -0.82
C GLU C 165 4.60 -33.01 -1.23
N ASN C 166 3.51 -32.62 -1.90
CA ASN C 166 2.51 -33.56 -2.40
C ASN C 166 3.17 -34.62 -3.26
N VAL C 167 4.00 -34.18 -4.20
CA VAL C 167 4.70 -35.13 -5.11
C VAL C 167 5.67 -36.03 -4.36
N ALA C 168 6.42 -35.46 -3.42
CA ALA C 168 7.39 -36.23 -2.65
C ALA C 168 6.70 -37.41 -1.94
N LYS C 169 5.52 -37.15 -1.39
CA LYS C 169 4.76 -38.18 -0.73
C LYS C 169 4.25 -39.20 -1.71
N GLU C 170 3.69 -38.71 -2.80
CA GLU C 170 3.09 -39.59 -3.80
C GLU C 170 4.13 -40.50 -4.43
N TYR C 171 5.38 -40.04 -4.55
CA TYR C 171 6.41 -40.81 -5.21
C TYR C 171 7.50 -41.33 -4.31
N GLY C 172 7.36 -41.15 -3.00
CA GLY C 172 8.38 -41.66 -2.08
C GLY C 172 9.74 -41.04 -2.23
N ILE C 173 9.79 -39.73 -2.48
CA ILE C 173 11.06 -39.00 -2.59
C ILE C 173 11.37 -38.42 -1.19
N THR C 174 12.35 -39.02 -0.50
CA THR C 174 12.68 -38.61 0.87
C THR C 174 13.48 -37.30 0.88
N ARG C 175 13.57 -36.71 2.07
CA ARG C 175 14.49 -35.59 2.33
C ARG C 175 15.91 -35.93 1.88
N GLU C 176 16.34 -37.15 2.17
CA GLU C 176 17.70 -37.57 1.86
C GLU C 176 17.92 -37.58 0.37
N MET C 177 17.01 -38.21 -0.36
CA MET C 177 17.06 -38.22 -1.81
C MET C 177 17.10 -36.80 -2.38
N GLN C 178 16.27 -35.91 -1.82
CA GLN C 178 16.18 -34.51 -2.30
C GLN C 178 17.47 -33.72 -2.08
N ASP C 179 18.04 -33.86 -0.89
CA ASP C 179 19.28 -33.20 -0.55
C ASP C 179 20.48 -33.76 -1.31
N GLU C 180 20.47 -35.05 -1.62
CA GLU C 180 21.51 -35.66 -2.46
C GLU C 180 21.49 -35.10 -3.90
N LEU C 181 20.27 -34.90 -4.41
CA LEU C 181 20.12 -34.32 -5.72
C LEU C 181 20.60 -32.86 -5.71
N ALA C 182 20.21 -32.13 -4.67
CA ALA C 182 20.63 -30.74 -4.53
C ALA C 182 22.13 -30.62 -4.58
N LEU C 183 22.83 -31.48 -3.84
CA LEU C 183 24.27 -31.40 -3.74
C LEU C 183 24.93 -31.67 -5.11
N HIS C 184 24.38 -32.67 -5.81
CA HIS C 184 24.78 -32.98 -7.18
C HIS C 184 24.64 -31.80 -8.13
N SER C 185 23.51 -31.07 -8.06
CA SER C 185 23.31 -29.91 -8.91
C SER C 185 24.29 -28.77 -8.60
N GLN C 186 24.48 -28.50 -7.31
CA GLN C 186 25.50 -27.56 -6.87
C GLN C 186 26.86 -27.92 -7.42
N ARG C 187 27.21 -29.20 -7.37
CA ARG C 187 28.54 -29.63 -7.78
C ARG C 187 28.75 -29.44 -9.27
N LYS C 188 27.75 -29.86 -10.04
CA LYS C 188 27.81 -29.75 -11.49
C LYS C 188 27.84 -28.31 -11.96
N ALA C 189 27.08 -27.45 -11.28
CA ALA C 189 27.09 -26.04 -11.59
C ALA C 189 28.44 -25.44 -11.35
N ALA C 190 29.01 -25.77 -10.21
CA ALA C 190 30.21 -25.14 -9.76
C ALA C 190 31.29 -25.52 -10.78
N ALA C 191 31.27 -26.78 -11.17
CA ALA C 191 32.24 -27.23 -12.14
C ALA C 191 32.09 -26.51 -13.48
N ALA C 192 30.84 -26.35 -13.95
CA ALA C 192 30.59 -25.72 -15.23
C ALA C 192 31.03 -24.29 -15.19
N ILE C 193 30.67 -23.60 -14.12
CA ILE C 193 31.01 -22.16 -14.00
C ILE C 193 32.50 -21.96 -14.03
N GLU C 194 33.18 -22.66 -13.15
CA GLU C 194 34.62 -22.44 -12.97
C GLU C 194 35.38 -22.77 -14.24
N SER C 195 34.91 -23.79 -14.95
CA SER C 195 35.57 -24.20 -16.17
C SER C 195 35.25 -23.39 -17.41
N GLY C 196 34.27 -22.48 -17.33
CA GLY C 196 33.94 -21.65 -18.45
C GLY C 196 32.90 -22.23 -19.39
N ALA C 197 32.16 -23.25 -18.94
CA ALA C 197 31.18 -23.91 -19.79
C ALA C 197 30.01 -22.97 -20.15
N PHE C 198 29.78 -21.93 -19.36
CA PHE C 198 28.65 -21.01 -19.60
C PHE C 198 29.10 -19.77 -20.32
N THR C 199 30.40 -19.66 -20.56
CA THR C 199 30.94 -18.48 -21.20
C THR C 199 30.29 -18.17 -22.55
N ALA C 200 30.14 -19.19 -23.39
CA ALA C 200 29.64 -18.98 -24.72
C ALA C 200 28.22 -18.45 -24.70
N GLU C 201 27.40 -18.94 -23.77
CA GLU C 201 25.92 -18.70 -23.84
C GLU C 201 25.51 -17.40 -23.12
N ILE C 202 26.40 -16.85 -22.31
CA ILE C 202 26.04 -15.67 -21.51
C ILE C 202 26.42 -14.37 -22.16
N VAL C 203 25.51 -13.44 -22.16
CA VAL C 203 25.77 -12.04 -22.54
C VAL C 203 25.88 -11.22 -21.26
N PRO C 204 26.99 -10.51 -21.07
CA PRO C 204 27.11 -9.65 -19.89
C PRO C 204 26.08 -8.57 -19.78
N VAL C 205 25.75 -8.21 -18.55
CA VAL C 205 24.87 -7.07 -18.28
C VAL C 205 25.64 -6.01 -17.54
N ASN C 206 25.66 -4.80 -18.11
CA ASN C 206 26.24 -3.68 -17.39
C ASN C 206 25.29 -3.14 -16.40
N VAL C 207 25.71 -3.07 -15.15
CA VAL C 207 24.86 -2.61 -14.07
C VAL C 207 25.42 -1.24 -13.56
N VAL C 208 24.63 -0.18 -13.74
CA VAL C 208 25.02 1.17 -13.37
C VAL C 208 24.06 1.65 -12.29
N THR C 209 24.63 1.91 -11.11
CA THR C 209 23.89 2.47 -10.00
C THR C 209 24.68 3.65 -9.40
N ARG C 210 24.01 4.50 -8.61
CA ARG C 210 24.68 5.53 -7.82
C ARG C 210 25.92 4.98 -7.11
N LYS C 211 25.68 4.05 -6.17
CA LYS C 211 26.73 3.46 -5.34
C LYS C 211 27.76 2.63 -6.09
N LYS C 212 27.42 2.09 -7.26
CA LYS C 212 28.40 1.27 -8.02
C LYS C 212 28.14 1.01 -9.52
N THR C 213 29.20 0.79 -10.30
CA THR C 213 29.03 0.33 -11.69
C THR C 213 29.85 -0.92 -11.90
N PHE C 214 29.28 -1.94 -12.55
CA PHE C 214 29.98 -3.21 -12.73
C PHE C 214 29.32 -4.06 -13.84
N VAL C 215 30.03 -5.09 -14.29
CA VAL C 215 29.53 -6.00 -15.32
C VAL C 215 29.15 -7.30 -14.67
N PHE C 216 27.94 -7.75 -14.88
CA PHE C 216 27.47 -9.00 -14.26
C PHE C 216 27.49 -10.09 -15.33
N SER C 217 28.34 -11.10 -15.13
CA SER C 217 28.43 -12.15 -16.12
C SER C 217 28.55 -13.58 -15.63
N GLN C 218 28.43 -13.79 -14.31
CA GLN C 218 28.54 -15.07 -13.73
C GLN C 218 27.33 -15.33 -12.85
N ASP C 219 26.66 -16.47 -13.08
CA ASP C 219 25.57 -16.89 -12.23
C ASP C 219 25.99 -16.76 -10.76
N GLU C 220 25.18 -16.07 -9.97
CA GLU C 220 25.52 -15.83 -8.58
C GLU C 220 24.70 -16.59 -7.57
N PHE C 221 23.69 -17.31 -8.00
CA PHE C 221 22.87 -18.12 -7.05
C PHE C 221 23.56 -19.38 -6.50
N PRO C 222 24.51 -19.97 -7.24
CA PRO C 222 25.14 -21.16 -6.67
C PRO C 222 25.78 -20.96 -5.26
N LYS C 223 25.69 -22.03 -4.43
CA LYS C 223 26.16 -22.10 -3.05
C LYS C 223 27.35 -23.08 -2.95
N ALA C 224 28.50 -22.52 -3.25
CA ALA C 224 29.78 -23.19 -3.07
C ALA C 224 29.79 -23.67 -1.63
N ASN C 225 30.56 -24.72 -1.41
CA ASN C 225 30.74 -25.19 -0.05
C ASN C 225 29.46 -25.77 0.47
N SER C 226 28.47 -25.98 -0.39
CA SER C 226 27.30 -26.75 -0.04
C SER C 226 27.78 -28.13 0.42
N THR C 227 27.25 -28.65 1.53
CA THR C 227 27.66 -29.96 2.04
C THR C 227 26.42 -30.73 2.40
N ALA C 228 26.54 -32.07 2.40
CA ALA C 228 25.43 -32.94 2.75
C ALA C 228 24.95 -32.61 4.17
N GLU C 229 25.88 -32.44 5.09
CA GLU C 229 25.53 -32.16 6.48
C GLU C 229 24.76 -30.84 6.59
N ALA C 230 25.25 -29.80 5.88
CA ALA C 230 24.58 -28.48 5.98
C ALA C 230 23.20 -28.54 5.41
N LEU C 231 23.07 -29.15 4.23
CA LEU C 231 21.79 -29.31 3.57
C LEU C 231 20.82 -30.05 4.50
N GLY C 232 21.31 -31.10 5.16
CA GLY C 232 20.51 -31.89 6.10
C GLY C 232 20.06 -31.14 7.33
N ALA C 233 20.79 -30.10 7.70
CA ALA C 233 20.43 -29.29 8.88
C ALA C 233 19.37 -28.19 8.62
N LEU C 234 19.00 -27.96 7.37
CA LEU C 234 18.03 -26.90 7.07
C LEU C 234 16.62 -27.29 7.50
N ARG C 235 15.83 -26.31 7.91
CA ARG C 235 14.44 -26.52 8.27
C ARG C 235 13.56 -26.52 7.00
N PRO C 236 12.49 -27.33 6.96
CA PRO C 236 11.53 -27.29 5.84
C PRO C 236 11.03 -25.88 5.65
N ALA C 237 10.85 -25.47 4.40
CA ALA C 237 10.52 -24.09 4.08
C ALA C 237 9.03 -23.77 4.01
N PHE C 238 8.19 -24.78 3.74
CA PHE C 238 6.78 -24.57 3.47
C PHE C 238 5.84 -25.34 4.41
N ASP C 239 6.33 -26.41 5.01
CA ASP C 239 5.50 -27.19 5.94
C ASP C 239 6.41 -27.68 7.02
N LYS C 240 6.11 -27.33 8.28
CA LYS C 240 6.97 -27.67 9.39
C LYS C 240 7.29 -29.17 9.46
N ALA C 241 6.45 -30.00 8.87
CA ALA C 241 6.63 -31.45 8.83
C ALA C 241 7.14 -31.95 7.47
N GLY C 242 7.65 -31.03 6.66
CA GLY C 242 7.95 -31.32 5.28
C GLY C 242 9.36 -31.78 5.00
N THR C 243 9.64 -31.97 3.72
CA THR C 243 10.99 -32.38 3.22
C THR C 243 11.65 -31.33 2.34
N VAL C 244 10.87 -30.37 1.86
CA VAL C 244 11.35 -29.35 0.92
C VAL C 244 11.91 -28.16 1.70
N THR C 245 13.13 -27.77 1.35
CA THR C 245 13.87 -26.72 2.02
C THR C 245 14.44 -25.74 1.02
N ALA C 246 15.02 -24.65 1.49
CA ALA C 246 15.64 -23.70 0.58
C ALA C 246 16.83 -24.30 -0.12
N GLY C 247 17.42 -25.33 0.49
CA GLY C 247 18.58 -25.98 -0.10
C GLY C 247 18.31 -26.96 -1.20
N ASN C 248 17.11 -27.53 -1.26
CA ASN C 248 16.70 -28.51 -2.27
C ASN C 248 15.54 -27.99 -3.17
N ALA C 249 15.37 -26.67 -3.20
CA ALA C 249 14.42 -25.99 -4.04
C ALA C 249 15.16 -24.92 -4.81
N SER C 250 14.64 -24.56 -5.97
CA SER C 250 15.25 -23.44 -6.68
CA SER C 250 15.14 -23.42 -6.73
C SER C 250 14.94 -22.17 -5.93
N GLY C 251 15.49 -21.07 -6.42
CA GLY C 251 15.27 -19.77 -5.80
C GLY C 251 14.25 -18.89 -6.48
N ILE C 252 14.22 -17.67 -6.00
CA ILE C 252 13.56 -16.56 -6.63
C ILE C 252 14.72 -15.79 -7.28
N ASN C 253 14.59 -15.53 -8.57
CA ASN C 253 15.69 -15.02 -9.33
C ASN C 253 15.33 -14.06 -10.48
N ASP C 254 16.34 -13.40 -11.00
CA ASP C 254 16.22 -12.47 -12.09
C ASP C 254 17.05 -12.92 -13.28
N GLY C 255 16.53 -12.74 -14.48
CA GLY C 255 17.29 -13.04 -15.67
C GLY C 255 16.43 -13.05 -16.91
N ALA C 256 17.06 -13.18 -18.06
CA ALA C 256 16.39 -13.29 -19.35
C ALA C 256 17.15 -14.20 -20.31
N ALA C 257 16.47 -14.62 -21.36
CA ALA C 257 17.11 -15.46 -22.36
C ALA C 257 16.38 -15.25 -23.65
N ALA C 258 17.06 -15.40 -24.78
CA ALA C 258 16.45 -15.32 -26.08
C ALA C 258 17.20 -16.11 -27.16
N LEU C 259 16.45 -16.48 -28.21
CA LEU C 259 16.97 -17.23 -29.38
C LEU C 259 16.39 -16.66 -30.63
N VAL C 260 17.17 -16.69 -31.67
CA VAL C 260 16.68 -16.39 -33.00
C VAL C 260 16.29 -17.70 -33.66
N ILE C 261 15.05 -17.73 -34.12
CA ILE C 261 14.44 -18.87 -34.75
CA ILE C 261 14.47 -18.88 -34.79
C ILE C 261 14.13 -18.51 -36.20
N MET C 262 14.44 -19.39 -37.15
CA MET C 262 14.26 -19.11 -38.57
C MET C 262 13.77 -20.28 -39.35
N GLU C 263 13.07 -19.98 -40.43
CA GLU C 263 12.73 -21.01 -41.40
C GLU C 263 14.03 -21.51 -42.00
N GLU C 264 14.17 -22.83 -42.11
CA GLU C 264 15.47 -23.42 -42.52
C GLU C 264 16.02 -22.93 -43.85
N SER C 265 15.21 -22.94 -44.89
CA SER C 265 15.69 -22.53 -46.23
C SER C 265 16.12 -21.05 -46.21
N ALA C 266 15.39 -20.21 -45.47
CA ALA C 266 15.72 -18.79 -45.36
C ALA C 266 17.08 -18.59 -44.67
N ALA C 267 17.32 -19.32 -43.56
CA ALA C 267 18.58 -19.29 -42.88
C ALA C 267 19.71 -19.68 -43.83
N LEU C 268 19.52 -20.74 -44.59
CA LEU C 268 20.60 -21.24 -45.45
C LEU C 268 20.83 -20.28 -46.60
N ALA C 269 19.76 -19.76 -47.17
CA ALA C 269 19.88 -18.72 -48.18
C ALA C 269 20.64 -17.50 -47.68
N ALA C 270 20.42 -17.11 -46.42
CA ALA C 270 21.15 -15.94 -45.91
C ALA C 270 22.61 -16.20 -45.52
N GLY C 271 23.06 -17.44 -45.73
CA GLY C 271 24.41 -17.86 -45.38
C GLY C 271 24.62 -17.98 -43.91
N LEU C 272 23.55 -18.21 -43.16
CA LEU C 272 23.62 -18.28 -41.70
C LEU C 272 23.82 -19.74 -41.34
N THR C 273 24.25 -19.98 -40.11
CA THR C 273 24.55 -21.36 -39.69
C THR C 273 23.50 -21.85 -38.74
N PRO C 274 22.63 -22.75 -39.20
CA PRO C 274 21.65 -23.36 -38.28
C PRO C 274 22.37 -24.11 -37.18
N LEU C 275 21.96 -23.91 -35.95
CA LEU C 275 22.58 -24.59 -34.83
C LEU C 275 21.80 -25.86 -34.43
N ALA C 276 20.51 -25.87 -34.67
CA ALA C 276 19.71 -27.01 -34.36
C ALA C 276 18.39 -26.85 -35.02
N ARG C 277 17.72 -27.99 -35.23
CA ARG C 277 16.34 -27.96 -35.78
C ARG C 277 15.44 -28.19 -34.58
N ILE C 278 14.31 -27.51 -34.54
CA ILE C 278 13.30 -27.80 -33.54
C ILE C 278 12.52 -28.96 -34.10
N LYS C 279 12.58 -30.15 -33.45
CA LYS C 279 11.94 -31.36 -33.96
C LYS C 279 10.45 -31.47 -33.51
N SER C 280 10.17 -31.14 -32.26
CA SER C 280 8.84 -31.20 -31.74
C SER C 280 8.72 -30.37 -30.47
N TYR C 281 7.49 -30.10 -30.08
CA TYR C 281 7.17 -29.50 -28.81
C TYR C 281 5.76 -29.92 -28.44
N ALA C 282 5.44 -29.80 -27.17
CA ALA C 282 4.09 -30.12 -26.66
C ALA C 282 3.94 -29.63 -25.24
N SER C 283 2.68 -29.43 -24.86
CA SER C 283 2.32 -29.10 -23.51
C SER C 283 1.42 -30.20 -22.95
N GLY C 284 1.43 -30.35 -21.65
CA GLY C 284 0.63 -31.41 -20.94
C GLY C 284 -0.02 -30.80 -19.73
N GLY C 285 -1.10 -31.41 -19.32
CA GLY C 285 -1.82 -30.99 -18.10
C GLY C 285 -1.95 -32.10 -17.10
N VAL C 286 -1.86 -31.72 -15.81
CA VAL C 286 -1.92 -32.61 -14.68
C VAL C 286 -2.70 -31.90 -13.58
N PRO C 287 -3.03 -32.63 -12.53
CA PRO C 287 -3.70 -31.92 -11.46
C PRO C 287 -2.84 -30.82 -10.83
N PRO C 288 -3.47 -29.66 -10.57
CA PRO C 288 -2.74 -28.55 -9.92
C PRO C 288 -1.92 -28.96 -8.68
N ALA C 289 -2.50 -29.83 -7.82
CA ALA C 289 -1.82 -30.36 -6.62
C ALA C 289 -0.55 -31.15 -6.92
N LEU C 290 -0.39 -31.66 -8.15
CA LEU C 290 0.75 -32.39 -8.56
C LEU C 290 1.44 -31.72 -9.73
N MET C 291 1.39 -30.41 -9.79
CA MET C 291 1.88 -29.67 -10.95
C MET C 291 3.32 -30.07 -11.33
N GLY C 292 4.12 -30.44 -10.33
CA GLY C 292 5.49 -30.85 -10.51
C GLY C 292 5.69 -31.99 -11.49
N MET C 293 4.63 -32.76 -11.72
CA MET C 293 4.63 -33.89 -12.70
C MET C 293 4.29 -33.51 -14.12
N GLY C 294 3.98 -32.24 -14.36
CA GLY C 294 3.70 -31.73 -15.70
C GLY C 294 4.60 -32.16 -16.83
N PRO C 295 5.89 -32.28 -16.55
CA PRO C 295 6.78 -32.69 -17.62
C PRO C 295 6.53 -34.06 -18.12
N VAL C 296 5.86 -34.92 -17.34
CA VAL C 296 5.63 -36.31 -17.84
C VAL C 296 4.74 -36.34 -19.11
N PRO C 297 3.46 -35.87 -19.04
CA PRO C 297 2.68 -35.88 -20.29
C PRO C 297 3.29 -35.00 -21.40
N ALA C 298 3.87 -33.87 -21.06
CA ALA C 298 4.49 -32.97 -22.07
C ALA C 298 5.62 -33.66 -22.78
N THR C 299 6.49 -34.32 -22.02
CA THR C 299 7.64 -35.08 -22.64
C THR C 299 7.09 -36.24 -23.49
N GLN C 300 6.17 -37.03 -22.96
CA GLN C 300 5.65 -38.16 -23.71
C GLN C 300 5.11 -37.76 -25.06
N LYS C 301 4.30 -36.73 -25.04
CA LYS C 301 3.72 -36.18 -26.28
C LYS C 301 4.77 -35.62 -27.21
N ALA C 302 5.76 -34.87 -26.68
CA ALA C 302 6.80 -34.32 -27.57
C ALA C 302 7.58 -35.47 -28.27
N LEU C 303 7.91 -36.49 -27.51
CA LEU C 303 8.67 -37.61 -28.05
C LEU C 303 7.86 -38.31 -29.11
N GLN C 304 6.59 -38.53 -28.83
CA GLN C 304 5.67 -39.16 -29.78
C GLN C 304 5.60 -38.33 -31.05
N LEU C 305 5.39 -37.03 -30.91
CA LEU C 305 5.40 -36.14 -32.09
C LEU C 305 6.70 -36.18 -32.89
N ALA C 306 7.82 -36.38 -32.20
CA ALA C 306 9.09 -36.46 -32.85
C ALA C 306 9.39 -37.86 -33.45
N GLY C 307 8.57 -38.85 -33.16
CA GLY C 307 8.84 -40.21 -33.56
C GLY C 307 10.01 -40.84 -32.81
N LEU C 308 10.22 -40.44 -31.56
CA LEU C 308 11.37 -40.89 -30.77
C LEU C 308 10.93 -41.61 -29.51
N GLN C 309 11.86 -42.36 -28.94
CA GLN C 309 11.70 -42.89 -27.60
C GLN C 309 12.65 -42.10 -26.74
N LEU C 310 12.36 -42.05 -25.44
CA LEU C 310 13.19 -41.27 -24.50
C LEU C 310 14.68 -41.64 -24.63
N ALA C 311 14.96 -42.94 -24.81
CA ALA C 311 16.36 -43.42 -24.90
C ALA C 311 17.13 -42.79 -26.07
N ASP C 312 16.40 -42.30 -27.08
CA ASP C 312 17.05 -41.66 -28.24
C ASP C 312 17.66 -40.34 -27.87
N ILE C 313 17.14 -39.70 -26.80
CA ILE C 313 17.62 -38.40 -26.38
C ILE C 313 19.03 -38.47 -25.74
N ASP C 314 19.93 -37.63 -26.21
CA ASP C 314 21.27 -37.60 -25.72
C ASP C 314 21.48 -36.76 -24.47
N LEU C 315 20.84 -35.61 -24.44
CA LEU C 315 21.00 -34.69 -23.33
C LEU C 315 19.65 -34.10 -23.01
N ILE C 316 19.45 -33.89 -21.71
CA ILE C 316 18.16 -33.48 -21.15
C ILE C 316 18.39 -32.29 -20.19
N GLU C 317 17.62 -31.21 -20.39
CA GLU C 317 17.44 -30.17 -19.40
C GLU C 317 16.02 -30.29 -18.85
N ALA C 318 15.92 -30.79 -17.60
CA ALA C 318 14.68 -30.93 -16.90
C ALA C 318 14.79 -29.98 -15.72
N ASN C 319 13.96 -28.94 -15.72
CA ASN C 319 14.16 -27.89 -14.74
C ASN C 319 13.98 -28.42 -13.31
N GLU C 320 14.81 -27.93 -12.41
CA GLU C 320 14.80 -28.33 -11.01
C GLU C 320 13.99 -27.24 -10.21
N ALA C 321 12.69 -27.16 -10.42
CA ALA C 321 11.88 -26.28 -9.59
C ALA C 321 12.04 -26.71 -8.15
N PHE C 322 11.86 -28.01 -7.90
CA PHE C 322 12.12 -28.63 -6.60
C PHE C 322 12.76 -30.00 -6.81
N ALA C 323 13.76 -30.31 -6.00
CA ALA C 323 14.37 -31.65 -6.05
C ALA C 323 13.27 -32.71 -6.03
N ALA C 324 12.23 -32.50 -5.22
CA ALA C 324 11.18 -33.51 -5.08
C ALA C 324 10.54 -33.84 -6.41
N GLN C 325 10.20 -32.79 -7.14
CA GLN C 325 9.49 -32.89 -8.36
C GLN C 325 10.43 -33.36 -9.46
N PHE C 326 11.63 -32.83 -9.49
CA PHE C 326 12.61 -33.27 -10.44
C PHE C 326 12.83 -34.79 -10.34
N LEU C 327 12.96 -35.27 -9.13
CA LEU C 327 13.22 -36.71 -8.89
C LEU C 327 12.04 -37.59 -9.27
N ALA C 328 10.84 -37.16 -8.92
CA ALA C 328 9.65 -37.93 -9.27
C ALA C 328 9.46 -38.04 -10.76
N VAL C 329 9.63 -36.92 -11.47
CA VAL C 329 9.59 -36.89 -12.93
C VAL C 329 10.63 -37.86 -13.44
N GLY C 330 11.82 -37.83 -12.85
CA GLY C 330 12.91 -38.69 -13.35
C GLY C 330 12.61 -40.17 -13.18
N LYS C 331 12.01 -40.50 -12.05
CA LYS C 331 11.63 -41.86 -11.71
C LYS C 331 10.51 -42.32 -12.63
N ASN C 332 9.50 -41.47 -12.84
CA ASN C 332 8.38 -41.81 -13.66
C ASN C 332 8.82 -42.11 -15.08
N LEU C 333 9.62 -41.22 -15.66
CA LEU C 333 9.99 -41.30 -17.07
C LEU C 333 11.17 -42.26 -17.27
N GLY C 334 12.00 -42.40 -16.25
CA GLY C 334 13.15 -43.29 -16.31
C GLY C 334 14.36 -42.60 -16.92
N PHE C 335 14.58 -41.32 -16.56
CA PHE C 335 15.74 -40.58 -17.06
C PHE C 335 17.05 -41.24 -16.70
N ASP C 336 17.99 -41.23 -17.62
CA ASP C 336 19.37 -41.59 -17.34
C ASP C 336 19.97 -40.39 -16.70
N SER C 337 20.23 -40.46 -15.39
CA SER C 337 20.70 -39.26 -14.66
C SER C 337 21.96 -38.65 -15.24
N GLU C 338 22.80 -39.46 -15.88
CA GLU C 338 24.04 -38.93 -16.43
CA GLU C 338 24.07 -38.96 -16.43
C GLU C 338 23.80 -37.99 -17.59
N LYS C 339 22.59 -38.07 -18.18
CA LYS C 339 22.24 -37.25 -19.33
C LYS C 339 21.56 -35.92 -18.94
N VAL C 340 21.22 -35.76 -17.68
CA VAL C 340 20.36 -34.70 -17.25
C VAL C 340 21.15 -33.56 -16.54
N ASN C 341 20.79 -32.32 -16.94
CA ASN C 341 21.33 -31.12 -16.34
C ASN C 341 22.84 -31.25 -16.15
N VAL C 342 23.52 -31.51 -17.23
CA VAL C 342 24.93 -31.84 -17.11
C VAL C 342 25.80 -30.68 -16.57
N ASN C 343 25.33 -29.45 -16.71
CA ASN C 343 26.04 -28.28 -16.18
C ASN C 343 25.36 -27.72 -14.91
N GLY C 344 24.55 -28.55 -14.26
CA GLY C 344 23.75 -28.12 -13.11
C GLY C 344 22.42 -27.58 -13.54
N GLY C 345 21.54 -27.43 -12.56
CA GLY C 345 20.17 -27.02 -12.76
C GLY C 345 19.81 -25.88 -11.83
N ALA C 346 18.52 -25.56 -11.82
CA ALA C 346 18.01 -24.41 -11.12
C ALA C 346 18.16 -24.41 -9.60
N ILE C 347 18.33 -25.56 -8.95
CA ILE C 347 18.61 -25.58 -7.51
C ILE C 347 19.87 -24.77 -7.23
N ALA C 348 20.88 -24.94 -8.10
CA ALA C 348 22.09 -24.12 -8.04
C ALA C 348 21.96 -22.77 -8.81
N LEU C 349 21.36 -22.81 -10.01
CA LEU C 349 21.45 -21.67 -10.94
C LEU C 349 20.39 -20.62 -10.76
N GLY C 350 19.24 -21.03 -10.25
CA GLY C 350 18.11 -20.13 -10.08
C GLY C 350 17.02 -20.28 -11.11
N HIS C 351 15.92 -19.62 -10.82
CA HIS C 351 14.66 -19.86 -11.53
C HIS C 351 13.85 -18.57 -11.75
N PRO C 352 14.33 -17.73 -12.67
CA PRO C 352 13.59 -16.55 -13.08
C PRO C 352 12.40 -16.92 -13.93
N ILE C 353 11.25 -17.00 -13.27
CA ILE C 353 10.17 -17.85 -13.78
C ILE C 353 9.82 -17.69 -15.26
N GLY C 354 9.56 -16.45 -15.76
CA GLY C 354 9.18 -16.28 -17.15
C GLY C 354 10.34 -16.50 -18.14
N ALA C 355 11.55 -16.50 -17.65
CA ALA C 355 12.75 -16.74 -18.51
C ALA C 355 13.23 -18.16 -18.50
N SER C 356 12.92 -18.95 -17.47
CA SER C 356 13.63 -20.24 -17.28
C SER C 356 13.44 -21.20 -18.46
N GLY C 357 12.22 -21.21 -19.05
CA GLY C 357 12.00 -22.11 -20.16
C GLY C 357 12.90 -21.89 -21.35
N ALA C 358 13.19 -20.62 -21.64
CA ALA C 358 14.12 -20.33 -22.67
C ALA C 358 15.54 -20.54 -22.16
N ARG C 359 15.77 -20.23 -20.87
CA ARG C 359 17.13 -20.35 -20.27
C ARG C 359 17.62 -21.78 -20.44
N ILE C 360 16.78 -22.72 -20.08
CA ILE C 360 17.21 -24.17 -20.15
C ILE C 360 17.42 -24.62 -21.56
N LEU C 361 16.68 -24.09 -22.51
CA LEU C 361 16.92 -24.40 -23.93
C LEU C 361 18.23 -23.86 -24.46
N VAL C 362 18.55 -22.65 -24.08
CA VAL C 362 19.94 -22.05 -24.33
C VAL C 362 21.03 -22.95 -23.79
N THR C 363 20.91 -23.31 -22.52
CA THR C 363 21.90 -24.18 -21.85
C THR C 363 21.98 -25.54 -22.55
N LEU C 364 20.81 -26.10 -22.88
CA LEU C 364 20.75 -27.42 -23.55
C LEU C 364 21.52 -27.36 -24.83
N LEU C 365 21.24 -26.36 -25.63
CA LEU C 365 21.88 -26.31 -26.97
C LEU C 365 23.43 -26.17 -26.83
N HIS C 366 23.87 -25.26 -25.99
CA HIS C 366 25.31 -25.07 -25.78
C HIS C 366 25.97 -26.34 -25.22
N ALA C 367 25.30 -27.06 -24.33
CA ALA C 367 25.83 -28.32 -23.83
C ALA C 367 25.90 -29.41 -24.91
N MET C 368 24.92 -29.46 -25.81
CA MET C 368 24.92 -30.36 -26.94
C MET C 368 26.07 -30.06 -27.90
N GLN C 369 26.31 -28.79 -28.13
CA GLN C 369 27.42 -28.38 -28.98
C GLN C 369 28.74 -28.76 -28.38
N ALA C 370 28.87 -28.49 -27.09
CA ALA C 370 30.12 -28.76 -26.42
C ALA C 370 30.48 -30.23 -26.43
N ARG C 371 29.47 -31.08 -26.30
CA ARG C 371 29.62 -32.53 -26.20
C ARG C 371 29.35 -33.27 -27.52
N ASP C 372 29.12 -32.52 -28.59
CA ASP C 372 28.71 -33.05 -29.89
C ASP C 372 27.60 -34.10 -29.82
N LYS C 373 26.43 -33.73 -29.27
CA LYS C 373 25.34 -34.64 -29.10
C LYS C 373 24.27 -34.26 -30.11
N THR C 374 23.48 -35.23 -30.54
CA THR C 374 22.52 -35.01 -31.60
C THR C 374 21.12 -34.63 -31.16
N LEU C 375 20.56 -35.30 -30.16
CA LEU C 375 19.19 -35.03 -29.75
C LEU C 375 19.10 -34.54 -28.30
N GLY C 376 18.26 -33.53 -28.11
CA GLY C 376 18.08 -32.89 -26.81
C GLY C 376 16.62 -32.70 -26.47
N LEU C 377 16.34 -32.72 -25.18
CA LEU C 377 15.02 -32.52 -24.61
C LEU C 377 15.16 -31.41 -23.60
N ALA C 378 14.27 -30.39 -23.66
CA ALA C 378 14.06 -29.43 -22.60
C ALA C 378 12.65 -29.55 -22.07
N THR C 379 12.46 -29.64 -20.75
CA THR C 379 11.12 -29.73 -20.17
C THR C 379 11.04 -29.09 -18.81
N LEU C 380 9.88 -28.50 -18.49
CA LEU C 380 9.65 -27.87 -17.20
C LEU C 380 8.24 -28.11 -16.71
N CYS C 381 8.08 -28.13 -15.38
CA CYS C 381 6.74 -28.15 -14.76
C CYS C 381 6.24 -26.71 -14.67
N ILE C 382 4.94 -26.57 -14.53
CA ILE C 382 4.28 -25.27 -14.66
C ILE C 382 3.22 -25.21 -13.57
N GLY C 383 3.32 -24.20 -12.75
CA GLY C 383 2.25 -23.95 -11.77
C GLY C 383 0.87 -23.92 -12.39
N GLY C 384 -0.09 -24.51 -11.71
CA GLY C 384 -1.46 -24.67 -12.28
C GLY C 384 -1.70 -26.06 -12.86
N GLY C 385 -0.67 -26.91 -12.85
CA GLY C 385 -0.78 -28.28 -13.28
C GLY C 385 -0.49 -28.46 -14.76
N GLN C 386 0.63 -27.93 -15.22
CA GLN C 386 0.99 -28.07 -16.64
C GLN C 386 2.45 -28.41 -16.77
N GLY C 387 2.85 -28.74 -17.98
CA GLY C 387 4.23 -28.99 -18.35
C GLY C 387 4.41 -28.63 -19.80
N ILE C 388 5.66 -28.45 -20.18
CA ILE C 388 5.95 -28.12 -21.56
C ILE C 388 7.28 -28.75 -21.89
N ALA C 389 7.41 -29.21 -23.11
CA ALA C 389 8.64 -29.95 -23.53
C ALA C 389 9.00 -29.58 -24.98
N MET C 390 10.29 -29.60 -25.28
CA MET C 390 10.77 -29.42 -26.63
C MET C 390 11.95 -30.36 -26.97
N VAL C 391 11.98 -30.89 -28.19
CA VAL C 391 13.02 -31.75 -28.67
C VAL C 391 13.67 -30.96 -29.75
N ILE C 392 14.99 -30.91 -29.68
CA ILE C 392 15.79 -30.28 -30.71
C ILE C 392 16.83 -31.27 -31.22
N GLU C 393 17.28 -31.02 -32.44
CA GLU C 393 18.26 -31.86 -33.14
C GLU C 393 19.40 -31.11 -33.80
N ARG C 394 20.63 -31.47 -33.46
CA ARG C 394 21.78 -30.96 -34.19
C ARG C 394 21.94 -31.65 -35.49
N ALA D 1 4.19 -32.00 -44.18
CA ALA D 1 2.69 -32.11 -44.17
C ALA D 1 2.00 -30.92 -44.87
N SER D 2 0.72 -31.08 -45.18
CA SER D 2 -0.06 -30.00 -45.76
C SER D 2 -0.58 -29.14 -44.61
N MET D 3 -0.64 -27.83 -44.80
CA MET D 3 -1.38 -26.92 -43.88
C MET D 3 -2.87 -27.30 -43.87
N LYS D 4 -3.51 -27.14 -42.73
CA LYS D 4 -4.92 -27.49 -42.60
C LYS D 4 -5.76 -26.23 -42.53
N ASN D 5 -7.08 -26.38 -42.77
CA ASN D 5 -8.03 -25.26 -42.65
C ASN D 5 -8.57 -25.22 -41.22
N CYS D 6 -8.81 -24.00 -40.74
CA CYS D 6 -9.39 -23.77 -39.45
CA CYS D 6 -9.44 -23.75 -39.42
C CYS D 6 -10.80 -23.13 -39.61
N VAL D 7 -11.82 -23.70 -38.95
CA VAL D 7 -13.15 -23.10 -38.92
C VAL D 7 -13.58 -22.72 -37.51
N ILE D 8 -14.41 -21.69 -37.45
CA ILE D 8 -15.05 -21.24 -36.23
C ILE D 8 -16.32 -22.08 -36.14
N VAL D 9 -16.50 -22.73 -35.02
CA VAL D 9 -17.68 -23.57 -34.77
C VAL D 9 -18.69 -22.97 -33.78
N SER D 10 -18.25 -22.03 -32.96
CA SER D 10 -19.13 -21.22 -32.13
C SER D 10 -18.45 -19.92 -31.82
N ALA D 11 -19.26 -18.96 -31.47
CA ALA D 11 -18.74 -17.60 -31.13
C ALA D 11 -19.70 -16.97 -30.14
N VAL D 12 -19.20 -16.53 -28.98
CA VAL D 12 -20.08 -16.06 -27.94
C VAL D 12 -19.39 -15.05 -27.13
N ARG D 13 -20.17 -14.14 -26.52
CA ARG D 13 -19.58 -13.12 -25.64
C ARG D 13 -20.55 -12.84 -24.47
N THR D 14 -20.01 -12.23 -23.42
CA THR D 14 -20.86 -11.59 -22.44
C THR D 14 -21.33 -10.23 -22.99
N ALA D 15 -22.44 -9.72 -22.47
CA ALA D 15 -22.72 -8.32 -22.60
C ALA D 15 -21.55 -7.60 -21.97
N ILE D 16 -21.32 -6.37 -22.41
CA ILE D 16 -20.26 -5.60 -21.88
C ILE D 16 -20.75 -4.71 -20.75
N GLY D 17 -20.07 -4.85 -19.63
CA GLY D 17 -20.37 -4.04 -18.40
C GLY D 17 -19.72 -2.67 -18.41
N SER D 18 -20.39 -1.68 -17.79
CA SER D 18 -19.80 -0.36 -17.59
C SER D 18 -18.84 -0.43 -16.41
N PHE D 19 -17.91 0.49 -16.38
CA PHE D 19 -16.99 0.65 -15.25
C PHE D 19 -17.81 0.71 -13.92
N ASN D 20 -17.53 -0.18 -12.99
CA ASN D 20 -18.26 -0.31 -11.70
C ASN D 20 -19.72 -0.63 -11.89
N GLY D 21 -20.06 -1.25 -13.02
CA GLY D 21 -21.44 -1.56 -13.39
C GLY D 21 -21.77 -2.98 -13.02
N SER D 22 -22.56 -3.60 -13.85
CA SER D 22 -23.19 -4.89 -13.54
C SER D 22 -22.22 -6.06 -13.32
N LEU D 23 -21.07 -6.03 -14.02
CA LEU D 23 -20.09 -7.10 -13.96
C LEU D 23 -18.91 -6.79 -13.03
N ALA D 24 -19.02 -5.68 -12.31
CA ALA D 24 -17.91 -5.22 -11.50
C ALA D 24 -17.62 -6.17 -10.30
N SER D 25 -18.47 -7.15 -10.03
CA SER D 25 -18.21 -8.11 -8.97
C SER D 25 -17.89 -9.50 -9.51
N THR D 26 -17.85 -9.65 -10.85
CA THR D 26 -17.48 -10.88 -11.49
C THR D 26 -16.06 -10.83 -12.11
N SER D 27 -15.15 -11.61 -11.54
CA SER D 27 -13.77 -11.63 -11.97
C SER D 27 -13.60 -11.94 -13.46
N ALA D 28 -12.58 -11.35 -14.06
CA ALA D 28 -12.21 -11.62 -15.45
C ALA D 28 -12.21 -13.07 -15.74
N ILE D 29 -11.57 -13.81 -14.83
CA ILE D 29 -11.48 -15.25 -14.97
C ILE D 29 -12.86 -15.93 -14.97
N ASP D 30 -13.77 -15.49 -14.09
CA ASP D 30 -15.11 -16.07 -14.07
C ASP D 30 -15.83 -15.71 -15.35
N LEU D 31 -15.65 -14.49 -15.85
CA LEU D 31 -16.23 -14.09 -17.11
C LEU D 31 -15.67 -14.97 -18.25
N GLY D 32 -14.36 -15.17 -18.23
CA GLY D 32 -13.70 -16.10 -19.21
C GLY D 32 -14.31 -17.50 -19.12
N ALA D 33 -14.47 -18.03 -17.90
CA ALA D 33 -15.02 -19.39 -17.74
C ALA D 33 -16.42 -19.50 -18.33
N THR D 34 -17.24 -18.45 -18.08
CA THR D 34 -18.58 -18.40 -18.66
C THR D 34 -18.57 -18.49 -20.18
N VAL D 35 -17.72 -17.73 -20.83
CA VAL D 35 -17.69 -17.75 -22.29
C VAL D 35 -17.05 -18.99 -22.84
N ILE D 36 -16.07 -19.52 -22.14
CA ILE D 36 -15.44 -20.82 -22.56
C ILE D 36 -16.52 -21.94 -22.54
N LYS D 37 -17.24 -22.04 -21.40
CA LYS D 37 -18.23 -23.04 -21.22
C LYS D 37 -19.34 -22.89 -22.29
N ALA D 38 -19.79 -21.67 -22.51
CA ALA D 38 -20.86 -21.41 -23.47
C ALA D 38 -20.44 -21.70 -24.90
N ALA D 39 -19.18 -21.36 -25.22
CA ALA D 39 -18.67 -21.62 -26.57
C ALA D 39 -18.62 -23.12 -26.83
N ILE D 40 -18.14 -23.84 -25.83
CA ILE D 40 -18.17 -25.30 -25.91
C ILE D 40 -19.60 -25.82 -26.14
N GLU D 41 -20.52 -25.37 -25.30
CA GLU D 41 -21.88 -25.83 -25.40
C GLU D 41 -22.51 -25.54 -26.75
N ARG D 42 -22.40 -24.28 -27.20
CA ARG D 42 -22.92 -23.87 -28.49
C ARG D 42 -22.29 -24.55 -29.68
N ALA D 43 -21.04 -24.98 -29.57
CA ALA D 43 -20.38 -25.74 -30.65
C ALA D 43 -20.83 -27.20 -30.75
N LYS D 44 -21.40 -27.74 -29.66
CA LYS D 44 -21.81 -29.14 -29.57
C LYS D 44 -20.63 -30.07 -29.63
N ILE D 45 -19.45 -29.55 -29.30
CA ILE D 45 -18.25 -30.37 -29.34
C ILE D 45 -18.19 -31.21 -28.08
N ASP D 46 -17.53 -32.35 -28.18
CA ASP D 46 -17.30 -33.17 -27.02
C ASP D 46 -16.27 -32.38 -26.22
N SER D 47 -16.58 -31.98 -24.99
CA SER D 47 -15.58 -31.20 -24.19
C SER D 47 -14.30 -31.96 -23.95
N GLN D 48 -14.33 -33.29 -24.01
CA GLN D 48 -13.09 -34.05 -23.83
C GLN D 48 -12.14 -33.88 -25.03
N HIS D 49 -12.59 -33.22 -26.10
CA HIS D 49 -11.78 -33.12 -27.30
C HIS D 49 -11.13 -31.77 -27.43
N VAL D 50 -11.32 -30.89 -26.45
CA VAL D 50 -10.61 -29.62 -26.47
C VAL D 50 -9.13 -29.85 -26.18
N ASP D 51 -8.27 -29.38 -27.11
CA ASP D 51 -6.81 -29.48 -26.96
C ASP D 51 -6.14 -28.35 -26.18
N GLU D 52 -6.70 -27.15 -26.20
CA GLU D 52 -6.09 -26.00 -25.57
C GLU D 52 -7.06 -24.86 -25.45
N VAL D 53 -6.82 -24.05 -24.43
CA VAL D 53 -7.50 -22.74 -24.23
C VAL D 53 -6.52 -21.58 -24.25
N ILE D 54 -6.79 -20.57 -25.07
CA ILE D 54 -5.87 -19.48 -25.27
C ILE D 54 -6.67 -18.23 -25.06
N MET D 55 -6.37 -17.49 -23.98
CA MET D 55 -7.16 -16.27 -23.65
C MET D 55 -6.30 -15.05 -23.50
N GLY D 56 -6.78 -13.95 -24.07
CA GLY D 56 -6.22 -12.67 -23.91
C GLY D 56 -6.70 -12.03 -22.60
N ASN D 57 -5.75 -11.34 -21.95
CA ASN D 57 -5.99 -10.66 -20.63
C ASN D 57 -4.82 -9.70 -20.46
N VAL D 58 -5.11 -8.41 -20.37
CA VAL D 58 -4.09 -7.39 -20.26
C VAL D 58 -3.73 -7.02 -18.80
N LEU D 59 -4.75 -6.83 -17.96
CA LEU D 59 -4.51 -6.41 -16.56
C LEU D 59 -4.48 -7.70 -15.70
N GLN D 60 -3.38 -8.42 -15.84
CA GLN D 60 -3.18 -9.68 -15.18
C GLN D 60 -2.79 -9.48 -13.71
N ALA D 61 -2.41 -8.27 -13.35
CA ALA D 61 -1.98 -7.99 -11.93
C ALA D 61 -2.92 -8.52 -10.86
N GLY D 62 -2.40 -9.43 -10.07
CA GLY D 62 -3.09 -9.98 -8.95
C GLY D 62 -4.13 -11.00 -9.24
N LEU D 63 -4.23 -11.43 -10.48
CA LEU D 63 -5.26 -12.36 -10.88
C LEU D 63 -4.89 -13.79 -10.61
N GLY D 64 -3.66 -14.01 -10.21
CA GLY D 64 -3.14 -15.35 -9.94
C GLY D 64 -2.49 -16.00 -11.17
N GLN D 65 -1.82 -17.13 -10.94
CA GLN D 65 -1.08 -17.87 -12.00
C GLN D 65 -1.91 -18.07 -13.26
N ASN D 66 -1.41 -17.56 -14.40
CA ASN D 66 -1.90 -17.91 -15.76
C ASN D 66 -3.44 -17.87 -15.82
N PRO D 67 -3.99 -16.66 -15.84
CA PRO D 67 -5.45 -16.50 -15.86
C PRO D 67 -6.23 -17.37 -16.84
N ALA D 68 -5.72 -17.61 -18.05
CA ALA D 68 -6.36 -18.50 -18.98
C ALA D 68 -6.57 -19.93 -18.44
N ARG D 69 -5.60 -20.47 -17.73
CA ARG D 69 -5.70 -21.82 -17.18
C ARG D 69 -6.69 -21.84 -16.06
N GLN D 70 -6.71 -20.78 -15.29
CA GLN D 70 -7.75 -20.67 -14.24
C GLN D 70 -9.15 -20.66 -14.84
N ALA D 71 -9.33 -19.90 -15.92
CA ALA D 71 -10.62 -19.79 -16.57
C ALA D 71 -11.03 -21.15 -17.15
N LEU D 72 -10.12 -21.85 -17.80
CA LEU D 72 -10.48 -23.15 -18.37
C LEU D 72 -10.86 -24.15 -17.27
N LEU D 73 -10.16 -24.10 -16.14
CA LEU D 73 -10.47 -25.05 -15.05
C LEU D 73 -11.84 -24.72 -14.50
N LYS D 74 -12.13 -23.45 -14.38
CA LYS D 74 -13.43 -22.97 -13.82
C LYS D 74 -14.56 -23.34 -14.81
N SER D 75 -14.26 -23.46 -16.09
CA SER D 75 -15.27 -23.76 -17.11
C SER D 75 -15.73 -25.21 -17.11
N GLY D 76 -15.01 -26.06 -16.39
CA GLY D 76 -15.33 -27.46 -16.27
C GLY D 76 -14.51 -28.34 -17.18
N LEU D 77 -13.51 -27.78 -17.87
CA LEU D 77 -12.61 -28.62 -18.67
C LEU D 77 -11.66 -29.40 -17.74
N ALA D 78 -11.19 -30.55 -18.22
CA ALA D 78 -10.37 -31.41 -17.41
C ALA D 78 -9.03 -30.77 -17.16
N GLU D 79 -8.41 -31.17 -16.07
CA GLU D 79 -7.08 -30.71 -15.72
C GLU D 79 -5.98 -31.10 -16.73
N THR D 80 -6.29 -32.06 -17.63
CA THR D 80 -5.39 -32.42 -18.76
C THR D 80 -5.41 -31.42 -19.91
N VAL D 81 -6.35 -30.45 -19.90
CA VAL D 81 -6.43 -29.45 -20.93
C VAL D 81 -5.53 -28.27 -20.62
N CYS D 82 -4.57 -28.03 -21.50
CA CYS D 82 -3.65 -26.91 -21.35
C CYS D 82 -4.18 -25.56 -21.73
N GLY D 83 -3.53 -24.53 -21.21
CA GLY D 83 -3.86 -23.18 -21.63
C GLY D 83 -2.82 -22.15 -21.25
N PHE D 84 -2.91 -20.98 -21.90
CA PHE D 84 -1.96 -19.93 -21.63
C PHE D 84 -2.59 -18.62 -21.96
N THR D 85 -1.99 -17.57 -21.40
CA THR D 85 -2.56 -16.25 -21.45
C THR D 85 -1.76 -15.40 -22.36
N VAL D 86 -2.45 -14.66 -23.21
CA VAL D 86 -1.80 -13.77 -24.18
C VAL D 86 -1.96 -12.29 -23.82
N ASN D 87 -0.91 -11.51 -23.98
CA ASN D 87 -0.98 -10.05 -23.81
C ASN D 87 -0.36 -9.35 -25.02
N VAL D 89 -1.86 -6.17 -25.58
CA VAL D 89 -2.77 -5.08 -25.17
C VAL D 89 -4.16 -5.29 -25.83
N GLY D 91 -5.02 -5.91 -28.62
CA GLY D 91 -5.06 -6.99 -29.65
C GLY D 91 -5.19 -8.38 -29.08
N SER D 92 -5.09 -8.50 -27.74
CA SER D 92 -4.95 -9.78 -27.07
C SER D 92 -6.02 -10.81 -27.47
N GLY D 93 -7.28 -10.36 -27.46
CA GLY D 93 -8.34 -11.29 -27.70
C GLY D 93 -8.39 -11.80 -29.11
N LEU D 94 -7.95 -10.99 -30.04
CA LEU D 94 -7.90 -11.47 -31.46
C LEU D 94 -6.63 -12.28 -31.72
N LYS D 95 -5.52 -11.88 -31.09
CA LYS D 95 -4.29 -12.58 -31.22
C LYS D 95 -4.46 -14.01 -30.73
N SER D 96 -5.23 -14.19 -29.66
CA SER D 96 -5.48 -15.48 -29.15
C SER D 96 -6.19 -16.35 -30.22
N VAL D 97 -7.15 -15.80 -30.96
CA VAL D 97 -7.85 -16.59 -32.00
C VAL D 97 -6.91 -16.86 -33.13
N ALA D 98 -6.06 -15.90 -33.46
CA ALA D 98 -5.06 -16.10 -34.50
C ALA D 98 -4.10 -17.24 -34.16
N LEU D 99 -3.61 -17.24 -32.92
CA LEU D 99 -2.78 -18.32 -32.42
C LEU D 99 -3.44 -19.70 -32.42
N ALA D 100 -4.74 -19.72 -32.12
CA ALA D 100 -5.51 -20.96 -32.15
C ALA D 100 -5.57 -21.44 -33.60
N ALA D 101 -5.94 -20.57 -34.51
CA ALA D 101 -5.96 -20.94 -35.91
C ALA D 101 -4.55 -21.45 -36.40
N GLN D 102 -3.47 -20.77 -35.98
CA GLN D 102 -2.12 -21.15 -36.40
C GLN D 102 -1.76 -22.56 -35.95
N ALA D 103 -2.12 -22.87 -34.73
CA ALA D 103 -1.85 -24.18 -34.16
C ALA D 103 -2.60 -25.25 -34.93
N ILE D 104 -3.84 -24.95 -35.32
CA ILE D 104 -4.64 -25.89 -36.06
C ILE D 104 -4.11 -26.06 -37.49
N GLN D 105 -3.73 -24.95 -38.12
CA GLN D 105 -3.23 -24.99 -39.49
C GLN D 105 -1.96 -25.80 -39.55
N ALA D 106 -1.11 -25.61 -38.54
CA ALA D 106 0.10 -26.35 -38.40
C ALA D 106 -0.06 -27.83 -37.93
N GLY D 107 -1.30 -28.33 -37.81
CA GLY D 107 -1.59 -29.68 -37.32
C GLY D 107 -1.11 -29.97 -35.88
N GLN D 108 -0.96 -28.95 -35.04
CA GLN D 108 -0.51 -29.18 -33.67
C GLN D 108 -1.73 -29.36 -32.72
N ALA D 109 -2.93 -29.05 -33.17
CA ALA D 109 -4.11 -29.24 -32.38
C ALA D 109 -5.26 -29.41 -33.34
N GLN D 110 -6.36 -29.93 -32.84
CA GLN D 110 -7.61 -30.02 -33.61
C GLN D 110 -8.76 -29.12 -33.13
N SER D 111 -8.81 -28.81 -31.85
CA SER D 111 -9.89 -28.04 -31.25
C SER D 111 -9.33 -27.16 -30.12
N ILE D 112 -9.55 -25.86 -30.25
CA ILE D 112 -9.06 -24.90 -29.29
C ILE D 112 -10.17 -23.92 -28.97
N VAL D 113 -10.27 -23.54 -27.73
CA VAL D 113 -11.14 -22.41 -27.37
C VAL D 113 -10.28 -21.21 -27.15
N ALA D 114 -10.63 -20.14 -27.86
CA ALA D 114 -9.82 -18.93 -27.79
C ALA D 114 -10.69 -17.72 -27.70
N GLY D 115 -10.14 -16.71 -27.06
CA GLY D 115 -10.78 -15.42 -26.93
C GLY D 115 -10.08 -14.52 -25.97
N GLY D 116 -10.84 -13.78 -25.15
CA GLY D 116 -10.25 -12.95 -24.16
C GLY D 116 -11.24 -12.52 -23.11
N MET D 117 -10.72 -11.88 -22.05
CA MET D 117 -11.45 -11.59 -20.86
C MET D 117 -10.78 -10.42 -20.15
N GLU D 118 -11.60 -9.49 -19.65
CA GLU D 118 -11.06 -8.39 -18.91
C GLU D 118 -12.04 -7.85 -17.89
N ASN D 119 -11.57 -7.57 -16.67
CA ASN D 119 -12.43 -6.84 -15.76
C ASN D 119 -11.60 -5.68 -15.33
N MET D 120 -11.87 -4.56 -15.96
CA MET D 120 -11.20 -3.35 -15.67
C MET D 120 -11.70 -2.76 -14.32
N SER D 121 -12.98 -2.96 -13.98
CA SER D 121 -13.48 -2.52 -12.67
C SER D 121 -12.75 -3.07 -11.49
N LEU D 122 -12.27 -4.30 -11.61
CA LEU D 122 -11.60 -5.00 -10.54
C LEU D 122 -10.09 -4.90 -10.62
N ALA D 123 -9.58 -4.06 -11.53
CA ALA D 123 -8.14 -3.88 -11.60
C ALA D 123 -7.63 -3.25 -10.32
N PRO D 124 -6.47 -3.74 -9.83
CA PRO D 124 -5.95 -3.27 -8.56
C PRO D 124 -5.17 -2.00 -8.66
N TYR D 125 -4.70 -1.55 -7.47
CA TYR D 125 -3.75 -0.46 -7.37
C TYR D 125 -2.40 -1.05 -6.91
N LEU D 126 -1.32 -0.37 -7.26
CA LEU D 126 -0.01 -0.93 -7.14
C LEU D 126 1.01 -0.07 -6.41
N LEU D 127 1.76 -0.73 -5.52
CA LEU D 127 2.91 -0.13 -4.87
C LEU D 127 4.10 -0.63 -5.65
N ASP D 128 5.01 0.25 -6.04
CA ASP D 128 6.10 -0.22 -6.87
C ASP D 128 7.08 -1.05 -6.06
N ALA D 129 8.15 -1.50 -6.70
CA ALA D 129 9.10 -2.31 -6.05
C ALA D 129 9.71 -1.69 -4.82
N LYS D 130 9.73 -0.36 -4.71
CA LYS D 130 10.28 0.27 -3.52
C LYS D 130 9.58 -0.22 -2.23
N ALA D 131 8.35 -0.66 -2.36
CA ALA D 131 7.63 -1.26 -1.23
C ALA D 131 8.33 -2.55 -0.76
N ARG D 132 8.91 -3.30 -1.71
CA ARG D 132 9.54 -4.56 -1.37
C ARG D 132 10.92 -4.37 -0.75
N SER D 133 11.70 -3.44 -1.28
CA SER D 133 13.04 -3.11 -0.73
C SER D 133 12.99 -2.06 0.35
N GLY D 134 11.88 -1.35 0.44
CA GLY D 134 11.63 -0.43 1.55
C GLY D 134 11.58 1.01 1.09
N TYR D 135 10.52 1.73 1.38
CA TYR D 135 10.47 3.11 0.95
C TYR D 135 11.54 3.94 1.65
N ARG D 136 11.89 3.56 2.90
CA ARG D 136 12.92 4.21 3.73
C ARG D 136 12.50 5.55 4.23
N LEU D 137 12.34 6.50 3.33
CA LEU D 137 12.08 7.86 3.71
C LEU D 137 11.60 8.60 2.50
N GLY D 138 10.50 9.36 2.66
CA GLY D 138 9.90 10.08 1.56
C GLY D 138 8.66 9.41 0.99
N ASP D 139 7.87 10.22 0.30
CA ASP D 139 6.56 9.77 -0.21
C ASP D 139 6.71 8.89 -1.42
N GLY D 140 5.67 8.12 -1.71
CA GLY D 140 5.63 7.28 -2.86
C GLY D 140 4.28 7.45 -3.55
N GLN D 141 4.08 6.60 -4.53
CA GLN D 141 2.86 6.67 -5.31
C GLN D 141 2.18 5.36 -5.36
N VAL D 142 0.88 5.42 -5.55
CA VAL D 142 0.08 4.25 -5.63
C VAL D 142 -0.58 4.33 -7.00
N TYR D 143 -0.29 3.29 -7.76
CA TYR D 143 -0.45 3.33 -9.22
C TYR D 143 -1.70 2.56 -9.60
N ASP D 144 -2.56 3.20 -10.38
CA ASP D 144 -3.76 2.59 -10.94
C ASP D 144 -3.31 1.63 -12.08
N VAL D 145 -3.55 0.33 -11.89
CA VAL D 145 -3.08 -0.67 -12.87
C VAL D 145 -3.77 -0.52 -14.26
N ILE D 146 -5.00 -0.05 -14.29
CA ILE D 146 -5.65 0.26 -15.57
C ILE D 146 -4.72 1.18 -16.38
N LEU D 147 -4.24 2.25 -15.76
CA LEU D 147 -3.42 3.20 -16.49
C LEU D 147 -2.03 2.66 -16.73
N ARG D 148 -1.41 2.17 -15.68
CA ARG D 148 0.01 1.73 -15.82
C ARG D 148 0.19 0.61 -16.84
N ASP D 149 -0.69 -0.40 -16.81
CA ASP D 149 -0.52 -1.61 -17.65
C ASP D 149 -1.44 -1.68 -18.89
N GLY D 150 -2.44 -0.81 -18.92
CA GLY D 150 -3.49 -0.87 -19.90
C GLY D 150 -3.56 0.34 -20.82
N LEU D 151 -3.64 1.55 -20.23
CA LEU D 151 -4.01 2.74 -20.97
C LEU D 151 -2.95 3.81 -21.16
N MET D 152 -1.81 3.68 -20.53
CA MET D 152 -0.73 4.63 -20.72
C MET D 152 0.31 4.05 -21.65
N CYS D 153 0.90 4.90 -22.48
CA CYS D 153 1.92 4.45 -23.39
C CYS D 153 3.21 4.22 -22.62
N ALA D 154 3.75 3.03 -22.79
CA ALA D 154 4.93 2.71 -22.05
C ALA D 154 6.17 3.36 -22.66
N THR D 155 6.11 3.79 -23.91
CA THR D 155 7.23 4.48 -24.56
C THR D 155 7.22 5.95 -24.20
N HIS D 156 6.05 6.58 -24.31
CA HIS D 156 5.95 8.04 -24.12
C HIS D 156 5.42 8.52 -22.78
N GLY D 157 4.74 7.67 -22.03
CA GLY D 157 4.28 8.02 -20.68
C GLY D 157 3.04 8.90 -20.69
N TYR D 158 2.30 8.89 -21.80
CA TYR D 158 1.07 9.61 -21.84
C TYR D 158 -0.06 8.70 -22.29
N HIS D 159 -1.28 9.16 -22.13
CA HIS D 159 -2.46 8.31 -22.31
C HIS D 159 -2.63 7.90 -23.78
N MET D 160 -3.23 6.74 -23.99
CA MET D 160 -3.74 6.35 -25.35
C MET D 160 -4.55 7.47 -25.98
N GLY D 161 -5.29 8.20 -25.16
CA GLY D 161 -6.00 9.40 -25.55
C GLY D 161 -5.12 10.47 -26.21
N ILE D 162 -3.87 10.57 -25.76
CA ILE D 162 -2.93 11.54 -26.38
C ILE D 162 -2.45 11.06 -27.73
N THR D 163 -2.25 9.76 -27.84
CA THR D 163 -1.97 9.17 -29.21
C THR D 163 -3.14 9.46 -30.19
N ALA D 164 -4.36 9.44 -29.68
CA ALA D 164 -5.55 9.80 -30.50
C ALA D 164 -5.54 11.26 -30.91
N GLU D 165 -5.09 12.14 -30.01
CA GLU D 165 -4.92 13.55 -30.36
C GLU D 165 -3.85 13.67 -31.44
N ASN D 166 -2.73 12.97 -31.26
CA ASN D 166 -1.66 12.90 -32.27
C ASN D 166 -2.18 12.51 -33.64
N VAL D 167 -3.01 11.48 -33.69
CA VAL D 167 -3.60 11.02 -34.97
C VAL D 167 -4.59 12.05 -35.55
N ALA D 168 -5.42 12.63 -34.68
CA ALA D 168 -6.40 13.62 -35.11
C ALA D 168 -5.70 14.76 -35.85
N LYS D 169 -4.57 15.19 -35.30
CA LYS D 169 -3.83 16.30 -35.89
C LYS D 169 -3.20 15.86 -37.19
N GLU D 170 -2.61 14.67 -37.18
CA GLU D 170 -1.91 14.16 -38.35
C GLU D 170 -2.86 13.94 -39.54
N TYR D 171 -4.11 13.60 -39.25
CA TYR D 171 -5.07 13.31 -40.31
C TYR D 171 -6.20 14.30 -40.43
N GLY D 172 -6.16 15.41 -39.71
CA GLY D 172 -7.21 16.42 -39.85
C GLY D 172 -8.59 15.92 -39.45
N ILE D 173 -8.67 15.15 -38.37
CA ILE D 173 -9.96 14.72 -37.84
C ILE D 173 -10.41 15.70 -36.74
N THR D 174 -11.42 16.53 -37.04
CA THR D 174 -11.85 17.56 -36.10
C THR D 174 -12.71 17.01 -34.98
N ARG D 175 -12.91 17.82 -33.95
CA ARG D 175 -13.90 17.54 -32.89
C ARG D 175 -15.26 17.20 -33.48
N GLU D 176 -15.67 17.98 -34.47
CA GLU D 176 -16.98 17.84 -35.10
C GLU D 176 -17.10 16.49 -35.76
N MET D 177 -16.09 16.14 -36.55
CA MET D 177 -16.03 14.80 -37.19
C MET D 177 -16.11 13.67 -36.17
N GLN D 178 -15.34 13.83 -35.09
CA GLN D 178 -15.25 12.81 -34.01
C GLN D 178 -16.60 12.62 -33.28
N ASP D 179 -17.26 13.73 -32.96
CA ASP D 179 -18.56 13.67 -32.28
C ASP D 179 -19.69 13.16 -33.18
N GLU D 180 -19.61 13.43 -34.48
CA GLU D 180 -20.56 12.91 -35.45
C GLU D 180 -20.43 11.39 -35.54
N LEU D 181 -19.20 10.91 -35.52
CA LEU D 181 -18.96 9.47 -35.57
C LEU D 181 -19.49 8.83 -34.29
N ALA D 182 -19.20 9.46 -33.18
CA ALA D 182 -19.68 8.97 -31.89
C ALA D 182 -21.19 8.78 -31.90
N LEU D 183 -21.90 9.80 -32.35
CA LEU D 183 -23.35 9.75 -32.33
C LEU D 183 -23.84 8.62 -33.23
N HIS D 184 -23.24 8.51 -34.40
CA HIS D 184 -23.54 7.41 -35.33
C HIS D 184 -23.39 6.02 -34.62
N SER D 185 -22.30 5.83 -33.87
CA SER D 185 -22.07 4.55 -33.21
C SER D 185 -23.12 4.30 -32.12
N GLN D 186 -23.40 5.32 -31.33
CA GLN D 186 -24.53 5.25 -30.39
C GLN D 186 -25.84 4.85 -31.06
N ARG D 187 -26.15 5.49 -32.17
CA ARG D 187 -27.43 5.24 -32.85
C ARG D 187 -27.52 3.80 -33.37
N LYS D 188 -26.46 3.33 -33.98
CA LYS D 188 -26.37 1.94 -34.50
C LYS D 188 -26.45 0.93 -33.38
N ALA D 189 -25.80 1.21 -32.26
CA ALA D 189 -25.85 0.34 -31.09
C ALA D 189 -27.24 0.24 -30.48
N ALA D 190 -27.89 1.38 -30.38
CA ALA D 190 -29.24 1.43 -29.84
C ALA D 190 -30.22 0.68 -30.76
N ALA D 191 -30.08 0.87 -32.05
CA ALA D 191 -30.91 0.15 -33.02
C ALA D 191 -30.68 -1.36 -32.94
N ALA D 192 -29.41 -1.77 -32.79
CA ALA D 192 -29.08 -3.20 -32.73
C ALA D 192 -29.67 -3.80 -31.46
N ILE D 193 -29.51 -3.13 -30.33
CA ILE D 193 -30.03 -3.63 -29.08
C ILE D 193 -31.61 -3.75 -29.17
N GLU D 194 -32.28 -2.71 -29.65
CA GLU D 194 -33.77 -2.68 -29.76
C GLU D 194 -34.31 -3.79 -30.67
N SER D 195 -33.55 -4.12 -31.71
CA SER D 195 -33.98 -5.14 -32.66
C SER D 195 -33.54 -6.55 -32.27
N GLY D 196 -32.80 -6.71 -31.18
CA GLY D 196 -32.43 -8.05 -30.75
C GLY D 196 -31.23 -8.59 -31.52
N ALA D 197 -30.47 -7.71 -32.16
CA ALA D 197 -29.38 -8.14 -33.00
C ALA D 197 -28.22 -8.78 -32.20
N PHE D 198 -28.11 -8.50 -30.91
CA PHE D 198 -27.02 -9.07 -30.10
C PHE D 198 -27.50 -10.32 -29.33
N THR D 199 -28.79 -10.62 -29.45
CA THR D 199 -29.36 -11.73 -28.69
C THR D 199 -28.63 -13.07 -28.98
N ALA D 200 -28.36 -13.36 -30.22
CA ALA D 200 -27.75 -14.67 -30.53
C ALA D 200 -26.35 -14.82 -29.96
N GLU D 201 -25.60 -13.73 -29.89
CA GLU D 201 -24.13 -13.79 -29.58
C GLU D 201 -23.85 -13.66 -28.13
N ILE D 202 -24.83 -13.23 -27.35
CA ILE D 202 -24.61 -13.00 -25.93
C ILE D 202 -25.03 -14.18 -25.06
N VAL D 203 -24.16 -14.54 -24.15
CA VAL D 203 -24.48 -15.48 -23.10
C VAL D 203 -24.74 -14.72 -21.83
N PRO D 204 -25.89 -14.97 -21.20
CA PRO D 204 -26.17 -14.21 -19.98
C PRO D 204 -25.20 -14.52 -18.88
N VAL D 205 -24.98 -13.55 -17.98
CA VAL D 205 -24.19 -13.77 -16.79
C VAL D 205 -25.12 -13.61 -15.58
N ASN D 206 -25.17 -14.62 -14.72
CA ASN D 206 -25.92 -14.49 -13.47
C ASN D 206 -25.03 -13.82 -12.45
N VAL D 207 -25.48 -12.72 -11.90
CA VAL D 207 -24.68 -11.94 -10.97
C VAL D 207 -25.32 -12.11 -9.60
N VAL D 208 -24.57 -12.73 -8.71
CA VAL D 208 -25.02 -13.04 -7.38
C VAL D 208 -24.10 -12.31 -6.42
N THR D 209 -24.66 -11.38 -5.66
CA THR D 209 -23.84 -10.56 -4.76
C THR D 209 -24.48 -10.47 -3.40
N THR D 213 -29.44 -10.28 -6.67
CA THR D 213 -29.14 -11.31 -7.68
C THR D 213 -29.90 -11.01 -8.96
N PHE D 214 -29.23 -11.09 -10.12
CA PHE D 214 -29.86 -10.73 -11.38
C PHE D 214 -29.13 -11.29 -12.59
N VAL D 215 -29.80 -11.27 -13.75
CA VAL D 215 -29.17 -11.77 -14.98
C VAL D 215 -28.74 -10.59 -15.85
N PHE D 216 -27.49 -10.57 -16.30
CA PHE D 216 -26.98 -9.46 -17.08
C PHE D 216 -26.88 -9.94 -18.50
N SER D 217 -27.67 -9.38 -19.38
CA SER D 217 -27.59 -9.82 -20.72
C SER D 217 -27.62 -8.73 -21.76
N GLN D 218 -27.60 -7.46 -21.36
CA GLN D 218 -27.68 -6.38 -22.31
C GLN D 218 -26.50 -5.44 -22.08
N ASP D 219 -25.81 -5.11 -23.16
CA ASP D 219 -24.73 -4.11 -23.15
C ASP D 219 -25.24 -2.85 -22.45
N GLU D 220 -24.54 -2.44 -21.41
CA GLU D 220 -24.99 -1.31 -20.60
C GLU D 220 -24.17 -0.03 -20.78
N PHE D 221 -23.07 -0.08 -21.55
CA PHE D 221 -22.30 1.17 -21.82
C PHE D 221 -22.97 2.18 -22.79
N PRO D 222 -23.80 1.71 -23.74
CA PRO D 222 -24.44 2.69 -24.60
C PRO D 222 -25.24 3.77 -23.85
N LYS D 223 -25.12 4.99 -24.37
CA LYS D 223 -25.74 6.21 -23.86
C LYS D 223 -26.93 6.54 -24.77
N ALA D 224 -28.02 5.82 -24.52
CA ALA D 224 -29.25 5.85 -25.35
C ALA D 224 -29.86 7.25 -25.48
N ASN D 225 -29.58 8.13 -24.54
CA ASN D 225 -30.14 9.51 -24.63
C ASN D 225 -29.13 10.46 -25.31
N SER D 226 -28.13 9.89 -25.99
CA SER D 226 -27.08 10.70 -26.59
C SER D 226 -27.62 11.69 -27.62
N THR D 227 -27.14 12.92 -27.55
CA THR D 227 -27.46 13.93 -28.54
C THR D 227 -26.19 14.64 -29.03
N ALA D 228 -26.26 15.20 -30.22
CA ALA D 228 -25.17 15.97 -30.76
C ALA D 228 -24.82 17.11 -29.81
N GLU D 229 -25.83 17.79 -29.31
CA GLU D 229 -25.61 18.94 -28.43
C GLU D 229 -24.90 18.55 -27.15
N ALA D 230 -25.31 17.43 -26.55
CA ALA D 230 -24.62 16.93 -25.34
C ALA D 230 -23.17 16.55 -25.61
N LEU D 231 -22.94 15.78 -26.68
CA LEU D 231 -21.61 15.43 -27.09
C LEU D 231 -20.72 16.66 -27.30
N GLY D 232 -21.29 17.67 -27.96
CA GLY D 232 -20.61 18.95 -28.21
C GLY D 232 -20.30 19.78 -27.00
N ALA D 233 -21.05 19.59 -25.91
CA ALA D 233 -20.80 20.30 -24.67
C ALA D 233 -19.71 19.71 -23.76
N LEU D 234 -19.22 18.50 -24.08
CA LEU D 234 -18.18 17.87 -23.24
C LEU D 234 -16.81 18.52 -23.37
N ARG D 235 -16.06 18.53 -22.26
CA ARG D 235 -14.70 19.02 -22.24
C ARG D 235 -13.72 17.92 -22.71
N PRO D 236 -12.61 18.30 -23.39
CA PRO D 236 -11.57 17.34 -23.77
C PRO D 236 -11.10 16.61 -22.55
N ALA D 237 -10.83 15.32 -22.69
CA ALA D 237 -10.54 14.46 -21.55
C ALA D 237 -9.06 14.34 -21.21
N PHE D 238 -8.20 14.55 -22.18
CA PHE D 238 -6.77 14.26 -22.01
C PHE D 238 -5.90 15.49 -22.27
N ASP D 239 -6.39 16.47 -23.00
CA ASP D 239 -5.60 17.65 -23.24
C ASP D 239 -6.58 18.80 -23.30
N LYS D 240 -6.39 19.77 -22.40
CA LYS D 240 -7.29 20.92 -22.27
C LYS D 240 -7.56 21.60 -23.61
N ALA D 241 -6.62 21.49 -24.55
CA ALA D 241 -6.77 22.08 -25.89
C ALA D 241 -7.15 21.07 -26.96
N GLY D 242 -7.60 19.89 -26.54
CA GLY D 242 -7.78 18.75 -27.41
C GLY D 242 -9.17 18.61 -28.02
N THR D 243 -9.36 17.52 -28.73
CA THR D 243 -10.61 17.15 -29.38
C THR D 243 -11.26 15.87 -28.81
N VAL D 244 -10.48 15.05 -28.08
CA VAL D 244 -10.92 13.76 -27.63
C VAL D 244 -11.59 13.90 -26.27
N THR D 245 -12.80 13.37 -26.15
CA THR D 245 -13.62 13.47 -24.96
C THR D 245 -14.10 12.12 -24.53
N ALA D 246 -14.72 12.02 -23.35
CA ALA D 246 -15.36 10.78 -22.97
C ALA D 246 -16.48 10.34 -23.90
N GLY D 247 -17.08 11.30 -24.61
CA GLY D 247 -18.16 11.00 -25.52
C GLY D 247 -17.79 10.45 -26.87
N ASN D 248 -16.57 10.75 -27.33
CA ASN D 248 -16.09 10.29 -28.63
C ASN D 248 -14.87 9.35 -28.47
N ALA D 249 -14.76 8.74 -27.29
CA ALA D 249 -13.80 7.69 -27.00
C ALA D 249 -14.52 6.51 -26.42
N SER D 250 -13.92 5.29 -26.57
CA SER D 250 -14.49 4.18 -25.86
C SER D 250 -14.27 4.32 -24.34
N GLY D 251 -14.83 3.36 -23.61
CA GLY D 251 -14.83 3.40 -22.18
C GLY D 251 -13.87 2.46 -21.55
N ILE D 252 -14.01 2.36 -20.26
CA ILE D 252 -13.35 1.34 -19.46
C ILE D 252 -14.43 0.37 -19.08
N ASN D 253 -14.23 -0.91 -19.39
CA ASN D 253 -15.30 -1.88 -19.36
C ASN D 253 -14.90 -3.29 -19.00
N ASP D 254 -15.87 -4.09 -18.68
CA ASP D 254 -15.74 -5.45 -18.28
C ASP D 254 -16.46 -6.35 -19.25
N GLY D 255 -15.79 -7.47 -19.60
CA GLY D 255 -16.46 -8.47 -20.41
C GLY D 255 -15.50 -9.55 -20.90
N ALA D 256 -16.04 -10.53 -21.62
CA ALA D 256 -15.26 -11.65 -22.16
C ALA D 256 -15.90 -12.17 -23.40
N ALA D 257 -15.11 -12.88 -24.18
CA ALA D 257 -15.65 -13.44 -25.46
C ALA D 257 -14.81 -14.66 -25.78
N ALA D 258 -15.41 -15.67 -26.41
CA ALA D 258 -14.71 -16.86 -26.78
C ALA D 258 -15.33 -17.59 -27.95
N LEU D 259 -14.48 -18.33 -28.68
CA LEU D 259 -14.90 -19.04 -29.85
C LEU D 259 -14.25 -20.42 -29.84
N VAL D 260 -14.96 -21.40 -30.36
CA VAL D 260 -14.39 -22.70 -30.58
C VAL D 260 -13.90 -22.71 -32.00
N ILE D 261 -12.61 -23.04 -32.12
CA ILE D 261 -11.89 -23.11 -33.40
C ILE D 261 -11.53 -24.59 -33.63
N MET D 262 -11.74 -25.10 -34.85
CA MET D 262 -11.43 -26.51 -35.14
C MET D 262 -10.80 -26.67 -36.51
N GLU D 263 -9.99 -27.71 -36.63
CA GLU D 263 -9.58 -28.15 -37.95
C GLU D 263 -10.83 -28.60 -38.71
N GLU D 264 -10.93 -28.19 -39.95
CA GLU D 264 -12.16 -28.39 -40.72
C GLU D 264 -12.63 -29.83 -40.87
N SER D 265 -11.72 -30.72 -41.27
N SER D 265 -11.73 -30.74 -41.28
CA SER D 265 -12.11 -32.13 -41.47
CA SER D 265 -12.15 -32.15 -41.48
C SER D 265 -12.58 -32.77 -40.16
C SER D 265 -12.61 -32.76 -40.16
N ALA D 266 -11.95 -32.38 -39.04
CA ALA D 266 -12.31 -32.91 -37.70
C ALA D 266 -13.72 -32.43 -37.32
N ALA D 267 -14.00 -31.14 -37.55
CA ALA D 267 -15.35 -30.61 -37.26
C ALA D 267 -16.37 -31.40 -38.05
N LEU D 268 -16.10 -31.61 -39.33
CA LEU D 268 -17.11 -32.29 -40.18
C LEU D 268 -17.27 -33.74 -39.76
N ALA D 269 -16.15 -34.41 -39.46
CA ALA D 269 -16.22 -35.80 -39.02
C ALA D 269 -17.01 -35.92 -37.70
N ALA D 270 -16.88 -34.96 -36.80
CA ALA D 270 -17.64 -34.99 -35.55
C ALA D 270 -19.09 -34.63 -35.71
N GLY D 271 -19.54 -34.37 -36.94
CA GLY D 271 -20.91 -34.00 -37.19
C GLY D 271 -21.28 -32.58 -36.75
N LEU D 272 -20.30 -31.71 -36.70
CA LEU D 272 -20.49 -30.30 -36.25
C LEU D 272 -20.67 -29.42 -37.45
N THR D 273 -21.13 -28.21 -37.21
CA THR D 273 -21.38 -27.28 -38.30
C THR D 273 -20.39 -26.11 -38.30
N PRO D 274 -19.49 -26.08 -39.27
CA PRO D 274 -18.61 -24.95 -39.41
C PRO D 274 -19.40 -23.68 -39.69
N LEU D 275 -19.10 -22.60 -38.96
CA LEU D 275 -19.80 -21.34 -39.21
C LEU D 275 -19.05 -20.41 -40.15
N ALA D 276 -17.72 -20.49 -40.11
CA ALA D 276 -16.89 -19.64 -40.94
C ALA D 276 -15.52 -20.26 -41.01
N ARG D 277 -14.77 -19.89 -42.04
CA ARG D 277 -13.36 -20.32 -42.18
C ARG D 277 -12.48 -19.13 -41.94
N ILE D 278 -11.42 -19.34 -41.19
CA ILE D 278 -10.50 -18.27 -40.92
C ILE D 278 -9.63 -18.24 -42.14
N LYS D 279 -9.65 -17.14 -42.88
CA LYS D 279 -8.96 -17.07 -44.17
C LYS D 279 -7.52 -16.55 -44.01
N SER D 280 -7.33 -15.55 -43.17
CA SER D 280 -6.03 -14.98 -42.94
C SER D 280 -6.03 -14.16 -41.69
N TYR D 281 -4.85 -13.90 -41.17
CA TYR D 281 -4.65 -12.99 -40.04
C TYR D 281 -3.28 -12.42 -40.13
N ALA D 282 -3.08 -11.25 -39.51
CA ALA D 282 -1.78 -10.58 -39.50
C ALA D 282 -1.72 -9.47 -38.46
N SER D 283 -0.51 -9.14 -38.06
CA SER D 283 -0.22 -8.03 -37.15
C SER D 283 0.64 -7.05 -37.89
N GLY D 284 0.53 -5.78 -37.50
CA GLY D 284 1.33 -4.73 -38.05
C GLY D 284 1.88 -3.83 -36.97
N GLY D 285 2.97 -3.16 -37.28
CA GLY D 285 3.57 -2.22 -36.33
C GLY D 285 3.64 -0.80 -36.88
N VAL D 286 3.41 0.17 -36.00
CA VAL D 286 3.47 1.58 -36.32
C VAL D 286 4.17 2.30 -35.15
N PRO D 287 4.46 3.60 -35.30
CA PRO D 287 5.03 4.25 -34.13
C PRO D 287 4.08 4.23 -32.94
N PRO D 288 4.59 4.01 -31.72
CA PRO D 288 3.76 4.16 -30.50
C PRO D 288 2.91 5.42 -30.42
N ALA D 289 3.47 6.56 -30.79
CA ALA D 289 2.75 7.85 -30.78
C ALA D 289 1.55 7.87 -31.72
N LEU D 290 1.55 6.99 -32.73
CA LEU D 290 0.44 6.90 -33.69
C LEU D 290 -0.22 5.51 -33.66
N MET D 291 -0.26 4.91 -32.49
CA MET D 291 -0.73 3.53 -32.31
C MET D 291 -2.09 3.27 -32.91
N GLY D 292 -2.92 4.33 -32.93
CA GLY D 292 -4.28 4.28 -33.48
C GLY D 292 -4.33 3.90 -34.95
N MET D 293 -3.21 4.04 -35.66
CA MET D 293 -3.08 3.67 -37.07
C MET D 293 -2.65 2.19 -37.33
N GLY D 294 -2.39 1.46 -36.27
CA GLY D 294 -2.05 0.03 -36.36
C GLY D 294 -2.88 -0.86 -37.29
N PRO D 295 -4.20 -0.62 -37.37
CA PRO D 295 -4.99 -1.42 -38.28
C PRO D 295 -4.64 -1.30 -39.76
N VAL D 296 -3.93 -0.24 -40.15
CA VAL D 296 -3.54 -0.06 -41.55
C VAL D 296 -2.58 -1.16 -42.05
N PRO D 297 -1.35 -1.24 -41.51
CA PRO D 297 -0.52 -2.35 -41.96
C PRO D 297 -1.06 -3.75 -41.66
N ALA D 298 -1.73 -3.91 -40.54
CA ALA D 298 -2.27 -5.26 -40.22
C ALA D 298 -3.32 -5.67 -41.25
N THR D 299 -4.23 -4.77 -41.59
CA THR D 299 -5.28 -5.05 -42.56
C THR D 299 -4.67 -5.29 -43.97
N GLN D 300 -3.72 -4.46 -44.37
CA GLN D 300 -3.13 -4.62 -45.70
C GLN D 300 -2.48 -6.01 -45.85
N LYS D 301 -1.73 -6.39 -44.83
CA LYS D 301 -1.06 -7.73 -44.79
C LYS D 301 -2.09 -8.86 -44.77
N ALA D 302 -3.14 -8.74 -43.94
CA ALA D 302 -4.18 -9.81 -43.88
C ALA D 302 -4.91 -10.00 -45.23
N LEU D 303 -5.26 -8.87 -45.90
CA LEU D 303 -5.89 -8.95 -47.17
C LEU D 303 -4.95 -9.58 -48.20
N GLN D 304 -3.66 -9.22 -48.12
CA GLN D 304 -2.64 -9.79 -49.04
C GLN D 304 -2.51 -11.29 -48.82
N LEU D 305 -2.36 -11.70 -47.57
CA LEU D 305 -2.35 -13.12 -47.25
C LEU D 305 -3.58 -13.87 -47.69
N ALA D 306 -4.74 -13.22 -47.69
CA ALA D 306 -6.01 -13.81 -48.15
C ALA D 306 -6.23 -13.76 -49.66
N GLY D 307 -5.34 -13.08 -50.38
CA GLY D 307 -5.52 -12.90 -51.83
C GLY D 307 -6.68 -11.96 -52.19
N LEU D 308 -7.00 -11.02 -51.30
CA LEU D 308 -8.22 -10.20 -51.46
C LEU D 308 -7.87 -8.75 -51.53
N GLN D 309 -8.80 -7.97 -52.03
CA GLN D 309 -8.73 -6.53 -51.96
C GLN D 309 -9.77 -6.08 -50.95
N LEU D 310 -9.57 -4.90 -50.38
CA LEU D 310 -10.46 -4.38 -49.35
C LEU D 310 -11.92 -4.40 -49.85
N ALA D 311 -12.13 -4.08 -51.12
CA ALA D 311 -13.49 -4.03 -51.69
C ALA D 311 -14.22 -5.38 -51.68
N ASP D 312 -13.46 -6.48 -51.61
CA ASP D 312 -14.04 -7.80 -51.52
C ASP D 312 -14.72 -8.01 -50.18
N ILE D 313 -14.30 -7.28 -49.14
CA ILE D 313 -14.86 -7.48 -47.81
C ILE D 313 -16.28 -6.94 -47.72
N ASP D 314 -17.20 -7.78 -47.25
CA ASP D 314 -18.61 -7.39 -47.13
C ASP D 314 -18.95 -6.62 -45.83
N LEU D 315 -18.33 -7.03 -44.74
CA LEU D 315 -18.51 -6.40 -43.45
C LEU D 315 -17.21 -6.25 -42.72
N ILE D 316 -17.11 -5.16 -42.00
CA ILE D 316 -15.95 -4.79 -41.25
C ILE D 316 -16.30 -4.46 -39.80
N GLU D 317 -15.59 -5.06 -38.85
CA GLU D 317 -15.48 -4.57 -37.50
C GLU D 317 -14.10 -3.94 -37.31
N ALA D 318 -14.07 -2.62 -37.13
CA ALA D 318 -12.81 -1.85 -36.88
C ALA D 318 -12.99 -1.15 -35.56
N ASN D 319 -12.24 -1.55 -34.55
CA ASN D 319 -12.62 -1.16 -33.19
C ASN D 319 -12.52 0.37 -33.03
N GLU D 320 -13.44 0.92 -32.26
CA GLU D 320 -13.48 2.34 -32.03
C GLU D 320 -12.84 2.59 -30.69
N ALA D 321 -11.56 2.38 -30.59
CA ALA D 321 -10.88 2.86 -29.39
C ALA D 321 -11.12 4.35 -29.21
N PHE D 322 -10.88 5.14 -30.27
CA PHE D 322 -11.19 6.57 -30.29
C PHE D 322 -11.74 6.93 -31.64
N ALA D 323 -12.82 7.75 -31.65
CA ALA D 323 -13.32 8.28 -32.90
C ALA D 323 -12.16 8.81 -33.80
N ALA D 324 -11.22 9.52 -33.20
CA ALA D 324 -10.10 10.10 -33.98
C ALA D 324 -9.35 9.09 -34.79
N GLN D 325 -9.02 7.97 -34.14
CA GLN D 325 -8.21 6.95 -34.79
C GLN D 325 -9.06 6.12 -35.70
N PHE D 326 -10.30 5.82 -35.26
CA PHE D 326 -11.21 5.07 -36.12
C PHE D 326 -11.39 5.78 -37.47
N LEU D 327 -11.61 7.08 -37.41
CA LEU D 327 -11.79 7.86 -38.63
C LEU D 327 -10.52 7.94 -39.50
N ALA D 328 -9.37 8.16 -38.89
CA ALA D 328 -8.11 8.25 -39.64
C ALA D 328 -7.80 6.93 -40.34
N VAL D 329 -8.03 5.80 -39.65
CA VAL D 329 -7.87 4.50 -40.25
C VAL D 329 -8.84 4.35 -41.43
N GLY D 330 -10.08 4.76 -41.24
CA GLY D 330 -11.05 4.69 -42.30
C GLY D 330 -10.70 5.51 -43.54
N LYS D 331 -10.22 6.73 -43.32
CA LYS D 331 -9.81 7.62 -44.40
C LYS D 331 -8.56 7.05 -45.08
N ASN D 332 -7.61 6.53 -44.31
CA ASN D 332 -6.39 5.95 -44.88
C ASN D 332 -6.68 4.76 -45.80
N LEU D 333 -7.50 3.81 -45.31
CA LEU D 333 -7.76 2.57 -46.03
C LEU D 333 -8.89 2.72 -47.05
N GLY D 334 -9.77 3.70 -46.84
CA GLY D 334 -10.88 3.95 -47.73
C GLY D 334 -12.06 3.03 -47.48
N PHE D 335 -12.37 2.80 -46.22
CA PHE D 335 -13.53 2.01 -45.83
C PHE D 335 -14.83 2.59 -46.37
N ASP D 336 -15.69 1.69 -46.80
CA ASP D 336 -17.07 1.99 -47.06
C ASP D 336 -17.74 1.96 -45.68
N SER D 337 -18.09 3.18 -45.24
CA SER D 337 -18.60 3.37 -43.90
C SER D 337 -19.85 2.54 -43.68
N GLU D 338 -20.62 2.26 -44.73
CA GLU D 338 -21.85 1.49 -44.56
C GLU D 338 -21.57 0.06 -44.19
N LYS D 339 -20.36 -0.39 -44.46
CA LYS D 339 -19.96 -1.77 -44.15
C LYS D 339 -19.37 -1.94 -42.76
N VAL D 340 -19.15 -0.83 -42.05
CA VAL D 340 -18.33 -0.83 -40.83
C VAL D 340 -19.19 -0.70 -39.53
N ASN D 341 -18.90 -1.58 -38.59
CA ASN D 341 -19.50 -1.57 -37.27
C ASN D 341 -21.02 -1.42 -37.37
N VAL D 342 -21.64 -2.32 -38.13
CA VAL D 342 -23.02 -2.14 -38.51
C VAL D 342 -23.97 -2.16 -37.32
N ASN D 343 -23.56 -2.78 -36.23
CA ASN D 343 -24.34 -2.77 -34.97
C ASN D 343 -23.80 -1.81 -33.92
N GLY D 344 -22.98 -0.84 -34.35
CA GLY D 344 -22.31 0.02 -33.43
C GLY D 344 -20.94 -0.54 -33.08
N GLY D 345 -20.14 0.32 -32.47
CA GLY D 345 -18.78 0.01 -32.07
C GLY D 345 -18.53 0.43 -30.64
N ALA D 346 -17.27 0.28 -30.24
CA ALA D 346 -16.87 0.45 -28.83
C ALA D 346 -17.14 1.79 -28.20
N ILE D 347 -17.27 2.85 -28.98
CA ILE D 347 -17.68 4.15 -28.36
C ILE D 347 -18.99 3.94 -27.59
N ALA D 348 -19.90 3.18 -28.18
CA ALA D 348 -21.20 2.87 -27.55
C ALA D 348 -21.09 1.60 -26.70
N LEU D 349 -20.39 0.57 -27.20
CA LEU D 349 -20.46 -0.75 -26.58
C LEU D 349 -19.43 -0.99 -25.46
N GLY D 350 -18.33 -0.26 -25.51
CA GLY D 350 -17.26 -0.40 -24.50
C GLY D 350 -16.07 -1.17 -25.02
N HIS D 351 -15.01 -1.18 -24.21
CA HIS D 351 -13.69 -1.69 -24.62
C HIS D 351 -12.97 -2.42 -23.49
N PRO D 352 -13.48 -3.59 -23.11
CA PRO D 352 -12.80 -4.42 -22.17
C PRO D 352 -11.55 -4.96 -22.85
N ILE D 353 -10.41 -4.31 -22.54
CA ILE D 353 -9.28 -4.34 -23.45
C ILE D 353 -8.80 -5.77 -23.86
N GLY D 354 -8.61 -6.70 -22.95
CA GLY D 354 -8.13 -8.05 -23.35
C GLY D 354 -9.17 -8.89 -24.06
N ALA D 355 -10.44 -8.49 -23.98
CA ALA D 355 -11.51 -9.24 -24.61
C ALA D 355 -11.88 -8.67 -25.95
N SER D 356 -11.62 -7.35 -26.18
CA SER D 356 -12.25 -6.64 -27.32
C SER D 356 -11.94 -7.28 -28.67
N GLY D 357 -10.72 -7.77 -28.84
CA GLY D 357 -10.39 -8.37 -30.11
C GLY D 357 -11.22 -9.59 -30.48
N ALA D 358 -11.52 -10.43 -29.48
CA ALA D 358 -12.37 -11.55 -29.68
C ALA D 358 -13.84 -11.06 -29.79
N ARG D 359 -14.16 -10.03 -28.99
CA ARG D 359 -15.53 -9.49 -28.93
CA ARG D 359 -15.52 -9.52 -28.92
C ARG D 359 -15.96 -9.02 -30.31
N ILE D 360 -15.12 -8.22 -30.99
CA ILE D 360 -15.48 -7.77 -32.30
C ILE D 360 -15.58 -8.88 -33.33
N LEU D 361 -14.75 -9.95 -33.22
CA LEU D 361 -14.87 -11.09 -34.08
C LEU D 361 -16.23 -11.84 -33.93
N VAL D 362 -16.66 -12.01 -32.67
CA VAL D 362 -17.98 -12.59 -32.36
C VAL D 362 -19.05 -11.75 -33.04
N THR D 363 -18.98 -10.44 -32.82
CA THR D 363 -19.99 -9.51 -33.35
C THR D 363 -19.99 -9.54 -34.88
N LEU D 364 -18.79 -9.54 -35.45
CA LEU D 364 -18.62 -9.67 -36.89
C LEU D 364 -19.31 -10.88 -37.46
N LEU D 365 -18.97 -12.05 -36.94
CA LEU D 365 -19.55 -13.28 -37.47
C LEU D 365 -21.10 -13.29 -37.36
N HIS D 366 -21.63 -12.89 -36.22
CA HIS D 366 -23.08 -12.86 -36.08
C HIS D 366 -23.75 -11.86 -37.03
N ALA D 367 -23.10 -10.72 -37.22
CA ALA D 367 -23.63 -9.73 -38.15
C ALA D 367 -23.60 -10.25 -39.57
N MET D 368 -22.53 -10.99 -39.91
CA MET D 368 -22.50 -11.65 -41.23
C MET D 368 -23.62 -12.65 -41.43
N GLN D 369 -23.90 -13.43 -40.38
CA GLN D 369 -24.96 -14.45 -40.39
C GLN D 369 -26.31 -13.82 -40.56
N ALA D 370 -26.52 -12.77 -39.77
CA ALA D 370 -27.81 -12.06 -39.81
C ALA D 370 -28.09 -11.39 -41.15
N ARG D 371 -27.01 -10.88 -41.79
CA ARG D 371 -27.11 -10.13 -43.06
CA ARG D 371 -27.11 -10.10 -42.99
C ARG D 371 -26.73 -10.92 -44.27
N ASP D 372 -26.53 -12.23 -44.10
CA ASP D 372 -26.09 -13.12 -45.19
C ASP D 372 -24.92 -12.56 -46.01
N LYS D 373 -23.79 -12.29 -45.36
CA LYS D 373 -22.62 -11.77 -46.02
C LYS D 373 -21.48 -12.83 -46.00
N THR D 374 -20.61 -12.78 -46.99
CA THR D 374 -19.63 -13.83 -47.17
C THR D 374 -18.29 -13.55 -46.55
N LEU D 375 -17.74 -12.36 -46.76
CA LEU D 375 -16.38 -12.05 -46.24
C LEU D 375 -16.39 -10.92 -45.19
N GLY D 376 -15.58 -11.11 -44.16
CA GLY D 376 -15.50 -10.21 -43.03
C GLY D 376 -14.09 -9.92 -42.64
N LEU D 377 -13.85 -8.70 -42.15
CA LEU D 377 -12.58 -8.23 -41.62
C LEU D 377 -12.79 -7.71 -40.23
N ALA D 378 -11.96 -8.16 -39.29
CA ALA D 378 -11.91 -7.60 -37.94
C ALA D 378 -10.53 -7.03 -37.69
N THR D 379 -10.46 -5.79 -37.21
CA THR D 379 -9.15 -5.20 -36.91
C THR D 379 -9.22 -4.23 -35.72
N LEU D 380 -8.11 -4.12 -34.99
CA LEU D 380 -7.98 -3.19 -33.88
C LEU D 380 -6.61 -2.60 -33.82
N CYS D 381 -6.55 -1.39 -33.29
CA CYS D 381 -5.32 -0.77 -32.90
C CYS D 381 -4.88 -1.23 -31.53
N ILE D 382 -3.60 -1.11 -31.25
CA ILE D 382 -2.97 -1.74 -30.10
C ILE D 382 -1.97 -0.76 -29.52
N GLY D 383 -2.14 -0.46 -28.25
CA GLY D 383 -1.21 0.37 -27.53
C GLY D 383 0.21 -0.16 -27.68
N GLY D 384 1.13 0.74 -27.88
CA GLY D 384 2.51 0.37 -28.17
C GLY D 384 2.85 0.46 -29.62
N GLY D 385 1.88 0.84 -30.44
CA GLY D 385 2.09 0.96 -31.87
C GLY D 385 1.93 -0.29 -32.66
N GLN D 386 0.81 -1.01 -32.47
CA GLN D 386 0.59 -2.20 -33.22
C GLN D 386 -0.89 -2.29 -33.69
N GLY D 387 -1.15 -3.24 -34.56
CA GLY D 387 -2.49 -3.53 -35.04
C GLY D 387 -2.57 -4.99 -35.35
N ILE D 388 -3.80 -5.49 -35.41
CA ILE D 388 -3.99 -6.90 -35.74
C ILE D 388 -5.24 -6.97 -36.58
N ALA D 389 -5.30 -7.93 -37.50
CA ALA D 389 -6.45 -8.06 -38.39
C ALA D 389 -6.70 -9.52 -38.67
N MET D 390 -7.96 -9.85 -38.95
CA MET D 390 -8.34 -11.17 -39.32
C MET D 390 -9.42 -11.12 -40.37
N VAL D 391 -9.33 -12.01 -41.32
CA VAL D 391 -10.36 -12.15 -42.39
C VAL D 391 -10.99 -13.50 -42.24
N ILE D 392 -12.32 -13.52 -42.24
CA ILE D 392 -13.08 -14.77 -42.16
C ILE D 392 -14.08 -14.84 -43.31
N GLU D 393 -14.46 -16.07 -43.60
CA GLU D 393 -15.43 -16.37 -44.69
C GLU D 393 -16.55 -17.26 -44.15
N ARG D 394 -17.79 -16.74 -44.20
CA ARG D 394 -19.00 -17.48 -43.74
C ARG D 394 -19.23 -18.49 -44.84
N LEU D 395 -19.65 -19.74 -44.68
CA LEU D 395 -19.96 -20.52 -43.53
C LEU D 395 -19.30 -21.91 -43.84
#